data_2C9T
#
_entry.id   2C9T
#
_cell.length_a   113.211
_cell.length_b   123.131
_cell.length_c   118.749
_cell.angle_alpha   90.00
_cell.angle_beta   117.47
_cell.angle_gamma   90.00
#
_symmetry.space_group_name_H-M   'P 1 21 1'
#
loop_
_entity.id
_entity.type
_entity.pdbx_description
1 polymer 'SOLUBLE ACETYLCHOLINE RECEPTOR'
2 polymer 'ALPHA-CONOTOXIN IMI'
3 water water
#
loop_
_entity_poly.entity_id
_entity_poly.type
_entity_poly.pdbx_seq_one_letter_code
_entity_poly.pdbx_strand_id
1 'polypeptide(L)'
;QANLMRLKSDLFNRSPMYPGPTKDDPLTVTLGFTLQDIVKVDSSTNEVDLVYYEQQRWKLNSLMWDPNEYGNITDFRTSA
ADIWTPDITAYSSTRPVQVLSPQIAVVTHDGSVMFIPAQRLSFMCDPTGVDSEEGVTCAVKFGSWVYSGFEIDLKTDTDQ
VDLSSYYASSKYEILSATQTRQVQHYSCCPEPYIDVNLVVKFRERRAGNGFFRNLFD
;
A,B,C,D,E,F,G,H,I,J
2 'polypeptide(L)' GCCSDPRCAWRC(NH2) K,M,O,P,Q,R,S,T
#
loop_
_chem_comp.id
_chem_comp.type
_chem_comp.name
_chem_comp.formula
NH2 non-polymer 'AMINO GROUP' 'H2 N'
#
# COMPACT_ATOMS: atom_id res chain seq x y z
N GLN A 1 21.84 -14.64 11.54
CA GLN A 1 20.98 -13.46 11.43
C GLN A 1 19.56 -13.86 10.95
N ALA A 2 19.48 -14.96 10.20
CA ALA A 2 18.23 -15.51 9.62
C ALA A 2 17.14 -15.87 10.65
N ASN A 3 17.51 -16.67 11.63
CA ASN A 3 16.57 -17.09 12.64
C ASN A 3 16.05 -15.91 13.43
N LEU A 4 16.93 -14.96 13.72
CA LEU A 4 16.58 -13.80 14.55
C LEU A 4 15.63 -12.83 13.79
N MET A 5 15.90 -12.70 12.51
CA MET A 5 15.06 -11.95 11.61
C MET A 5 13.63 -12.52 11.56
N ARG A 6 13.49 -13.84 11.41
CA ARG A 6 12.17 -14.50 11.51
C ARG A 6 11.47 -14.26 12.86
N LEU A 7 12.22 -14.39 13.96
CA LEU A 7 11.69 -14.22 15.28
C LEU A 7 11.10 -12.82 15.47
N LYS A 8 11.86 -11.82 15.09
CA LYS A 8 11.44 -10.44 15.21
C LYS A 8 10.30 -10.15 14.24
N SER A 9 10.36 -10.68 13.03
CA SER A 9 9.24 -10.57 12.10
C SER A 9 7.96 -11.20 12.71
N ASP A 10 8.11 -12.43 13.23
CA ASP A 10 7.00 -13.10 13.91
C ASP A 10 6.49 -12.35 15.17
N LEU A 11 7.38 -11.88 16.04
CA LEU A 11 6.91 -11.24 17.28
C LEU A 11 6.27 -9.86 17.02
N PHE A 12 6.78 -9.14 16.03
CA PHE A 12 6.45 -7.73 15.86
C PHE A 12 5.57 -7.40 14.68
N ASN A 13 5.66 -8.16 13.58
CA ASN A 13 4.94 -7.81 12.34
C ASN A 13 3.61 -8.53 12.10
N ARG A 14 3.19 -9.43 12.99
CA ARG A 14 1.98 -10.28 12.72
C ARG A 14 0.71 -9.80 13.44
N SER A 15 0.90 -9.09 14.56
CA SER A 15 -0.19 -8.75 15.46
C SER A 15 -0.03 -7.30 15.87
N PRO A 16 -1.12 -6.66 16.33
CA PRO A 16 -1.02 -5.25 16.76
C PRO A 16 -0.25 -5.21 18.06
N MET A 17 0.34 -4.06 18.41
CA MET A 17 1.11 -4.01 19.65
C MET A 17 0.19 -4.31 20.85
N TYR A 18 0.84 -4.80 21.90
CA TYR A 18 0.25 -4.94 23.21
C TYR A 18 -0.40 -3.60 23.53
N PRO A 19 -1.69 -3.61 23.93
CA PRO A 19 -2.34 -2.34 24.20
C PRO A 19 -2.09 -1.87 25.64
N GLY A 20 -1.08 -2.45 26.29
CA GLY A 20 -0.90 -2.25 27.73
C GLY A 20 -1.83 -3.06 28.63
N PRO A 21 -1.47 -3.15 29.92
CA PRO A 21 -2.24 -3.99 30.82
C PRO A 21 -3.61 -3.40 31.19
N THR A 22 -4.47 -4.26 31.73
CA THR A 22 -5.77 -3.89 32.24
C THR A 22 -5.91 -4.57 33.59
N LYS A 23 -6.98 -4.30 34.31
CA LYS A 23 -7.29 -5.04 35.53
C LYS A 23 -7.55 -6.53 35.25
N ASP A 24 -8.11 -6.86 34.08
CA ASP A 24 -8.21 -8.23 33.61
C ASP A 24 -6.85 -8.90 33.25
N ASP A 25 -5.85 -8.12 32.84
CA ASP A 25 -4.54 -8.66 32.49
C ASP A 25 -3.49 -7.76 33.07
N PRO A 26 -3.35 -7.80 34.42
CA PRO A 26 -2.40 -6.94 35.11
C PRO A 26 -0.98 -7.40 34.88
N LEU A 27 -0.06 -6.54 35.19
CA LEU A 27 1.34 -6.75 34.91
C LEU A 27 2.16 -6.25 36.10
N THR A 28 3.28 -6.92 36.37
CA THR A 28 4.22 -6.46 37.39
C THR A 28 5.41 -5.92 36.70
N VAL A 29 5.80 -4.73 37.13
CA VAL A 29 7.04 -4.06 36.72
C VAL A 29 7.92 -3.99 37.94
N THR A 30 9.15 -4.45 37.77
CA THR A 30 10.17 -4.39 38.77
C THR A 30 11.13 -3.26 38.39
N LEU A 31 11.36 -2.38 39.33
CA LEU A 31 12.11 -1.18 39.16
C LEU A 31 13.29 -1.17 40.10
N GLY A 32 14.46 -0.77 39.62
CA GLY A 32 15.59 -0.51 40.50
C GLY A 32 16.47 0.57 39.94
N PHE A 33 17.35 1.15 40.76
CA PHE A 33 18.24 2.22 40.40
C PHE A 33 19.72 1.89 40.69
N THR A 34 20.57 2.28 39.75
CA THR A 34 22.00 2.32 39.93
C THR A 34 22.43 3.80 39.83
N LEU A 35 22.78 4.37 40.98
CA LEU A 35 23.11 5.81 41.04
C LEU A 35 24.58 6.02 40.63
N GLN A 36 24.78 6.78 39.56
CA GLN A 36 26.12 7.08 39.06
C GLN A 36 26.66 8.38 39.66
N ASP A 37 25.83 9.39 39.87
CA ASP A 37 26.32 10.71 40.27
C ASP A 37 25.21 11.65 40.70
N ILE A 38 25.44 12.40 41.78
CA ILE A 38 24.71 13.62 42.06
C ILE A 38 25.55 14.72 41.44
N VAL A 39 25.08 15.28 40.35
CA VAL A 39 25.93 16.18 39.59
C VAL A 39 25.83 17.61 40.00
N LYS A 40 24.65 18.07 40.40
CA LYS A 40 24.39 19.47 40.64
C LYS A 40 23.37 19.64 41.77
N VAL A 41 23.57 20.70 42.52
CA VAL A 41 22.64 21.11 43.56
C VAL A 41 22.36 22.61 43.32
N ASP A 42 21.12 23.05 43.42
CA ASP A 42 20.82 24.46 43.13
C ASP A 42 19.98 25.00 44.27
N SER A 43 20.63 25.82 45.13
CA SER A 43 19.99 26.36 46.33
C SER A 43 19.14 27.60 46.05
N SER A 44 19.28 28.18 44.85
CA SER A 44 18.40 29.28 44.44
C SER A 44 17.04 28.77 43.89
N THR A 45 16.98 27.48 43.50
CA THR A 45 15.76 26.88 42.93
C THR A 45 15.25 25.65 43.69
N ASN A 46 16.02 25.15 44.64
CA ASN A 46 15.75 23.88 45.28
C ASN A 46 15.51 22.73 44.26
N GLU A 47 16.46 22.63 43.32
CA GLU A 47 16.58 21.51 42.38
C GLU A 47 17.92 20.78 42.59
N VAL A 48 17.85 19.45 42.50
CA VAL A 48 19.03 18.56 42.49
C VAL A 48 19.05 17.69 41.22
N ASP A 49 20.22 17.52 40.62
CA ASP A 49 20.37 16.71 39.40
C ASP A 49 21.10 15.38 39.65
N LEU A 50 20.42 14.26 39.37
CA LEU A 50 20.95 12.90 39.46
C LEU A 50 21.26 12.32 38.10
N VAL A 51 22.27 11.47 38.02
CA VAL A 51 22.56 10.63 36.88
C VAL A 51 22.50 9.18 37.41
N TYR A 52 21.62 8.39 36.80
CA TYR A 52 21.41 6.99 37.19
C TYR A 52 21.01 6.12 35.99
N TYR A 53 21.12 4.81 36.18
CA TYR A 53 20.46 3.83 35.30
C TYR A 53 19.18 3.33 36.02
N GLU A 54 18.07 3.38 35.30
CA GLU A 54 16.78 2.92 35.80
C GLU A 54 16.49 1.57 35.18
N GLN A 55 16.74 0.52 35.96
CA GLN A 55 16.41 -0.85 35.60
C GLN A 55 14.90 -1.06 35.59
N GLN A 56 14.40 -1.65 34.52
CA GLN A 56 12.96 -2.00 34.39
C GLN A 56 12.80 -3.40 33.80
N ARG A 57 11.92 -4.15 34.41
CA ARG A 57 11.67 -5.51 34.02
C ARG A 57 10.19 -5.78 34.13
N TRP A 58 9.65 -6.49 33.16
CA TRP A 58 8.24 -6.92 33.13
C TRP A 58 8.18 -8.13 32.17
N LYS A 59 7.02 -8.77 32.07
CA LYS A 59 6.93 -9.98 31.24
C LYS A 59 5.62 -9.98 30.46
N LEU A 60 5.72 -10.26 29.15
CA LEU A 60 4.60 -10.29 28.22
C LEU A 60 4.43 -11.68 27.57
N ASN A 61 3.24 -12.25 27.66
CA ASN A 61 2.91 -13.49 26.95
C ASN A 61 3.05 -13.37 25.47
N SER A 62 2.71 -12.20 24.94
CA SER A 62 2.85 -11.92 23.52
C SER A 62 4.33 -11.87 23.05
N LEU A 63 5.27 -11.89 24.00
CA LEU A 63 6.69 -11.86 23.65
C LEU A 63 7.39 -13.19 23.85
N MET A 64 6.63 -14.23 24.19
CA MET A 64 7.20 -15.56 24.42
C MET A 64 7.43 -16.28 23.12
N TRP A 65 8.45 -17.14 23.09
CA TRP A 65 8.61 -18.07 22.01
C TRP A 65 9.26 -19.31 22.51
N ASP A 66 9.05 -20.39 21.77
CA ASP A 66 9.80 -21.62 21.92
C ASP A 66 11.14 -21.48 21.18
N PRO A 67 12.28 -21.49 21.91
CA PRO A 67 13.60 -21.40 21.29
C PRO A 67 13.91 -22.43 20.17
N ASN A 68 13.30 -23.61 20.28
CA ASN A 68 13.49 -24.71 19.32
C ASN A 68 12.88 -24.39 17.96
N GLU A 69 11.81 -23.61 17.95
CA GLU A 69 11.26 -23.06 16.71
C GLU A 69 12.13 -22.00 16.02
N TYR A 70 13.15 -21.46 16.72
CA TYR A 70 14.00 -20.36 16.22
C TYR A 70 15.50 -20.54 16.44
N GLY A 71 16.01 -21.71 16.10
CA GLY A 71 17.45 -21.98 16.08
C GLY A 71 18.12 -21.78 17.42
N ASN A 72 17.39 -22.16 18.48
CA ASN A 72 17.84 -22.07 19.87
C ASN A 72 18.08 -20.67 20.43
N ILE A 73 17.56 -19.63 19.78
CA ILE A 73 17.63 -18.25 20.31
C ILE A 73 16.92 -18.21 21.66
N THR A 74 17.59 -17.72 22.70
CA THR A 74 16.99 -17.61 24.03
C THR A 74 16.67 -16.18 24.40
N ASP A 75 17.35 -15.24 23.75
CA ASP A 75 17.19 -13.84 23.99
C ASP A 75 17.73 -13.03 22.82
N PHE A 76 17.22 -11.80 22.66
CA PHE A 76 17.74 -10.83 21.68
C PHE A 76 17.60 -9.40 22.16
N ARG A 77 18.28 -8.52 21.45
CA ARG A 77 18.23 -7.11 21.74
C ARG A 77 17.50 -6.36 20.64
N THR A 78 16.66 -5.40 21.04
CA THR A 78 15.93 -4.62 20.08
C THR A 78 15.60 -3.22 20.59
N SER A 79 15.37 -2.30 19.66
CA SER A 79 14.95 -0.93 19.96
C SER A 79 13.69 -0.92 20.82
N ALA A 80 13.72 -0.11 21.89
CA ALA A 80 12.60 0.03 22.81
C ALA A 80 11.32 0.59 22.14
N ALA A 81 11.50 1.22 20.99
CA ALA A 81 10.40 1.58 20.09
C ALA A 81 9.60 0.37 19.53
N ASP A 82 10.22 -0.81 19.45
CA ASP A 82 9.57 -2.01 18.89
C ASP A 82 8.59 -2.69 19.85
N ILE A 83 8.61 -2.27 21.11
CA ILE A 83 7.79 -2.88 22.14
C ILE A 83 7.06 -1.85 22.97
N TRP A 84 6.04 -2.34 23.65
CA TRP A 84 5.38 -1.63 24.72
C TRP A 84 6.38 -1.46 25.88
N THR A 85 6.40 -0.24 26.42
CA THR A 85 7.11 0.06 27.62
C THR A 85 6.23 0.75 28.63
N PRO A 86 6.49 0.50 29.91
CA PRO A 86 5.70 1.12 30.97
C PRO A 86 5.97 2.64 31.17
N ASP A 87 4.94 3.32 31.61
CA ASP A 87 4.95 4.79 31.70
C ASP A 87 5.47 5.26 33.07
N ILE A 88 6.67 4.76 33.42
CA ILE A 88 7.26 4.99 34.76
C ILE A 88 7.87 6.38 34.78
N THR A 89 7.36 7.20 35.69
CA THR A 89 7.63 8.63 35.72
C THR A 89 8.06 9.02 37.12
N ALA A 90 9.01 9.95 37.20
CA ALA A 90 9.35 10.68 38.42
C ALA A 90 8.23 11.63 38.68
N TYR A 91 7.70 11.63 39.90
CA TYR A 91 6.58 12.50 40.20
C TYR A 91 6.95 13.94 40.57
N SER A 92 8.22 14.22 40.80
CA SER A 92 8.63 15.58 41.20
C SER A 92 9.86 16.04 40.44
N SER A 93 10.01 15.54 39.22
CA SER A 93 10.80 16.21 38.20
C SER A 93 10.36 17.68 38.01
N THR A 94 11.34 18.49 37.62
CA THR A 94 11.17 19.88 37.37
C THR A 94 11.57 20.18 35.93
N ARG A 95 12.18 19.21 35.24
CA ARG A 95 12.50 19.33 33.81
C ARG A 95 12.31 17.98 33.15
N PRO A 96 12.12 17.94 31.79
CA PRO A 96 12.12 16.63 31.12
C PRO A 96 13.39 15.86 31.40
N VAL A 97 13.21 14.59 31.71
CA VAL A 97 14.28 13.64 31.81
C VAL A 97 15.14 13.67 30.54
N GLN A 98 16.46 13.64 30.73
CA GLN A 98 17.40 13.60 29.60
C GLN A 98 17.95 12.19 29.49
N VAL A 99 17.87 11.63 28.30
CA VAL A 99 18.19 10.25 28.08
C VAL A 99 19.63 10.22 27.66
N LEU A 100 20.39 9.33 28.29
CA LEU A 100 21.83 9.33 28.15
C LEU A 100 22.37 8.10 27.47
N SER A 101 21.56 7.06 27.27
CA SER A 101 22.01 5.84 26.63
C SER A 101 21.11 5.50 25.44
N PRO A 102 21.57 4.55 24.59
CA PRO A 102 20.71 3.91 23.58
C PRO A 102 19.41 3.45 24.22
N GLN A 103 18.32 3.44 23.48
CA GLN A 103 17.04 2.96 24.02
C GLN A 103 16.79 1.58 23.39
N ILE A 104 17.30 0.54 24.05
CA ILE A 104 17.36 -0.81 23.52
C ILE A 104 17.06 -1.69 24.70
N ALA A 105 16.24 -2.67 24.46
CA ALA A 105 15.79 -3.57 25.49
C ALA A 105 16.21 -5.00 25.09
N VAL A 106 16.32 -5.86 26.11
CA VAL A 106 16.62 -7.28 25.93
C VAL A 106 15.34 -8.05 26.15
N VAL A 107 15.03 -8.93 25.20
CA VAL A 107 13.89 -9.84 25.28
C VAL A 107 14.34 -11.30 25.39
N THR A 108 13.67 -11.97 26.30
CA THR A 108 13.96 -13.31 26.67
C THR A 108 12.80 -14.21 26.24
N HIS A 109 13.11 -15.47 25.95
CA HIS A 109 12.09 -16.34 25.35
C HIS A 109 10.83 -16.55 26.21
N ASP A 110 10.92 -16.37 27.52
CA ASP A 110 9.72 -16.49 28.37
C ASP A 110 8.86 -15.24 28.38
N GLY A 111 9.26 -14.23 27.61
CA GLY A 111 8.47 -13.03 27.45
C GLY A 111 8.91 -11.89 28.37
N SER A 112 10.05 -12.06 29.07
CA SER A 112 10.57 -11.03 29.98
C SER A 112 11.31 -10.01 29.17
N VAL A 113 11.15 -8.76 29.56
CA VAL A 113 11.88 -7.64 28.99
C VAL A 113 12.67 -6.97 30.09
N MET A 114 13.90 -6.56 29.76
CA MET A 114 14.81 -5.80 30.65
C MET A 114 15.30 -4.59 29.85
N PHE A 115 15.00 -3.42 30.39
CA PHE A 115 15.27 -2.15 29.78
C PHE A 115 15.91 -1.27 30.84
N ILE A 116 17.08 -0.73 30.54
CA ILE A 116 17.89 0.02 31.53
C ILE A 116 18.33 1.33 30.91
N PRO A 117 17.42 2.29 30.75
CA PRO A 117 17.96 3.54 30.26
C PRO A 117 18.78 4.34 31.29
N ALA A 118 19.87 4.95 30.79
CA ALA A 118 20.55 5.97 31.55
C ALA A 118 19.82 7.31 31.45
N GLN A 119 19.67 7.94 32.62
CA GLN A 119 18.93 9.20 32.73
C GLN A 119 19.62 10.27 33.59
N ARG A 120 19.38 11.51 33.20
CA ARG A 120 19.65 12.64 34.04
C ARG A 120 18.31 13.30 34.42
N LEU A 121 18.07 13.36 35.73
CA LEU A 121 16.89 13.93 36.34
C LEU A 121 17.21 15.20 37.18
N SER A 122 16.49 16.27 36.90
CA SER A 122 16.29 17.38 37.85
C SER A 122 14.98 17.18 38.61
N PHE A 123 15.10 17.14 39.93
CA PHE A 123 13.93 17.02 40.78
C PHE A 123 13.96 17.98 41.96
N MET A 124 12.78 18.17 42.53
CA MET A 124 12.55 19.06 43.70
C MET A 124 13.25 18.60 44.99
N CYS A 125 14.26 19.35 45.40
CA CYS A 125 15.05 19.04 46.58
C CYS A 125 15.66 20.31 47.18
N ASP A 126 15.29 20.58 48.43
CA ASP A 126 15.91 21.63 49.21
C ASP A 126 17.24 21.12 49.73
N PRO A 127 18.34 21.67 49.20
CA PRO A 127 19.63 21.12 49.56
C PRO A 127 20.29 21.73 50.82
N THR A 128 19.54 22.51 51.60
CA THR A 128 20.10 23.13 52.82
C THR A 128 20.70 22.09 53.79
N GLY A 129 21.98 22.27 54.15
CA GLY A 129 22.67 21.35 55.07
C GLY A 129 23.50 20.26 54.40
N VAL A 130 23.57 20.31 53.07
CA VAL A 130 24.40 19.42 52.24
C VAL A 130 25.89 19.62 52.60
N ASP A 131 26.20 20.87 52.90
CA ASP A 131 27.56 21.32 53.17
C ASP A 131 28.05 20.97 54.61
N SER A 132 27.27 20.17 55.35
CA SER A 132 27.59 19.80 56.72
C SER A 132 28.02 18.35 56.75
N GLU A 133 28.35 17.88 57.96
CA GLU A 133 28.68 16.48 58.19
C GLU A 133 27.47 15.58 58.16
N GLU A 134 26.31 16.09 58.56
CA GLU A 134 25.10 15.26 58.61
C GLU A 134 24.50 15.09 57.20
N GLY A 135 24.75 16.06 56.33
CA GLY A 135 24.29 16.00 54.95
C GLY A 135 22.83 16.40 54.82
N VAL A 136 22.24 16.07 53.68
CA VAL A 136 20.82 16.31 53.49
C VAL A 136 20.15 15.12 52.82
N THR A 137 18.89 14.92 53.16
CA THR A 137 18.08 13.86 52.60
C THR A 137 17.13 14.39 51.56
N CYS A 138 17.16 13.76 50.40
CA CYS A 138 16.19 14.03 49.36
C CYS A 138 15.59 12.77 48.79
N ALA A 139 14.40 12.97 48.20
CA ALA A 139 13.47 11.92 47.79
C ALA A 139 12.67 12.29 46.52
N VAL A 140 12.48 11.29 45.68
CA VAL A 140 11.60 11.41 44.52
C VAL A 140 10.84 10.09 44.33
N LYS A 141 9.52 10.18 44.23
CA LYS A 141 8.70 8.99 43.93
C LYS A 141 8.57 8.75 42.41
N PHE A 142 8.61 7.48 42.05
CA PHE A 142 8.47 6.99 40.72
C PHE A 142 7.24 6.11 40.65
N GLY A 143 6.51 6.24 39.55
CA GLY A 143 5.36 5.39 39.31
C GLY A 143 4.76 5.59 37.92
N SER A 144 3.77 4.75 37.63
CA SER A 144 2.95 4.91 36.46
C SER A 144 2.28 6.27 36.49
N TRP A 145 1.95 6.79 35.32
CA TRP A 145 1.23 8.05 35.24
C TRP A 145 -0.26 7.79 35.19
N VAL A 146 -0.65 6.66 34.62
CA VAL A 146 -2.10 6.37 34.40
C VAL A 146 -2.66 5.06 34.89
N TYR A 147 -1.81 4.15 35.34
CA TYR A 147 -2.24 2.81 35.82
C TYR A 147 -2.22 2.70 37.36
N SER A 148 -3.34 2.26 37.93
CA SER A 148 -3.39 1.86 39.32
C SER A 148 -2.58 0.58 39.54
N GLY A 149 -2.48 0.17 40.80
CA GLY A 149 -1.78 -1.07 41.17
C GLY A 149 -2.56 -2.34 40.88
N PHE A 150 -3.79 -2.20 40.39
CA PHE A 150 -4.53 -3.34 39.85
C PHE A 150 -4.21 -3.58 38.36
N GLU A 151 -3.43 -2.70 37.75
CA GLU A 151 -3.02 -2.81 36.34
C GLU A 151 -1.51 -2.96 36.17
N ILE A 152 -0.78 -2.09 36.86
CA ILE A 152 0.67 -2.24 37.02
C ILE A 152 1.04 -2.34 38.52
N ASP A 153 1.47 -3.52 38.93
CA ASP A 153 2.09 -3.70 40.24
C ASP A 153 3.57 -3.36 40.13
N LEU A 154 4.01 -2.35 40.86
CA LEU A 154 5.42 -2.00 40.92
C LEU A 154 6.08 -2.64 42.12
N LYS A 155 7.28 -3.17 41.93
CA LYS A 155 8.12 -3.68 43.01
C LYS A 155 9.62 -3.47 42.75
N THR A 156 10.39 -3.65 43.80
CA THR A 156 11.85 -3.70 43.74
C THR A 156 12.33 -5.12 44.03
N ASP A 157 13.55 -5.44 43.60
CA ASP A 157 14.17 -6.71 43.97
C ASP A 157 14.97 -6.59 45.27
N THR A 158 15.33 -5.38 45.65
CA THR A 158 16.11 -5.07 46.87
C THR A 158 15.82 -3.60 47.13
N ASP A 159 15.89 -3.17 48.41
CA ASP A 159 15.72 -1.75 48.73
C ASP A 159 17.05 -0.97 48.69
N GLN A 160 18.12 -1.66 48.34
CA GLN A 160 19.43 -1.05 48.20
C GLN A 160 19.58 -0.56 46.78
N VAL A 161 19.73 0.76 46.67
CA VAL A 161 20.16 1.40 45.46
C VAL A 161 21.59 0.94 45.23
N ASP A 162 21.90 0.60 43.98
CA ASP A 162 23.24 0.14 43.62
C ASP A 162 24.19 1.32 43.52
N LEU A 163 25.25 1.29 44.32
CA LEU A 163 26.27 2.34 44.34
C LEU A 163 27.61 1.86 43.81
N SER A 164 27.64 0.67 43.22
CA SER A 164 28.91 0.12 42.77
C SER A 164 29.58 0.95 41.65
N SER A 165 28.78 1.64 40.81
CA SER A 165 29.33 2.57 39.82
C SER A 165 29.25 4.07 40.18
N TYR A 166 28.90 4.42 41.41
CA TYR A 166 28.86 5.84 41.79
C TYR A 166 30.22 6.53 41.62
N TYR A 167 30.22 7.69 40.96
CA TYR A 167 31.47 8.40 40.71
C TYR A 167 32.22 8.72 42.01
N ALA A 168 33.44 8.20 42.10
CA ALA A 168 34.30 8.34 43.27
C ALA A 168 34.85 9.76 43.48
N SER A 169 34.92 10.58 42.42
CA SER A 169 35.34 11.98 42.62
C SER A 169 34.22 12.97 42.45
N SER A 170 32.97 12.55 42.69
CA SER A 170 31.81 13.45 42.67
C SER A 170 31.93 14.56 43.71
N LYS A 171 31.25 15.68 43.50
CA LYS A 171 31.17 16.70 44.54
C LYS A 171 30.42 16.23 45.78
N TYR A 172 29.56 15.21 45.63
CA TYR A 172 28.71 14.76 46.73
C TYR A 172 28.96 13.31 47.02
N GLU A 173 29.13 12.98 48.32
CA GLU A 173 29.29 11.57 48.72
C GLU A 173 27.96 11.07 49.16
N ILE A 174 27.75 9.77 48.95
CA ILE A 174 26.47 9.16 49.30
C ILE A 174 26.52 8.58 50.74
N LEU A 175 25.60 9.03 51.57
CA LEU A 175 25.45 8.53 52.91
C LEU A 175 24.48 7.33 52.99
N SER A 176 23.37 7.41 52.27
CA SER A 176 22.55 6.23 51.96
C SER A 176 21.66 6.52 50.75
N ALA A 177 21.36 5.46 50.04
CA ALA A 177 20.53 5.49 48.88
C ALA A 177 19.65 4.24 48.98
N THR A 178 18.36 4.46 49.12
CA THR A 178 17.43 3.35 49.12
C THR A 178 16.29 3.62 48.12
N GLN A 179 15.63 2.52 47.80
CA GLN A 179 14.52 2.45 46.87
C GLN A 179 13.42 1.54 47.46
N THR A 180 12.32 2.14 47.91
CA THR A 180 11.30 1.42 48.67
C THR A 180 9.85 1.57 48.13
N ARG A 181 9.22 0.44 47.87
CA ARG A 181 7.83 0.40 47.44
C ARG A 181 6.92 0.94 48.50
N GLN A 182 6.02 1.83 48.09
CA GLN A 182 4.96 2.39 48.94
C GLN A 182 3.60 2.05 48.37
N VAL A 183 2.62 1.74 49.23
CA VAL A 183 1.22 1.55 48.81
C VAL A 183 0.28 2.58 49.46
N GLN A 184 -0.45 3.34 48.65
CA GLN A 184 -1.58 4.16 49.11
C GLN A 184 -2.93 3.56 48.74
N HIS A 185 -3.86 3.60 49.68
CA HIS A 185 -5.29 3.45 49.42
C HIS A 185 -6.03 4.76 49.66
N TYR A 186 -6.98 5.05 48.77
CA TYR A 186 -7.85 6.19 48.92
C TYR A 186 -9.22 5.60 49.25
N SER A 187 -9.79 6.36 50.07
CA SER A 187 -10.97 5.80 50.73
C SER A 187 -12.12 5.46 49.78
N CYS A 188 -12.08 5.99 48.78
CA CYS A 188 -13.13 5.95 47.78
C CYS A 188 -13.09 4.65 46.96
N CYS A 189 -11.89 4.10 46.81
CA CYS A 189 -11.62 3.17 45.71
C CYS A 189 -10.90 1.92 46.20
N PRO A 190 -11.14 0.74 45.86
CA PRO A 190 -10.42 -0.48 46.29
C PRO A 190 -9.03 -0.69 45.69
N GLU A 191 -8.67 -0.08 44.75
CA GLU A 191 -7.39 -0.34 44.12
C GLU A 191 -6.23 0.38 44.82
N PRO A 192 -5.09 -0.33 44.97
CA PRO A 192 -3.90 0.27 45.56
C PRO A 192 -3.18 1.15 44.54
N TYR A 193 -2.53 2.20 45.04
CA TYR A 193 -1.67 3.07 44.28
C TYR A 193 -0.24 2.93 44.80
N ILE A 194 0.64 2.47 43.92
CA ILE A 194 2.00 2.05 44.26
C ILE A 194 3.04 2.94 43.59
N ASP A 195 4.02 3.36 44.37
CA ASP A 195 5.20 3.96 43.81
C ASP A 195 6.48 3.47 44.51
N VAL A 196 7.62 3.75 43.89
CA VAL A 196 8.90 3.45 44.47
C VAL A 196 9.52 4.79 44.80
N ASN A 197 9.93 4.93 46.07
CA ASN A 197 10.48 6.14 46.63
C ASN A 197 12.01 5.98 46.64
N LEU A 198 12.66 6.86 45.89
CA LEU A 198 14.11 6.93 45.81
C LEU A 198 14.57 7.97 46.83
N VAL A 199 15.23 7.53 47.89
CA VAL A 199 15.65 8.43 48.96
C VAL A 199 17.18 8.44 48.98
N VAL A 200 17.77 9.63 48.88
CA VAL A 200 19.20 9.74 48.90
C VAL A 200 19.57 10.73 49.95
N LYS A 201 20.45 10.31 50.86
CA LYS A 201 21.03 11.20 51.82
C LYS A 201 22.47 11.40 51.38
N PHE A 202 22.92 12.64 51.37
CA PHE A 202 24.21 12.94 50.81
C PHE A 202 24.83 14.21 51.36
N ARG A 203 26.10 14.38 51.12
CA ARG A 203 26.76 15.62 51.52
C ARG A 203 27.91 15.96 50.58
N GLU A 204 28.35 17.21 50.68
CA GLU A 204 29.58 17.66 50.02
C GLU A 204 30.82 16.83 50.41
N ARG A 205 31.64 16.55 49.41
CA ARG A 205 33.03 16.08 49.52
C ARG A 205 33.12 14.59 49.36
N GLN B 1 -5.91 -8.48 26.60
CA GLN B 1 -5.35 -7.79 25.45
C GLN B 1 -6.40 -7.83 24.31
N ALA B 2 -7.03 -8.98 24.09
CA ALA B 2 -7.87 -9.23 22.91
C ALA B 2 -9.05 -8.26 22.82
N ASN B 3 -9.87 -8.20 23.88
CA ASN B 3 -11.01 -7.28 23.87
C ASN B 3 -10.63 -5.82 23.76
N LEU B 4 -9.50 -5.46 24.38
CA LEU B 4 -9.02 -4.08 24.29
C LEU B 4 -8.49 -3.74 22.89
N MET B 5 -7.74 -4.66 22.31
CA MET B 5 -7.18 -4.42 20.96
C MET B 5 -8.27 -4.18 19.93
N ARG B 6 -9.37 -4.92 20.10
CA ARG B 6 -10.55 -4.82 19.27
C ARG B 6 -11.27 -3.48 19.45
N LEU B 7 -11.51 -3.10 20.69
CA LEU B 7 -12.07 -1.79 21.01
C LEU B 7 -11.28 -0.65 20.35
N LYS B 8 -9.97 -0.66 20.51
CA LYS B 8 -9.16 0.45 19.96
C LYS B 8 -9.16 0.43 18.44
N SER B 9 -9.15 -0.76 17.86
CA SER B 9 -9.24 -0.87 16.43
C SER B 9 -10.57 -0.32 15.87
N ASP B 10 -11.68 -0.70 16.52
CA ASP B 10 -13.02 -0.19 16.19
C ASP B 10 -13.12 1.30 16.40
N LEU B 11 -12.59 1.80 17.52
CA LEU B 11 -12.70 3.22 17.84
C LEU B 11 -11.83 4.12 16.99
N PHE B 12 -10.62 3.66 16.66
CA PHE B 12 -9.65 4.54 16.03
C PHE B 12 -9.39 4.28 14.56
N ASN B 13 -9.50 3.03 14.11
CA ASN B 13 -9.13 2.63 12.73
C ASN B 13 -10.29 2.43 11.74
N ARG B 14 -11.49 2.90 12.05
CA ARG B 14 -12.64 2.74 11.13
C ARG B 14 -13.17 4.01 10.41
N SER B 15 -12.72 5.20 10.81
CA SER B 15 -13.23 6.43 10.21
C SER B 15 -12.20 7.49 10.46
N PRO B 16 -12.33 8.65 9.78
CA PRO B 16 -11.31 9.69 9.99
C PRO B 16 -11.24 10.17 11.43
N MET B 17 -10.08 10.72 11.81
CA MET B 17 -9.91 11.34 13.14
C MET B 17 -11.04 12.38 13.35
N TYR B 18 -11.43 12.56 14.60
CA TYR B 18 -12.43 13.56 14.95
C TYR B 18 -11.87 14.92 14.55
N PRO B 19 -12.64 15.72 13.77
CA PRO B 19 -12.10 16.97 13.24
C PRO B 19 -12.10 18.16 14.19
N GLY B 20 -12.29 17.93 15.48
CA GLY B 20 -12.47 18.99 16.44
C GLY B 20 -13.91 19.55 16.49
N PRO B 21 -14.17 20.37 17.53
CA PRO B 21 -15.46 21.00 17.67
C PRO B 21 -15.77 22.08 16.66
N THR B 22 -17.06 22.41 16.57
CA THR B 22 -17.56 23.46 15.72
C THR B 22 -18.72 24.09 16.45
N LYS B 23 -19.26 25.14 15.86
CA LYS B 23 -20.42 25.81 16.39
C LYS B 23 -21.67 24.90 16.44
N ASP B 24 -21.76 23.89 15.57
CA ASP B 24 -22.89 22.96 15.57
C ASP B 24 -22.64 21.72 16.42
N ASP B 25 -21.41 21.54 16.83
CA ASP B 25 -21.00 20.43 17.66
C ASP B 25 -19.99 20.97 18.71
N PRO B 26 -20.43 21.90 19.57
CA PRO B 26 -19.57 22.46 20.62
C PRO B 26 -19.19 21.49 21.74
N LEU B 27 -18.10 21.81 22.45
CA LEU B 27 -17.70 21.00 23.59
C LEU B 27 -17.23 21.85 24.75
N THR B 28 -17.34 21.27 25.93
CA THR B 28 -16.92 21.92 27.14
C THR B 28 -15.65 21.24 27.68
N VAL B 29 -14.61 22.03 27.86
CA VAL B 29 -13.40 21.52 28.48
C VAL B 29 -13.43 21.98 29.94
N THR B 30 -13.32 21.00 30.82
CA THR B 30 -13.12 21.26 32.23
C THR B 30 -11.62 21.28 32.54
N LEU B 31 -11.21 22.38 33.12
CA LEU B 31 -9.81 22.68 33.36
C LEU B 31 -9.56 22.91 34.87
N GLY B 32 -8.51 22.28 35.36
CA GLY B 32 -8.09 22.37 36.79
C GLY B 32 -6.57 22.31 36.94
N PHE B 33 -6.02 22.97 37.95
CA PHE B 33 -4.58 22.97 38.20
C PHE B 33 -4.23 22.39 39.57
N THR B 34 -3.26 21.49 39.58
CA THR B 34 -2.57 20.99 40.75
C THR B 34 -1.14 21.61 40.76
N LEU B 35 -0.93 22.60 41.61
CA LEU B 35 0.32 23.33 41.62
C LEU B 35 1.29 22.54 42.49
N GLN B 36 2.39 22.14 41.87
CA GLN B 36 3.44 21.36 42.52
C GLN B 36 4.63 22.17 43.10
N ASP B 37 5.02 23.24 42.43
CA ASP B 37 6.22 23.95 42.77
C ASP B 37 6.36 25.20 41.96
N ILE B 38 6.72 26.29 42.65
CA ILE B 38 7.33 27.46 42.03
C ILE B 38 8.84 27.23 42.15
N VAL B 39 9.46 27.03 41.00
CA VAL B 39 10.82 26.54 40.92
C VAL B 39 11.77 27.74 41.05
N LYS B 40 11.56 28.73 40.17
CA LYS B 40 12.34 29.90 40.21
C LYS B 40 11.63 31.18 39.80
N VAL B 41 12.27 32.30 40.17
CA VAL B 41 11.91 33.64 39.70
C VAL B 41 13.16 34.30 39.13
N ASP B 42 12.97 35.12 38.11
CA ASP B 42 14.07 35.86 37.51
C ASP B 42 13.69 37.32 37.49
N SER B 43 14.28 38.10 38.40
CA SER B 43 13.96 39.50 38.54
C SER B 43 14.68 40.35 37.52
N SER B 44 15.59 39.80 36.74
CA SER B 44 16.20 40.59 35.68
C SER B 44 15.35 40.54 34.38
N THR B 45 14.46 39.55 34.29
CA THR B 45 13.63 39.33 33.07
C THR B 45 12.15 39.26 33.39
N ASN B 46 11.76 39.31 34.67
CA ASN B 46 10.36 39.17 35.08
C ASN B 46 9.67 37.97 34.43
N GLU B 47 10.29 36.81 34.69
CA GLU B 47 9.71 35.53 34.34
C GLU B 47 9.79 34.69 35.60
N VAL B 48 8.74 33.90 35.79
CA VAL B 48 8.66 32.92 36.86
C VAL B 48 8.31 31.56 36.24
N ASP B 49 8.85 30.52 36.87
CA ASP B 49 8.71 29.15 36.42
C ASP B 49 7.86 28.32 37.39
N LEU B 50 6.79 27.74 36.86
CA LEU B 50 5.92 26.81 37.61
C LEU B 50 5.96 25.37 37.08
N VAL B 51 5.83 24.45 38.02
CA VAL B 51 5.55 23.08 37.75
C VAL B 51 4.14 22.76 38.31
N TYR B 52 3.27 22.33 37.40
CA TYR B 52 1.92 21.90 37.72
C TYR B 52 1.50 20.70 36.85
N TYR B 53 0.44 20.03 37.31
CA TYR B 53 -0.37 19.14 36.52
C TYR B 53 -1.61 19.90 36.09
N GLU B 54 -1.86 19.91 34.78
CA GLU B 54 -3.06 20.51 34.19
C GLU B 54 -4.11 19.43 33.88
N GLN B 55 -5.13 19.34 34.72
CA GLN B 55 -6.22 18.41 34.47
C GLN B 55 -7.15 18.93 33.35
N GLN B 56 -7.43 18.07 32.38
CA GLN B 56 -8.34 18.42 31.26
C GLN B 56 -9.39 17.30 31.08
N ARG B 57 -10.65 17.68 31.03
CA ARG B 57 -11.73 16.72 30.81
C ARG B 57 -12.67 17.26 29.74
N TRP B 58 -13.10 16.37 28.87
CA TRP B 58 -14.13 16.64 27.87
C TRP B 58 -14.75 15.28 27.47
N LYS B 59 -15.75 15.30 26.59
CA LYS B 59 -16.53 14.08 26.21
C LYS B 59 -16.86 14.13 24.73
N LEU B 60 -16.56 13.03 24.03
CA LEU B 60 -16.92 12.84 22.62
C LEU B 60 -17.90 11.66 22.40
N ASN B 61 -19.05 11.95 21.77
CA ASN B 61 -19.90 10.88 21.20
C ASN B 61 -19.10 9.84 20.38
N SER B 62 -18.16 10.29 19.56
CA SER B 62 -17.41 9.39 18.71
C SER B 62 -16.53 8.41 19.52
N LEU B 63 -16.44 8.59 20.84
CA LEU B 63 -15.58 7.74 21.64
C LEU B 63 -16.35 6.83 22.55
N MET B 64 -17.65 6.76 22.39
CA MET B 64 -18.46 5.86 23.25
C MET B 64 -18.58 4.46 22.67
N TRP B 65 -18.64 3.50 23.58
CA TRP B 65 -18.90 2.12 23.24
C TRP B 65 -19.78 1.47 24.29
N ASP B 66 -20.33 0.34 23.89
CA ASP B 66 -21.16 -0.47 24.74
C ASP B 66 -20.21 -1.45 25.38
N PRO B 67 -20.01 -1.36 26.72
CA PRO B 67 -19.05 -2.31 27.32
C PRO B 67 -19.40 -3.76 27.07
N ASN B 68 -20.69 -4.06 26.88
CA ASN B 68 -21.17 -5.43 26.66
C ASN B 68 -20.60 -6.04 25.37
N GLU B 69 -20.27 -5.19 24.40
CA GLU B 69 -19.69 -5.66 23.16
C GLU B 69 -18.18 -5.85 23.20
N TYR B 70 -17.55 -5.40 24.29
CA TYR B 70 -16.11 -5.40 24.42
C TYR B 70 -15.69 -5.96 25.79
N GLY B 71 -16.29 -7.09 26.14
CA GLY B 71 -15.99 -7.81 27.37
C GLY B 71 -16.00 -6.99 28.66
N ASN B 72 -16.96 -6.09 28.79
CA ASN B 72 -17.19 -5.29 30.01
C ASN B 72 -16.04 -4.34 30.39
N ILE B 73 -15.27 -3.92 29.38
CA ILE B 73 -14.30 -2.82 29.47
C ILE B 73 -15.07 -1.55 29.59
N THR B 74 -14.79 -0.80 30.65
CA THR B 74 -15.49 0.46 30.94
C THR B 74 -14.58 1.66 30.70
N ASP B 75 -13.28 1.40 30.55
CA ASP B 75 -12.29 2.47 30.39
C ASP B 75 -10.93 1.93 29.95
N PHE B 76 -10.16 2.76 29.27
CA PHE B 76 -8.81 2.36 28.85
C PHE B 76 -7.93 3.53 28.76
N ARG B 77 -6.65 3.26 28.69
CA ARG B 77 -5.65 4.29 28.48
C ARG B 77 -5.02 4.14 27.14
N THR B 78 -4.70 5.27 26.56
CA THR B 78 -4.05 5.27 25.26
C THR B 78 -3.25 6.54 25.11
N SER B 79 -2.27 6.47 24.25
CA SER B 79 -1.52 7.64 23.83
C SER B 79 -2.44 8.77 23.39
N ALA B 80 -2.08 10.00 23.77
CA ALA B 80 -2.86 11.20 23.44
C ALA B 80 -2.77 11.58 21.97
N ALA B 81 -1.78 11.03 21.29
CA ALA B 81 -1.68 11.07 19.84
C ALA B 81 -2.82 10.32 19.10
N ASP B 82 -3.44 9.34 19.75
CA ASP B 82 -4.53 8.57 19.12
C ASP B 82 -5.87 9.27 19.19
N ILE B 83 -5.95 10.41 19.89
CA ILE B 83 -7.20 11.16 20.05
C ILE B 83 -7.00 12.64 19.79
N TRP B 84 -8.11 13.30 19.46
CA TRP B 84 -8.16 14.73 19.44
C TRP B 84 -7.98 15.22 20.91
N THR B 85 -7.18 16.26 21.06
CA THR B 85 -7.06 16.91 22.34
C THR B 85 -7.22 18.39 22.10
N PRO B 86 -7.70 19.11 23.12
CA PRO B 86 -7.90 20.53 22.99
C PRO B 86 -6.59 21.34 23.01
N ASP B 87 -6.61 22.45 22.30
CA ASP B 87 -5.43 23.30 22.13
C ASP B 87 -5.31 24.30 23.31
N ILE B 88 -5.43 23.81 24.53
CA ILE B 88 -5.39 24.72 25.66
C ILE B 88 -3.95 25.25 25.86
N THR B 89 -3.81 26.57 25.87
CA THR B 89 -2.53 27.25 25.81
C THR B 89 -2.42 28.36 26.89
N ALA B 90 -1.23 28.51 27.48
CA ALA B 90 -0.89 29.69 28.32
C ALA B 90 -0.79 30.94 27.44
N TYR B 91 -1.52 31.98 27.76
CA TYR B 91 -1.45 33.17 26.88
C TYR B 91 -0.23 34.10 27.08
N SER B 92 0.61 33.82 28.09
CA SER B 92 1.74 34.70 28.41
C SER B 92 2.97 33.90 28.85
N SER B 93 3.13 32.71 28.30
CA SER B 93 4.37 32.00 28.42
C SER B 93 5.48 32.84 27.77
N THR B 94 6.72 32.58 28.20
CA THR B 94 7.93 33.20 27.61
C THR B 94 8.86 32.18 26.97
N ARG B 95 8.53 30.89 27.08
CA ARG B 95 9.28 29.78 26.51
C ARG B 95 8.27 28.66 26.15
N PRO B 96 8.61 27.76 25.22
CA PRO B 96 7.72 26.60 25.07
C PRO B 96 7.56 25.83 26.35
N VAL B 97 6.33 25.48 26.69
CA VAL B 97 6.06 24.57 27.79
C VAL B 97 6.90 23.30 27.66
N GLN B 98 7.43 22.84 28.78
CA GLN B 98 8.11 21.53 28.84
C GLN B 98 7.19 20.51 29.52
N VAL B 99 7.06 19.35 28.87
CA VAL B 99 6.18 18.27 29.36
C VAL B 99 7.02 17.28 30.17
N LEU B 100 6.54 16.98 31.37
CA LEU B 100 7.29 16.20 32.31
C LEU B 100 6.63 14.86 32.48
N SER B 101 5.48 14.63 31.89
CA SER B 101 4.76 13.37 32.07
C SER B 101 4.50 12.69 30.71
N PRO B 102 4.23 11.38 30.74
CA PRO B 102 3.72 10.63 29.58
C PRO B 102 2.44 11.20 29.00
N GLN B 103 2.41 11.37 27.71
CA GLN B 103 1.23 11.90 27.03
C GLN B 103 0.24 10.73 26.75
N ILE B 104 -0.55 10.42 27.77
CA ILE B 104 -1.47 9.28 27.81
C ILE B 104 -2.71 9.78 28.51
N ALA B 105 -3.84 9.43 27.91
CA ALA B 105 -5.12 9.82 28.42
C ALA B 105 -5.99 8.59 28.72
N VAL B 106 -7.01 8.84 29.54
CA VAL B 106 -7.96 7.86 29.96
C VAL B 106 -9.27 8.13 29.24
N VAL B 107 -9.84 7.08 28.64
CA VAL B 107 -11.13 7.21 27.97
C VAL B 107 -12.12 6.25 28.63
N THR B 108 -13.29 6.74 28.95
CA THR B 108 -14.34 5.92 29.49
C THR B 108 -15.48 5.75 28.48
N HIS B 109 -16.28 4.72 28.71
CA HIS B 109 -17.21 4.22 27.71
C HIS B 109 -18.31 5.18 27.28
N ASP B 110 -18.60 6.17 28.13
CA ASP B 110 -19.52 7.23 27.77
C ASP B 110 -18.90 8.30 26.85
N GLY B 111 -17.67 8.09 26.37
CA GLY B 111 -16.93 9.07 25.54
C GLY B 111 -16.15 10.15 26.33
N SER B 112 -16.16 10.08 27.67
CA SER B 112 -15.44 11.02 28.52
C SER B 112 -13.93 10.77 28.43
N VAL B 113 -13.18 11.85 28.31
CA VAL B 113 -11.72 11.80 28.30
C VAL B 113 -11.14 12.66 29.42
N MET B 114 -10.13 12.11 30.07
CA MET B 114 -9.35 12.81 31.03
C MET B 114 -7.86 12.73 30.68
N PHE B 115 -7.25 13.90 30.55
CA PHE B 115 -5.86 14.03 30.20
C PHE B 115 -5.21 14.98 31.26
N ILE B 116 -4.11 14.54 31.85
CA ILE B 116 -3.44 15.32 32.94
C ILE B 116 -1.93 15.45 32.67
N PRO B 117 -1.56 16.31 31.73
CA PRO B 117 -0.17 16.59 31.49
C PRO B 117 0.51 17.39 32.65
N ALA B 118 1.64 16.87 33.10
CA ALA B 118 2.60 17.63 33.88
C ALA B 118 3.43 18.56 33.01
N GLN B 119 3.56 19.80 33.48
CA GLN B 119 4.20 20.86 32.75
C GLN B 119 5.10 21.74 33.61
N ARG B 120 6.21 22.13 33.02
CA ARG B 120 6.93 23.30 33.44
C ARG B 120 6.72 24.46 32.49
N LEU B 121 6.29 25.58 33.09
CA LEU B 121 6.02 26.82 32.39
C LEU B 121 6.83 28.02 32.91
N SER B 122 7.49 28.73 31.99
CA SER B 122 7.97 30.09 32.23
C SER B 122 6.93 31.05 31.71
N PHE B 123 6.49 31.96 32.58
CA PHE B 123 5.55 32.98 32.21
C PHE B 123 5.95 34.39 32.74
N MET B 124 5.28 35.40 32.19
CA MET B 124 5.54 36.81 32.53
C MET B 124 5.00 37.17 33.92
N CYS B 125 5.91 37.59 34.80
CA CYS B 125 5.62 37.80 36.21
C CYS B 125 6.74 38.63 36.90
N ASP B 126 6.34 39.78 37.42
CA ASP B 126 7.22 40.63 38.22
C ASP B 126 7.32 40.09 39.65
N PRO B 127 8.48 39.50 39.99
CA PRO B 127 8.64 38.96 41.34
C PRO B 127 9.12 39.99 42.38
N THR B 128 9.05 41.28 42.07
CA THR B 128 9.49 42.32 43.04
C THR B 128 8.64 42.26 44.30
N GLY B 129 9.28 42.10 45.45
CA GLY B 129 8.61 41.97 46.72
C GLY B 129 8.35 40.55 47.20
N VAL B 130 8.88 39.55 46.48
CA VAL B 130 8.71 38.13 46.81
C VAL B 130 9.39 37.74 48.15
N ASP B 131 10.44 38.48 48.44
CA ASP B 131 11.27 38.35 49.67
C ASP B 131 10.74 39.11 50.91
N SER B 132 9.44 39.34 50.95
CA SER B 132 8.78 40.08 52.02
C SER B 132 7.69 39.17 52.58
N GLU B 133 7.12 39.55 53.71
CA GLU B 133 5.96 38.84 54.31
C GLU B 133 4.70 39.00 53.41
N GLU B 134 4.55 40.14 52.78
CA GLU B 134 3.44 40.39 51.86
C GLU B 134 3.46 39.52 50.56
N GLY B 135 4.65 39.17 50.11
CA GLY B 135 4.82 38.40 48.87
C GLY B 135 4.46 39.14 47.59
N VAL B 136 4.20 38.37 46.54
CA VAL B 136 3.87 38.92 45.24
C VAL B 136 2.71 38.13 44.59
N THR B 137 1.95 38.80 43.74
CA THR B 137 0.82 38.19 43.02
C THR B 137 1.15 38.14 41.56
N CYS B 138 0.98 36.97 40.97
CA CYS B 138 1.12 36.82 39.52
C CYS B 138 -0.06 36.08 38.96
N ALA B 139 -0.24 36.25 37.66
CA ALA B 139 -1.37 35.67 36.93
C ALA B 139 -0.94 35.22 35.55
N VAL B 140 -1.60 34.17 35.10
CA VAL B 140 -1.52 33.64 33.72
C VAL B 140 -2.89 33.01 33.29
N LYS B 141 -3.42 33.53 32.16
CA LYS B 141 -4.62 33.03 31.48
C LYS B 141 -4.34 31.84 30.55
N PHE B 142 -5.18 30.83 30.67
CA PHE B 142 -5.13 29.68 29.80
C PHE B 142 -6.41 29.64 29.00
N GLY B 143 -6.28 29.23 27.74
CA GLY B 143 -7.43 29.08 26.84
C GLY B 143 -7.05 28.46 25.50
N SER B 144 -8.08 28.14 24.73
CA SER B 144 -7.88 27.64 23.41
C SER B 144 -7.17 28.72 22.59
N TRP B 145 -6.29 28.27 21.69
CA TRP B 145 -5.58 29.16 20.79
C TRP B 145 -6.49 29.59 19.66
N VAL B 146 -7.34 28.69 19.18
CA VAL B 146 -8.07 28.98 17.93
C VAL B 146 -9.60 28.88 17.98
N TYR B 147 -10.15 28.28 19.04
CA TYR B 147 -11.60 28.15 19.17
C TYR B 147 -12.20 29.21 20.11
N SER B 148 -13.29 29.80 19.63
CA SER B 148 -14.05 30.73 20.42
C SER B 148 -14.91 29.96 21.43
N GLY B 149 -15.63 30.72 22.25
CA GLY B 149 -16.57 30.17 23.20
C GLY B 149 -17.75 29.41 22.63
N PHE B 150 -18.09 29.69 21.38
CA PHE B 150 -19.12 28.91 20.71
C PHE B 150 -18.71 27.51 20.26
N GLU B 151 -17.40 27.21 20.25
CA GLU B 151 -16.92 25.88 19.89
C GLU B 151 -16.33 25.14 21.10
N ILE B 152 -15.51 25.86 21.89
CA ILE B 152 -14.94 25.33 23.14
C ILE B 152 -15.31 26.24 24.32
N ASP B 153 -16.14 25.70 25.21
CA ASP B 153 -16.44 26.41 26.44
C ASP B 153 -15.50 25.87 27.49
N LEU B 154 -15.02 26.74 28.37
CA LEU B 154 -14.13 26.29 29.44
C LEU B 154 -14.89 26.38 30.70
N LYS B 155 -14.48 25.56 31.65
CA LYS B 155 -15.18 25.34 32.90
C LYS B 155 -14.08 24.99 33.93
N THR B 156 -14.23 25.47 35.17
CA THR B 156 -13.53 24.90 36.34
C THR B 156 -14.54 24.18 37.27
N ASP B 157 -14.12 23.20 38.04
CA ASP B 157 -14.97 22.66 39.12
C ASP B 157 -15.06 23.57 40.34
N THR B 158 -13.95 24.27 40.63
CA THR B 158 -13.85 25.16 41.77
C THR B 158 -12.82 26.19 41.36
N ASP B 159 -12.90 27.40 41.95
CA ASP B 159 -11.85 28.39 41.75
C ASP B 159 -10.66 28.16 42.69
N GLN B 160 -10.70 27.13 43.52
CA GLN B 160 -9.61 26.87 44.44
C GLN B 160 -8.65 25.89 43.79
N VAL B 161 -7.42 26.33 43.57
CA VAL B 161 -6.37 25.50 43.00
C VAL B 161 -5.99 24.38 43.98
N ASP B 162 -5.67 23.21 43.44
CA ASP B 162 -5.27 22.07 44.28
C ASP B 162 -3.79 22.24 44.73
N LEU B 163 -3.56 22.49 46.03
CA LEU B 163 -2.22 22.72 46.60
C LEU B 163 -1.76 21.57 47.50
N SER B 164 -2.51 20.48 47.47
CA SER B 164 -2.28 19.36 48.37
C SER B 164 -0.99 18.59 48.02
N SER B 165 -0.52 18.72 46.77
CA SER B 165 0.76 18.15 46.36
C SER B 165 1.88 19.21 46.22
N TYR B 166 1.64 20.44 46.69
CA TYR B 166 2.68 21.45 46.65
C TYR B 166 3.90 21.11 47.54
N TYR B 167 5.07 21.15 46.90
CA TYR B 167 6.38 20.85 47.50
C TYR B 167 6.57 21.69 48.73
N ALA B 168 6.59 20.98 49.86
CA ALA B 168 6.71 21.59 51.16
C ALA B 168 8.02 22.32 51.35
N SER B 169 9.10 21.89 50.68
CA SER B 169 10.38 22.54 50.89
C SER B 169 10.78 23.37 49.68
N SER B 170 9.77 23.92 48.99
CA SER B 170 9.98 24.78 47.86
C SER B 170 10.71 26.03 48.32
N LYS B 171 11.42 26.75 47.42
CA LYS B 171 11.94 28.06 47.80
C LYS B 171 10.81 29.03 48.07
N TYR B 172 9.62 28.77 47.49
CA TYR B 172 8.50 29.71 47.58
C TYR B 172 7.27 29.10 48.25
N GLU B 173 6.72 29.86 49.20
CA GLU B 173 5.45 29.57 49.88
C GLU B 173 4.31 30.13 49.07
N ILE B 174 3.24 29.33 48.94
CA ILE B 174 1.97 29.80 48.37
C ILE B 174 1.11 30.41 49.46
N LEU B 175 0.70 31.64 49.22
CA LEU B 175 -0.22 32.35 50.08
C LEU B 175 -1.65 32.02 49.64
N SER B 176 -1.89 32.14 48.34
CA SER B 176 -3.11 31.64 47.70
C SER B 176 -2.91 31.35 46.21
N ALA B 177 -3.72 30.43 45.70
CA ALA B 177 -3.77 30.16 44.28
C ALA B 177 -5.21 29.88 43.86
N THR B 178 -5.69 30.68 42.91
CA THR B 178 -7.05 30.52 42.39
C THR B 178 -7.04 30.31 40.86
N GLN B 179 -8.15 29.76 40.37
CA GLN B 179 -8.37 29.46 38.94
C GLN B 179 -9.82 29.83 38.56
N THR B 180 -9.95 30.85 37.70
CA THR B 180 -11.21 31.54 37.55
C THR B 180 -11.53 31.65 36.05
N ARG B 181 -12.67 31.07 35.66
CA ARG B 181 -13.24 31.31 34.34
C ARG B 181 -13.60 32.78 34.07
N GLN B 182 -13.16 33.28 32.92
CA GLN B 182 -13.43 34.66 32.49
C GLN B 182 -13.96 34.65 31.08
N VAL B 183 -14.89 35.56 30.81
CA VAL B 183 -15.57 35.69 29.52
C VAL B 183 -15.25 37.05 28.95
N GLN B 184 -14.73 37.10 27.73
CA GLN B 184 -14.25 38.32 27.11
C GLN B 184 -14.97 38.50 25.79
N HIS B 185 -15.34 39.73 25.47
CA HIS B 185 -15.88 40.11 24.16
C HIS B 185 -14.97 41.16 23.52
N TYR B 186 -14.93 41.18 22.18
CA TYR B 186 -14.25 42.26 21.42
C TYR B 186 -15.13 42.82 20.29
N SER B 187 -14.87 44.05 19.85
CA SER B 187 -15.68 44.71 18.79
C SER B 187 -15.58 43.96 17.46
N CYS B 188 -14.38 43.49 17.11
CA CYS B 188 -14.15 42.68 15.90
C CYS B 188 -15.17 41.55 15.61
N CYS B 189 -15.75 41.01 16.68
CA CYS B 189 -16.25 39.65 16.69
C CYS B 189 -17.43 39.53 17.64
N PRO B 190 -18.53 38.86 17.23
CA PRO B 190 -19.69 38.69 18.12
C PRO B 190 -19.59 37.49 19.12
N GLU B 191 -18.59 36.64 18.93
CA GLU B 191 -18.38 35.45 19.77
C GLU B 191 -17.82 35.78 21.13
N PRO B 192 -18.22 35.01 22.17
CA PRO B 192 -17.52 35.06 23.46
C PRO B 192 -16.15 34.37 23.38
N TYR B 193 -15.18 34.90 24.14
CA TYR B 193 -13.85 34.27 24.31
C TYR B 193 -13.60 33.93 25.78
N ILE B 194 -13.29 32.66 26.04
CA ILE B 194 -13.21 32.14 27.41
C ILE B 194 -11.77 31.81 27.75
N ASP B 195 -11.40 32.16 28.99
CA ASP B 195 -10.11 31.76 29.53
C ASP B 195 -10.27 31.33 31.00
N VAL B 196 -9.26 30.68 31.55
CA VAL B 196 -9.18 30.41 33.00
C VAL B 196 -7.94 31.21 33.48
N ASN B 197 -8.18 32.18 34.36
CA ASN B 197 -7.12 32.97 35.00
C ASN B 197 -6.56 32.25 36.22
N LEU B 198 -5.33 31.77 36.11
CA LEU B 198 -4.57 31.20 37.24
C LEU B 198 -3.81 32.34 37.97
N VAL B 199 -4.23 32.62 39.19
CA VAL B 199 -3.69 33.73 40.00
C VAL B 199 -3.00 33.14 41.24
N VAL B 200 -1.68 33.33 41.32
CA VAL B 200 -0.85 32.84 42.41
C VAL B 200 -0.18 33.97 43.21
N LYS B 201 -0.38 33.92 44.52
CA LYS B 201 0.24 34.84 45.45
C LYS B 201 1.17 34.03 46.30
N PHE B 202 2.42 34.48 46.36
CA PHE B 202 3.50 33.66 46.91
C PHE B 202 4.63 34.50 47.48
N ARG B 203 5.35 33.90 48.42
CA ARG B 203 6.56 34.55 48.90
C ARG B 203 7.68 33.55 49.08
N GLU B 204 8.88 34.11 49.21
CA GLU B 204 10.06 33.35 49.58
C GLU B 204 9.83 32.68 50.94
N ARG B 205 10.00 31.38 50.99
CA ARG B 205 9.80 30.61 52.21
C ARG B 205 11.05 30.69 53.11
N GLN C 1 -19.33 17.03 12.63
CA GLN C 1 -18.15 16.17 12.41
C GLN C 1 -18.21 15.52 11.04
N ALA C 2 -19.34 14.89 10.73
CA ALA C 2 -19.51 14.15 9.47
C ALA C 2 -19.24 15.03 8.24
N ASN C 3 -19.91 16.19 8.15
CA ASN C 3 -19.71 17.11 7.01
C ASN C 3 -18.33 17.76 7.03
N LEU C 4 -17.79 18.01 8.22
CA LEU C 4 -16.46 18.60 8.34
C LEU C 4 -15.37 17.59 7.90
N MET C 5 -15.53 16.36 8.35
CA MET C 5 -14.68 15.26 7.89
C MET C 5 -14.71 15.16 6.36
N ARG C 6 -15.91 15.32 5.78
CA ARG C 6 -16.10 15.20 4.34
C ARG C 6 -15.34 16.30 3.62
N LEU C 7 -15.53 17.52 4.11
CA LEU C 7 -14.86 18.71 3.61
C LEU C 7 -13.35 18.61 3.63
N LYS C 8 -12.79 18.29 4.77
CA LYS C 8 -11.33 18.15 4.91
C LYS C 8 -10.75 17.06 4.00
N SER C 9 -11.43 15.92 3.96
CA SER C 9 -11.11 14.88 3.03
C SER C 9 -11.13 15.38 1.57
N ASP C 10 -12.19 16.05 1.15
CA ASP C 10 -12.24 16.65 -0.19
C ASP C 10 -11.15 17.69 -0.50
N LEU C 11 -10.80 18.50 0.51
CA LEU C 11 -9.85 19.60 0.31
C LEU C 11 -8.41 19.11 0.32
N PHE C 12 -8.14 18.10 1.13
CA PHE C 12 -6.77 17.68 1.39
C PHE C 12 -6.41 16.36 0.78
N ASN C 13 -7.34 15.41 0.73
CA ASN C 13 -6.95 14.04 0.37
C ASN C 13 -7.09 13.75 -1.13
N ARG C 14 -7.79 14.58 -1.89
CA ARG C 14 -8.01 14.30 -3.34
C ARG C 14 -6.93 14.81 -4.31
N SER C 15 -6.08 15.72 -3.85
CA SER C 15 -5.18 16.46 -4.75
C SER C 15 -3.75 16.52 -4.19
N PRO C 16 -2.76 16.82 -5.07
CA PRO C 16 -1.44 17.16 -4.53
C PRO C 16 -1.48 18.44 -3.69
N MET C 17 -0.58 18.50 -2.71
CA MET C 17 -0.39 19.70 -1.95
C MET C 17 -0.10 20.91 -2.89
N TYR C 18 -0.77 22.04 -2.62
CA TYR C 18 -0.44 23.32 -3.20
C TYR C 18 1.08 23.51 -3.20
N PRO C 19 1.69 23.81 -4.36
CA PRO C 19 3.16 23.94 -4.50
C PRO C 19 3.75 25.32 -4.17
N GLY C 20 2.96 26.21 -3.61
CA GLY C 20 3.41 27.56 -3.37
C GLY C 20 3.13 28.45 -4.56
N PRO C 21 3.19 29.75 -4.32
CA PRO C 21 2.89 30.70 -5.37
C PRO C 21 3.94 30.69 -6.44
N THR C 22 3.62 31.29 -7.57
CA THR C 22 4.57 31.55 -8.63
C THR C 22 4.28 32.94 -9.19
N LYS C 23 5.14 33.43 -10.08
CA LYS C 23 4.88 34.72 -10.78
C LYS C 23 3.55 34.72 -11.56
N ASP C 24 3.15 33.53 -12.00
CA ASP C 24 1.85 33.29 -12.64
C ASP C 24 0.66 33.12 -11.72
N ASP C 25 0.91 32.77 -10.47
CA ASP C 25 -0.14 32.58 -9.50
C ASP C 25 0.34 33.19 -8.18
N PRO C 26 0.58 34.52 -8.18
CA PRO C 26 1.08 35.15 -6.97
C PRO C 26 0.04 35.30 -5.89
N LEU C 27 0.56 35.57 -4.70
CA LEU C 27 -0.16 35.59 -3.48
C LEU C 27 0.22 36.85 -2.72
N THR C 28 -0.70 37.32 -1.91
CA THR C 28 -0.44 38.41 -0.99
C THR C 28 -0.54 37.87 0.46
N VAL C 29 0.47 38.14 1.26
CA VAL C 29 0.41 37.82 2.68
C VAL C 29 0.32 39.10 3.53
N THR C 30 -0.65 39.17 4.43
CA THR C 30 -0.76 40.28 5.33
C THR C 30 -0.21 39.86 6.68
N LEU C 31 0.70 40.66 7.19
CA LEU C 31 1.32 40.43 8.45
C LEU C 31 0.95 41.53 9.40
N GLY C 32 0.84 41.16 10.68
CA GLY C 32 0.61 42.09 11.78
C GLY C 32 1.24 41.50 13.05
N PHE C 33 1.79 42.37 13.90
CA PHE C 33 2.37 41.95 15.17
C PHE C 33 1.58 42.46 16.35
N THR C 34 1.40 41.60 17.33
CA THR C 34 0.95 41.95 18.65
C THR C 34 2.10 41.70 19.63
N LEU C 35 2.74 42.77 20.13
CA LEU C 35 3.93 42.62 20.96
C LEU C 35 3.50 42.44 22.39
N GLN C 36 3.88 41.32 22.97
CA GLN C 36 3.58 41.04 24.37
C GLN C 36 4.62 41.49 25.36
N ASP C 37 5.88 41.31 25.03
CA ASP C 37 6.95 41.52 25.98
C ASP C 37 8.33 41.60 25.33
N ILE C 38 9.10 42.58 25.80
CA ILE C 38 10.54 42.55 25.70
C ILE C 38 11.04 41.89 26.99
N VAL C 39 11.45 40.64 26.84
CA VAL C 39 11.75 39.76 27.95
C VAL C 39 13.18 40.01 28.43
N LYS C 40 14.09 40.19 27.47
CA LYS C 40 15.52 40.12 27.75
C LYS C 40 16.33 41.02 26.83
N VAL C 41 17.37 41.59 27.43
CA VAL C 41 18.31 42.48 26.76
C VAL C 41 19.70 41.98 27.12
N ASP C 42 20.56 41.80 26.13
CA ASP C 42 21.96 41.41 26.37
C ASP C 42 22.92 42.39 25.72
N SER C 43 23.47 43.28 26.56
CA SER C 43 24.42 44.28 26.11
C SER C 43 25.83 43.76 25.90
N SER C 44 26.11 42.58 26.42
CA SER C 44 27.37 41.93 26.11
C SER C 44 27.41 41.31 24.69
N THR C 45 26.27 40.87 24.19
CA THR C 45 26.20 40.21 22.86
C THR C 45 25.39 41.01 21.82
N ASN C 46 24.73 42.06 22.28
CA ASN C 46 23.81 42.84 21.46
C ASN C 46 22.65 42.01 20.79
N GLU C 47 21.89 41.37 21.69
CA GLU C 47 20.73 40.53 21.38
C GLU C 47 19.59 41.03 22.26
N VAL C 48 18.38 41.12 21.68
CA VAL C 48 17.16 41.37 22.42
C VAL C 48 16.16 40.27 22.09
N ASP C 49 15.43 39.83 23.13
CA ASP C 49 14.43 38.79 23.05
C ASP C 49 13.03 39.37 23.15
N LEU C 50 12.21 39.09 22.14
CA LEU C 50 10.80 39.54 22.07
C LEU C 50 9.83 38.39 22.11
N VAL C 51 8.66 38.64 22.68
CA VAL C 51 7.54 37.70 22.65
C VAL C 51 6.40 38.47 21.98
N TYR C 52 5.92 37.90 20.89
CA TYR C 52 4.82 38.47 20.16
C TYR C 52 3.95 37.36 19.52
N TYR C 53 2.77 37.76 19.06
CA TYR C 53 1.91 36.96 18.16
C TYR C 53 2.07 37.56 16.80
N GLU C 54 2.34 36.72 15.81
CA GLU C 54 2.44 37.14 14.44
C GLU C 54 1.20 36.62 13.62
N GLN C 55 0.31 37.53 13.27
CA GLN C 55 -0.82 37.21 12.44
C GLN C 55 -0.40 37.17 10.97
N GLN C 56 -0.68 36.05 10.33
CA GLN C 56 -0.50 35.88 8.90
C GLN C 56 -1.85 35.58 8.28
N ARG C 57 -2.07 36.16 7.09
CA ARG C 57 -3.34 36.03 6.34
C ARG C 57 -3.00 35.95 4.86
N TRP C 58 -3.57 34.95 4.20
CA TRP C 58 -3.50 34.79 2.74
C TRP C 58 -4.74 33.99 2.28
N LYS C 59 -4.86 33.82 0.96
CA LYS C 59 -6.03 33.22 0.36
C LYS C 59 -5.60 32.36 -0.79
N LEU C 60 -6.15 31.15 -0.85
CA LEU C 60 -5.91 30.19 -1.93
C LEU C 60 -7.22 29.77 -2.61
N ASN C 61 -7.27 29.86 -3.95
CA ASN C 61 -8.42 29.34 -4.69
C ASN C 61 -8.68 27.85 -4.43
N SER C 62 -7.61 27.08 -4.22
CA SER C 62 -7.70 25.65 -3.97
C SER C 62 -8.24 25.28 -2.58
N LEU C 63 -8.47 26.25 -1.70
CA LEU C 63 -9.07 26.01 -0.42
C LEU C 63 -10.53 26.47 -0.34
N MET C 64 -11.09 26.86 -1.48
CA MET C 64 -12.49 27.34 -1.56
C MET C 64 -13.45 26.17 -1.56
N TRP C 65 -14.59 26.34 -0.91
CA TRP C 65 -15.68 25.42 -1.07
C TRP C 65 -16.98 26.19 -1.00
N ASP C 66 -18.02 25.56 -1.52
CA ASP C 66 -19.38 26.05 -1.43
C ASP C 66 -20.02 25.52 -0.15
N PRO C 67 -20.29 26.40 0.82
CA PRO C 67 -20.87 25.94 2.08
C PRO C 67 -22.16 25.10 1.94
N ASN C 68 -22.91 25.27 0.84
CA ASN C 68 -24.19 24.56 0.63
C ASN C 68 -23.96 23.08 0.41
N GLU C 69 -22.83 22.78 -0.20
CA GLU C 69 -22.39 21.42 -0.40
C GLU C 69 -21.82 20.71 0.85
N TYR C 70 -21.69 21.42 1.96
CA TYR C 70 -21.02 20.91 3.17
C TYR C 70 -21.75 21.35 4.43
N GLY C 71 -23.07 21.45 4.33
CA GLY C 71 -23.91 21.68 5.48
C GLY C 71 -23.73 23.02 6.11
N ASN C 72 -23.50 24.04 5.27
CA ASN C 72 -23.32 25.44 5.70
C ASN C 72 -22.09 25.69 6.55
N ILE C 73 -21.05 24.89 6.36
CA ILE C 73 -19.77 25.19 7.00
C ILE C 73 -19.14 26.40 6.29
N THR C 74 -18.82 27.43 7.06
CA THR C 74 -18.19 28.60 6.48
C THR C 74 -16.70 28.72 6.78
N ASP C 75 -16.19 27.89 7.70
CA ASP C 75 -14.82 27.95 8.19
C ASP C 75 -14.53 26.76 9.12
N PHE C 76 -13.26 26.43 9.25
CA PHE C 76 -12.79 25.40 10.16
C PHE C 76 -11.32 25.61 10.56
N ARG C 77 -10.94 24.95 11.65
CA ARG C 77 -9.60 24.94 12.17
C ARG C 77 -8.97 23.62 11.85
N THR C 78 -7.70 23.69 11.47
CA THR C 78 -6.98 22.48 11.14
C THR C 78 -5.48 22.69 11.43
N SER C 79 -4.78 21.57 11.60
CA SER C 79 -3.35 21.55 11.78
C SER C 79 -2.68 22.37 10.67
N ALA C 80 -1.78 23.28 11.08
CA ALA C 80 -1.01 24.07 10.14
C ALA C 80 -0.20 23.20 9.17
N ALA C 81 0.07 21.97 9.56
CA ALA C 81 0.72 21.02 8.69
C ALA C 81 -0.13 20.48 7.53
N ASP C 82 -1.45 20.65 7.56
CA ASP C 82 -2.32 20.20 6.49
C ASP C 82 -2.36 21.11 5.28
N ILE C 83 -1.84 22.33 5.43
CA ILE C 83 -1.84 23.33 4.40
C ILE C 83 -0.45 23.86 4.12
N TRP C 84 -0.29 24.48 2.94
CA TRP C 84 0.87 25.30 2.66
C TRP C 84 0.85 26.54 3.61
N THR C 85 2.03 26.92 4.11
CA THR C 85 2.18 28.18 4.87
C THR C 85 3.35 28.98 4.27
N PRO C 86 3.27 30.32 4.37
CA PRO C 86 4.38 31.11 3.86
C PRO C 86 5.64 31.04 4.74
N ASP C 87 6.79 31.18 4.07
CA ASP C 87 8.10 31.04 4.69
C ASP C 87 8.57 32.37 5.27
N ILE C 88 7.73 32.99 6.08
CA ILE C 88 8.03 34.30 6.65
C ILE C 88 9.10 34.14 7.75
N THR C 89 10.19 34.86 7.63
CA THR C 89 11.37 34.72 8.47
C THR C 89 11.84 36.14 8.92
N ALA C 90 12.27 36.24 10.17
CA ALA C 90 13.11 37.33 10.67
C ALA C 90 14.50 37.26 10.02
N TYR C 91 14.93 38.34 9.40
CA TYR C 91 16.16 38.33 8.66
C TYR C 91 17.43 38.53 9.55
N SER C 92 17.25 38.87 10.82
CA SER C 92 18.37 39.14 11.70
C SER C 92 18.24 38.44 13.08
N SER C 93 17.53 37.31 13.11
CA SER C 93 17.50 36.46 14.29
C SER C 93 18.94 35.96 14.60
N THR C 94 19.14 35.60 15.88
CA THR C 94 20.38 35.07 16.35
C THR C 94 20.20 33.71 16.91
N ARG C 95 18.94 33.26 17.03
CA ARG C 95 18.68 31.88 17.45
C ARG C 95 17.41 31.43 16.75
N PRO C 96 17.20 30.10 16.64
CA PRO C 96 15.95 29.60 16.13
C PRO C 96 14.75 30.15 16.93
N VAL C 97 13.71 30.55 16.20
CA VAL C 97 12.49 31.01 16.81
C VAL C 97 11.89 29.91 17.67
N GLN C 98 11.41 30.30 18.84
CA GLN C 98 10.70 29.37 19.69
C GLN C 98 9.20 29.58 19.53
N VAL C 99 8.48 28.49 19.30
CA VAL C 99 7.04 28.54 19.09
C VAL C 99 6.31 28.30 20.41
N LEU C 100 5.43 29.22 20.79
CA LEU C 100 4.78 29.24 22.10
C LEU C 100 3.30 28.83 22.01
N SER C 101 2.77 28.77 20.81
CA SER C 101 1.36 28.45 20.57
C SER C 101 1.20 27.16 19.69
N PRO C 102 0.03 26.50 19.77
CA PRO C 102 -0.34 25.44 18.83
C PRO C 102 -0.33 25.88 17.34
N GLN C 103 0.17 25.01 16.49
CA GLN C 103 0.31 25.31 15.07
C GLN C 103 -0.98 24.88 14.34
N ILE C 104 -2.04 25.66 14.55
CA ILE C 104 -3.35 25.45 13.99
C ILE C 104 -3.79 26.72 13.30
N ALA C 105 -4.32 26.58 12.10
CA ALA C 105 -4.81 27.71 11.32
C ALA C 105 -6.31 27.63 11.11
N VAL C 106 -6.91 28.74 10.69
CA VAL C 106 -8.32 28.85 10.38
C VAL C 106 -8.49 29.02 8.85
N VAL C 107 -9.28 28.14 8.27
CA VAL C 107 -9.64 28.25 6.86
C VAL C 107 -11.11 28.66 6.67
N THR C 108 -11.31 29.59 5.76
CA THR C 108 -12.65 30.09 5.43
C THR C 108 -13.01 29.67 4.00
N HIS C 109 -14.32 29.57 3.73
CA HIS C 109 -14.82 28.91 2.51
C HIS C 109 -14.42 29.64 1.25
N ASP C 110 -14.00 30.90 1.39
CA ASP C 110 -13.46 31.62 0.26
C ASP C 110 -11.97 31.34 0.04
N GLY C 111 -11.42 30.37 0.77
CA GLY C 111 -10.03 30.01 0.63
C GLY C 111 -9.09 30.84 1.50
N SER C 112 -9.65 31.66 2.39
CA SER C 112 -8.87 32.53 3.28
C SER C 112 -8.30 31.71 4.43
N VAL C 113 -7.04 31.95 4.70
CA VAL C 113 -6.35 31.35 5.83
C VAL C 113 -5.84 32.46 6.79
N MET C 114 -6.05 32.22 8.09
CA MET C 114 -5.44 32.98 9.17
C MET C 114 -4.67 32.04 10.09
N PHE C 115 -3.40 32.38 10.33
CA PHE C 115 -2.47 31.58 11.11
C PHE C 115 -1.76 32.61 12.04
N ILE C 116 -1.78 32.38 13.34
CA ILE C 116 -1.25 33.32 14.34
C ILE C 116 -0.31 32.58 15.32
N PRO C 117 0.89 32.25 14.85
CA PRO C 117 1.92 31.76 15.75
C PRO C 117 2.44 32.78 16.79
N ALA C 118 2.41 32.38 18.06
CA ALA C 118 3.12 33.07 19.12
C ALA C 118 4.59 32.59 19.11
N GLN C 119 5.50 33.54 19.24
CA GLN C 119 6.91 33.30 19.06
C GLN C 119 7.75 34.04 20.10
N ARG C 120 8.85 33.43 20.50
CA ARG C 120 9.91 34.16 21.16
C ARG C 120 11.06 34.23 20.19
N LEU C 121 11.50 35.46 19.94
CA LEU C 121 12.54 35.78 19.02
C LEU C 121 13.74 36.50 19.73
N SER C 122 14.94 35.98 19.51
CA SER C 122 16.21 36.72 19.73
C SER C 122 16.75 37.28 18.44
N PHE C 123 17.02 38.58 18.44
CA PHE C 123 17.47 39.24 17.25
C PHE C 123 18.55 40.28 17.59
N MET C 124 19.23 40.70 16.54
CA MET C 124 20.37 41.67 16.59
C MET C 124 19.92 43.10 17.00
N CYS C 125 20.39 43.55 18.17
CA CYS C 125 19.93 44.81 18.79
C CYS C 125 20.93 45.30 19.86
N ASP C 126 21.62 46.38 19.52
CA ASP C 126 22.38 47.17 20.46
C ASP C 126 21.42 47.94 21.34
N PRO C 127 21.30 47.52 22.62
CA PRO C 127 20.45 48.25 23.56
C PRO C 127 21.12 49.49 24.20
N THR C 128 22.33 49.85 23.78
CA THR C 128 22.97 51.08 24.27
C THR C 128 21.94 52.18 24.31
N GLY C 129 21.65 52.67 25.52
CA GLY C 129 20.72 53.78 25.71
C GLY C 129 19.40 53.39 26.36
N VAL C 130 19.17 52.09 26.50
CA VAL C 130 17.94 51.56 27.06
C VAL C 130 17.66 52.13 28.45
N ASP C 131 18.73 52.30 29.22
CA ASP C 131 18.67 52.84 30.59
C ASP C 131 18.61 54.36 30.63
N SER C 132 18.10 55.00 29.58
CA SER C 132 17.88 56.43 29.58
C SER C 132 16.40 56.71 29.37
N GLU C 133 16.03 57.93 29.63
CA GLU C 133 14.70 58.42 29.38
C GLU C 133 14.32 58.49 27.87
N GLU C 134 15.32 58.67 27.02
CA GLU C 134 15.08 58.67 25.59
C GLU C 134 14.85 57.26 25.04
N GLY C 135 15.49 56.30 25.67
CA GLY C 135 15.41 54.93 25.26
C GLY C 135 16.29 54.63 24.05
N VAL C 136 16.01 53.51 23.42
CA VAL C 136 16.81 52.96 22.34
C VAL C 136 15.85 52.36 21.30
N THR C 137 16.24 52.51 20.02
CA THR C 137 15.51 51.94 18.90
C THR C 137 16.21 50.70 18.30
N CYS C 138 15.41 49.66 18.10
CA CYS C 138 15.81 48.46 17.35
C CYS C 138 14.79 48.10 16.26
N ALA C 139 15.24 47.30 15.31
CA ALA C 139 14.43 46.93 14.14
C ALA C 139 14.81 45.54 13.67
N VAL C 140 13.81 44.84 13.16
CA VAL C 140 14.03 43.55 12.51
C VAL C 140 13.08 43.46 11.29
N LYS C 141 13.68 43.08 10.15
CA LYS C 141 12.95 42.88 8.91
C LYS C 141 12.40 41.44 8.86
N PHE C 142 11.13 41.34 8.49
CA PHE C 142 10.50 40.02 8.18
C PHE C 142 10.15 39.90 6.70
N GLY C 143 10.37 38.72 6.16
CA GLY C 143 9.94 38.42 4.81
C GLY C 143 10.09 36.95 4.45
N SER C 144 9.82 36.67 3.19
CA SER C 144 10.04 35.37 2.60
C SER C 144 11.52 35.12 2.53
N TRP C 145 11.88 33.85 2.55
CA TRP C 145 13.28 33.46 2.42
C TRP C 145 13.67 33.22 0.99
N VAL C 146 12.72 32.73 0.19
CA VAL C 146 12.96 32.40 -1.23
C VAL C 146 12.05 33.12 -2.27
N TYR C 147 11.00 33.82 -1.86
CA TYR C 147 10.10 34.37 -2.85
C TYR C 147 10.24 35.89 -2.99
N SER C 148 10.36 36.34 -4.24
CA SER C 148 10.41 37.77 -4.54
C SER C 148 8.99 38.32 -4.35
N GLY C 149 8.87 39.63 -4.49
CA GLY C 149 7.59 40.31 -4.40
C GLY C 149 6.67 40.10 -5.60
N PHE C 150 7.17 39.43 -6.66
CA PHE C 150 6.30 39.02 -7.78
C PHE C 150 5.65 37.68 -7.53
N GLU C 151 5.97 37.06 -6.39
CA GLU C 151 5.46 35.74 -6.06
C GLU C 151 4.71 35.85 -4.74
N ILE C 152 5.36 36.46 -3.75
CA ILE C 152 4.69 36.85 -2.49
C ILE C 152 4.78 38.35 -2.25
N ASP C 153 3.65 39.04 -2.30
CA ASP C 153 3.53 40.43 -1.82
C ASP C 153 3.24 40.45 -0.32
N LEU C 154 3.78 41.43 0.39
CA LEU C 154 3.52 41.56 1.79
C LEU C 154 2.83 42.85 2.03
N LYS C 155 1.96 42.85 3.04
CA LYS C 155 1.14 43.99 3.41
C LYS C 155 1.01 43.94 4.93
N THR C 156 0.73 45.09 5.52
CA THR C 156 0.22 45.19 6.87
C THR C 156 -1.18 45.83 6.79
N ASP C 157 -2.05 45.51 7.75
CA ASP C 157 -3.34 46.19 7.88
C ASP C 157 -3.25 47.58 8.54
N THR C 158 -2.15 47.83 9.24
CA THR C 158 -1.89 49.10 9.94
C THR C 158 -0.37 49.16 10.22
N ASP C 159 0.21 50.35 10.22
CA ASP C 159 1.60 50.48 10.56
C ASP C 159 1.86 50.48 12.07
N GLN C 160 0.82 50.63 12.89
CA GLN C 160 0.95 50.57 14.35
C GLN C 160 0.90 49.13 14.86
N VAL C 161 2.01 48.68 15.42
CA VAL C 161 2.00 47.43 16.16
C VAL C 161 0.91 47.44 17.27
N ASP C 162 0.19 46.32 17.39
CA ASP C 162 -0.75 46.20 18.49
C ASP C 162 0.00 46.06 19.86
N LEU C 163 -0.22 47.05 20.75
CA LEU C 163 0.38 47.01 22.10
C LEU C 163 -0.67 46.81 23.19
N SER C 164 -1.89 46.46 22.80
CA SER C 164 -3.02 46.31 23.76
C SER C 164 -2.80 45.10 24.69
N SER C 165 -1.91 44.21 24.29
CA SER C 165 -1.54 43.04 25.08
C SER C 165 -0.10 43.13 25.68
N TYR C 166 0.52 44.32 25.64
CA TYR C 166 1.91 44.45 26.13
C TYR C 166 1.89 44.33 27.62
N TYR C 167 2.80 43.50 28.12
CA TYR C 167 2.87 43.15 29.54
C TYR C 167 3.19 44.40 30.36
N ALA C 168 2.23 44.82 31.17
CA ALA C 168 2.29 46.03 31.98
C ALA C 168 3.43 46.03 32.98
N SER C 169 3.90 44.86 33.43
CA SER C 169 5.03 44.86 34.38
C SER C 169 6.36 44.34 33.78
N SER C 170 6.49 44.37 32.45
CA SER C 170 7.73 44.14 31.79
C SER C 170 8.85 45.02 32.38
N LYS C 171 10.08 44.54 32.39
CA LYS C 171 11.24 45.39 32.72
C LYS C 171 11.40 46.52 31.72
N TYR C 172 10.83 46.36 30.50
CA TYR C 172 10.91 47.40 29.45
C TYR C 172 9.53 47.92 29.05
N GLU C 173 9.40 49.24 28.98
CA GLU C 173 8.24 49.88 28.42
C GLU C 173 8.47 50.37 26.98
N ILE C 174 7.37 50.34 26.22
CA ILE C 174 7.38 50.66 24.80
C ILE C 174 7.13 52.12 24.56
N LEU C 175 8.00 52.76 23.81
CA LEU C 175 7.84 54.17 23.53
C LEU C 175 7.14 54.31 22.17
N SER C 176 7.54 53.43 21.25
CA SER C 176 6.81 53.29 20.00
C SER C 176 7.10 51.93 19.33
N ALA C 177 6.14 51.45 18.54
CA ALA C 177 6.33 50.21 17.79
C ALA C 177 5.56 50.28 16.47
N THR C 178 6.28 50.19 15.35
CA THR C 178 5.67 50.31 14.02
C THR C 178 5.98 49.06 13.22
N GLN C 179 5.16 48.83 12.20
CA GLN C 179 5.31 47.67 11.31
C GLN C 179 4.97 48.08 9.88
N THR C 180 6.02 48.27 9.08
CA THR C 180 5.92 49.01 7.84
C THR C 180 6.50 48.21 6.69
N ARG C 181 5.75 48.20 5.60
CA ARG C 181 6.17 47.53 4.38
C ARG C 181 7.32 48.30 3.75
N GLN C 182 8.40 47.63 3.36
CA GLN C 182 9.42 48.25 2.52
C GLN C 182 9.61 47.44 1.25
N VAL C 183 9.94 48.16 0.18
CA VAL C 183 10.20 47.59 -1.12
C VAL C 183 11.63 47.94 -1.53
N GLN C 184 12.41 46.93 -1.91
CA GLN C 184 13.70 47.14 -2.57
C GLN C 184 13.64 46.70 -4.01
N HIS C 185 14.41 47.39 -4.82
CA HIS C 185 14.69 46.95 -6.17
C HIS C 185 16.20 46.85 -6.29
N TYR C 186 16.65 45.87 -7.07
CA TYR C 186 18.06 45.77 -7.45
C TYR C 186 18.20 46.11 -8.90
N SER C 187 19.37 46.68 -9.25
CA SER C 187 19.61 47.20 -10.61
C SER C 187 19.48 46.15 -11.72
N CYS C 188 19.75 44.89 -11.39
CA CYS C 188 19.69 43.78 -12.36
C CYS C 188 18.28 43.47 -12.86
N CYS C 189 17.29 43.69 -11.98
CA CYS C 189 16.06 42.89 -11.92
C CYS C 189 14.75 43.69 -11.79
N PRO C 190 13.73 43.35 -12.59
CA PRO C 190 12.41 44.02 -12.46
C PRO C 190 11.61 43.75 -11.16
N GLU C 191 11.71 42.53 -10.63
CA GLU C 191 10.93 42.15 -9.46
C GLU C 191 11.28 42.97 -8.19
N PRO C 192 10.25 43.38 -7.44
CA PRO C 192 10.49 44.00 -6.17
C PRO C 192 10.75 42.95 -5.07
N TYR C 193 11.53 43.35 -4.08
CA TYR C 193 11.80 42.54 -2.90
C TYR C 193 11.20 43.28 -1.74
N ILE C 194 10.32 42.61 -1.01
CA ILE C 194 9.46 43.23 -0.04
C ILE C 194 9.70 42.68 1.35
N ASP C 195 9.67 43.55 2.35
CA ASP C 195 9.67 43.11 3.76
C ASP C 195 8.81 44.00 4.64
N VAL C 196 8.53 43.51 5.84
CA VAL C 196 7.91 44.32 6.86
C VAL C 196 8.97 44.58 7.92
N ASN C 197 9.19 45.88 8.24
CA ASN C 197 10.22 46.30 9.16
C ASN C 197 9.53 46.54 10.50
N LEU C 198 9.86 45.68 11.49
CA LEU C 198 9.39 45.87 12.86
C LEU C 198 10.36 46.80 13.66
N VAL C 199 9.92 48.02 13.97
CA VAL C 199 10.75 49.03 14.63
C VAL C 199 10.22 49.27 16.04
N VAL C 200 11.05 48.99 17.04
CA VAL C 200 10.67 49.17 18.43
C VAL C 200 11.61 50.11 19.23
N LYS C 201 11.01 51.16 19.76
CA LYS C 201 11.70 52.09 20.64
C LYS C 201 11.20 51.82 22.06
N PHE C 202 12.16 51.53 22.94
CA PHE C 202 11.86 51.10 24.28
C PHE C 202 12.90 51.59 25.31
N ARG C 203 12.52 51.53 26.58
CA ARG C 203 13.44 51.86 27.65
C ARG C 203 13.16 51.06 28.91
N GLU C 204 14.13 51.04 29.81
CA GLU C 204 13.90 50.41 31.08
C GLU C 204 12.75 51.14 31.74
N ARG C 205 11.78 50.38 32.25
CA ARG C 205 10.67 50.93 32.99
C ARG C 205 11.13 51.30 34.40
N GLN D 1 1.07 26.18 -9.64
CA GLN D 1 -0.26 25.68 -10.09
C GLN D 1 -0.14 24.33 -10.77
N ALA D 2 -1.12 24.01 -11.63
CA ALA D 2 -1.19 22.74 -12.34
C ALA D 2 0.15 22.29 -12.94
N ASN D 3 0.76 23.11 -13.77
CA ASN D 3 2.00 22.76 -14.44
C ASN D 3 3.15 22.54 -13.46
N LEU D 4 3.14 23.29 -12.35
CA LEU D 4 4.18 23.16 -11.36
C LEU D 4 3.99 21.88 -10.60
N MET D 5 2.75 21.51 -10.33
CA MET D 5 2.47 20.21 -9.69
C MET D 5 2.92 19.01 -10.54
N ARG D 6 2.73 19.16 -11.84
CA ARG D 6 3.10 18.17 -12.83
C ARG D 6 4.60 17.98 -12.89
N LEU D 7 5.30 19.10 -12.88
CA LEU D 7 6.74 19.12 -12.93
C LEU D 7 7.34 18.50 -11.67
N LYS D 8 6.85 18.94 -10.52
CA LYS D 8 7.32 18.38 -9.24
C LYS D 8 7.07 16.88 -9.15
N SER D 9 5.93 16.44 -9.64
CA SER D 9 5.65 15.01 -9.71
C SER D 9 6.58 14.24 -10.66
N ASP D 10 6.81 14.78 -11.85
CA ASP D 10 7.71 14.15 -12.78
C ASP D 10 9.13 14.07 -12.26
N LEU D 11 9.60 15.17 -11.66
CA LEU D 11 10.93 15.24 -11.09
C LEU D 11 11.18 14.36 -9.86
N PHE D 12 10.18 14.20 -9.00
CA PHE D 12 10.39 13.67 -7.66
C PHE D 12 9.72 12.35 -7.39
N ASN D 13 8.58 12.10 -8.04
CA ASN D 13 7.78 10.93 -7.77
C ASN D 13 7.87 9.89 -8.87
N ARG D 14 8.97 9.83 -9.61
CA ARG D 14 9.15 8.80 -10.64
C ARG D 14 10.38 7.90 -10.47
N SER D 15 11.51 8.46 -10.04
CA SER D 15 12.70 7.66 -9.90
C SER D 15 13.07 7.70 -8.44
N PRO D 16 14.04 6.85 -8.03
CA PRO D 16 14.52 7.05 -6.68
C PRO D 16 15.28 8.38 -6.61
N MET D 17 15.44 8.90 -5.41
CA MET D 17 16.18 10.15 -5.25
C MET D 17 17.63 9.95 -5.69
N TYR D 18 18.23 11.02 -6.17
CA TYR D 18 19.65 11.08 -6.43
C TYR D 18 20.38 10.48 -5.21
N PRO D 19 21.22 9.45 -5.44
CA PRO D 19 21.92 8.77 -4.37
C PRO D 19 23.19 9.50 -3.85
N GLY D 20 23.48 10.67 -4.42
CA GLY D 20 24.73 11.38 -4.14
C GLY D 20 25.79 11.07 -5.18
N PRO D 21 26.87 11.84 -5.18
CA PRO D 21 27.97 11.68 -6.13
C PRO D 21 28.88 10.48 -5.86
N THR D 22 29.61 10.10 -6.90
CA THR D 22 30.61 9.05 -6.83
C THR D 22 31.80 9.54 -7.66
N LYS D 23 32.89 8.75 -7.66
CA LYS D 23 34.11 9.10 -8.39
C LYS D 23 33.83 9.18 -9.88
N ASP D 24 32.88 8.40 -10.37
CA ASP D 24 32.46 8.43 -11.78
C ASP D 24 31.42 9.50 -12.14
N ASP D 25 30.59 9.93 -11.19
CA ASP D 25 29.65 11.07 -11.37
C ASP D 25 29.90 12.19 -10.31
N PRO D 26 31.08 12.84 -10.33
CA PRO D 26 31.41 13.80 -9.27
C PRO D 26 30.59 15.09 -9.37
N LEU D 27 30.58 15.89 -8.31
CA LEU D 27 29.78 17.11 -8.25
C LEU D 27 30.65 18.26 -7.82
N THR D 28 30.40 19.46 -8.29
CA THR D 28 31.09 20.65 -7.77
C THR D 28 30.07 21.40 -6.91
N VAL D 29 30.40 21.62 -5.65
CA VAL D 29 29.62 22.48 -4.81
C VAL D 29 30.34 23.83 -4.63
N THR D 30 29.65 24.89 -5.06
CA THR D 30 30.10 26.25 -4.89
C THR D 30 29.54 26.82 -3.60
N LEU D 31 30.44 27.33 -2.77
CA LEU D 31 30.15 27.76 -1.39
C LEU D 31 30.53 29.27 -1.22
N GLY D 32 29.64 30.06 -0.63
CA GLY D 32 29.94 31.44 -0.27
C GLY D 32 29.33 31.79 1.09
N PHE D 33 29.98 32.72 1.83
CA PHE D 33 29.46 33.16 3.14
C PHE D 33 29.07 34.63 3.10
N THR D 34 27.94 34.91 3.73
CA THR D 34 27.46 36.23 4.02
C THR D 34 27.44 36.29 5.54
N LEU D 35 28.45 36.97 6.11
CA LEU D 35 28.65 37.04 7.54
C LEU D 35 27.78 38.21 8.09
N GLN D 36 26.84 37.88 8.94
CA GLN D 36 25.89 38.83 9.48
C GLN D 36 26.28 39.34 10.89
N ASP D 37 26.94 38.52 11.68
CA ASP D 37 27.26 38.88 13.07
C ASP D 37 28.23 37.92 13.73
N ILE D 38 29.14 38.54 14.48
CA ILE D 38 29.79 37.88 15.59
C ILE D 38 28.99 38.27 16.81
N VAL D 39 28.29 37.27 17.32
CA VAL D 39 27.31 37.49 18.37
C VAL D 39 27.99 37.49 19.73
N LYS D 40 28.93 36.56 19.96
CA LYS D 40 29.45 36.29 21.29
C LYS D 40 30.86 35.71 21.25
N VAL D 41 31.64 36.09 22.26
CA VAL D 41 32.97 35.58 22.47
C VAL D 41 33.01 35.00 23.89
N ASP D 42 33.67 33.87 24.07
CA ASP D 42 33.82 33.30 25.41
C ASP D 42 35.30 33.01 25.60
N SER D 43 35.94 33.88 26.40
CA SER D 43 37.33 33.71 26.78
C SER D 43 37.59 32.63 27.83
N SER D 44 36.56 32.11 28.48
CA SER D 44 36.74 31.00 29.44
C SER D 44 36.78 29.62 28.75
N THR D 45 36.25 29.57 27.52
CA THR D 45 36.15 28.32 26.76
C THR D 45 36.84 28.37 25.39
N ASN D 46 37.27 29.55 24.96
CA ASN D 46 37.70 29.80 23.58
C ASN D 46 36.69 29.25 22.53
N GLU D 47 35.47 29.80 22.66
CA GLU D 47 34.37 29.60 21.73
C GLU D 47 33.92 30.95 21.21
N VAL D 48 33.81 31.04 19.87
CA VAL D 48 33.14 32.17 19.25
C VAL D 48 31.87 31.73 18.49
N ASP D 49 30.84 32.58 18.56
CA ASP D 49 29.55 32.39 17.91
C ASP D 49 29.31 33.39 16.75
N LEU D 50 29.08 32.81 15.57
CA LEU D 50 28.80 33.55 14.32
C LEU D 50 27.41 33.30 13.80
N VAL D 51 26.86 34.27 13.12
CA VAL D 51 25.62 34.14 12.40
C VAL D 51 25.95 34.56 10.97
N TYR D 52 25.67 33.63 10.06
CA TYR D 52 25.92 33.78 8.63
C TYR D 52 24.80 33.04 7.80
N TYR D 53 24.77 33.34 6.49
CA TYR D 53 24.00 32.67 5.48
C TYR D 53 25.05 31.91 4.68
N GLU D 54 24.88 30.61 4.51
CA GLU D 54 25.81 29.80 3.74
C GLU D 54 25.15 29.43 2.40
N GLN D 55 25.63 30.09 1.36
CA GLN D 55 25.15 29.89 0.01
C GLN D 55 25.83 28.67 -0.56
N GLN D 56 25.02 27.70 -1.01
CA GLN D 56 25.44 26.43 -1.61
C GLN D 56 24.78 26.30 -3.00
N ARG D 57 25.60 25.99 -3.99
CA ARG D 57 25.15 25.81 -5.37
C ARG D 57 25.80 24.56 -5.99
N TRP D 58 24.97 23.74 -6.62
CA TRP D 58 25.41 22.55 -7.36
C TRP D 58 24.41 22.30 -8.50
N LYS D 59 24.67 21.29 -9.32
CA LYS D 59 23.83 21.00 -10.46
C LYS D 59 23.65 19.50 -10.65
N LEU D 60 22.39 19.05 -10.75
CA LEU D 60 22.06 17.67 -11.14
C LEU D 60 21.31 17.61 -12.50
N ASN D 61 21.84 16.76 -13.37
CA ASN D 61 21.17 16.34 -14.57
C ASN D 61 19.79 15.79 -14.33
N SER D 62 19.60 15.04 -13.23
CA SER D 62 18.28 14.52 -12.89
C SER D 62 17.27 15.61 -12.43
N LEU D 63 17.73 16.85 -12.26
CA LEU D 63 16.82 17.96 -11.96
C LEU D 63 16.56 18.85 -13.20
N MET D 64 16.93 18.40 -14.38
CA MET D 64 16.67 19.19 -15.58
C MET D 64 15.27 18.96 -16.16
N TRP D 65 14.74 19.99 -16.82
CA TRP D 65 13.52 19.84 -17.57
C TRP D 65 13.48 20.88 -18.67
N ASP D 66 12.67 20.59 -19.68
CA ASP D 66 12.38 21.48 -20.79
C ASP D 66 11.19 22.41 -20.46
N PRO D 67 11.47 23.72 -20.28
CA PRO D 67 10.41 24.59 -19.84
C PRO D 67 9.16 24.59 -20.71
N ASN D 68 9.35 24.35 -22.02
CA ASN D 68 8.24 24.34 -22.98
C ASN D 68 7.22 23.24 -22.68
N GLU D 69 7.69 22.21 -22.00
CA GLU D 69 6.89 21.05 -21.63
C GLU D 69 6.13 21.22 -20.33
N TYR D 70 6.42 22.28 -19.58
CA TYR D 70 5.82 22.56 -18.29
C TYR D 70 5.42 24.03 -18.15
N GLY D 71 4.78 24.54 -19.20
CA GLY D 71 4.25 25.90 -19.21
C GLY D 71 5.27 27.02 -19.07
N ASN D 72 6.46 26.80 -19.61
CA ASN D 72 7.59 27.72 -19.48
C ASN D 72 8.03 28.05 -18.06
N ILE D 73 7.82 27.12 -17.14
CA ILE D 73 8.34 27.27 -15.77
C ILE D 73 9.84 27.18 -15.92
N THR D 74 10.58 28.20 -15.46
CA THR D 74 12.04 28.18 -15.56
C THR D 74 12.72 27.81 -14.24
N ASP D 75 11.99 27.88 -13.15
CA ASP D 75 12.56 27.67 -11.81
C ASP D 75 11.46 27.48 -10.81
N PHE D 76 11.77 26.84 -9.67
CA PHE D 76 10.77 26.70 -8.64
C PHE D 76 11.44 26.56 -7.27
N ARG D 77 10.63 26.68 -6.22
CA ARG D 77 11.08 26.59 -4.85
C ARG D 77 10.47 25.35 -4.23
N THR D 78 11.25 24.65 -3.44
CA THR D 78 10.78 23.42 -2.84
C THR D 78 11.54 23.16 -1.56
N SER D 79 10.87 22.47 -0.65
CA SER D 79 11.47 21.98 0.54
C SER D 79 12.79 21.28 0.20
N ALA D 80 13.84 21.62 0.97
CA ALA D 80 15.15 20.97 0.97
C ALA D 80 15.09 19.48 1.10
N ALA D 81 14.07 18.98 1.78
CA ALA D 81 13.87 17.51 1.96
C ALA D 81 13.43 16.77 0.69
N ASP D 82 12.96 17.52 -0.32
CA ASP D 82 12.53 16.96 -1.57
C ASP D 82 13.71 16.54 -2.44
N ILE D 83 14.88 17.08 -2.13
CA ILE D 83 16.08 16.91 -2.95
C ILE D 83 17.31 16.45 -2.13
N TRP D 84 18.32 15.96 -2.85
CA TRP D 84 19.58 15.68 -2.24
C TRP D 84 20.22 17.07 -1.93
N THR D 85 20.86 17.14 -0.78
CA THR D 85 21.68 18.26 -0.42
C THR D 85 23.05 17.79 0.08
N PRO D 86 24.11 18.59 -0.17
CA PRO D 86 25.48 18.27 0.29
C PRO D 86 25.67 18.41 1.83
N ASP D 87 26.53 17.56 2.37
CA ASP D 87 26.72 17.42 3.79
C ASP D 87 27.85 18.33 4.27
N ILE D 88 27.73 19.61 3.93
CA ILE D 88 28.75 20.58 4.25
C ILE D 88 28.67 20.86 5.75
N THR D 89 29.78 20.63 6.42
CA THR D 89 29.93 20.63 7.85
C THR D 89 31.17 21.51 8.26
N ALA D 90 31.01 22.26 9.35
CA ALA D 90 32.12 22.95 10.00
C ALA D 90 32.98 21.90 10.71
N TYR D 91 34.29 21.97 10.50
CA TYR D 91 35.18 20.95 11.06
C TYR D 91 35.62 21.19 12.53
N SER D 92 35.36 22.38 13.06
CA SER D 92 35.74 22.71 14.42
C SER D 92 34.64 23.40 15.24
N SER D 93 33.37 23.08 14.92
CA SER D 93 32.23 23.43 15.78
C SER D 93 32.38 22.81 17.18
N THR D 94 31.76 23.47 18.15
CA THR D 94 31.72 22.97 19.55
C THR D 94 30.32 22.65 20.03
N ARG D 95 29.33 22.98 19.18
CA ARG D 95 27.88 22.77 19.43
C ARG D 95 27.22 22.46 18.05
N PRO D 96 26.11 21.69 18.03
CA PRO D 96 25.34 21.49 16.78
C PRO D 96 24.94 22.84 16.23
N VAL D 97 25.16 23.02 14.95
CA VAL D 97 24.72 24.23 14.29
C VAL D 97 23.19 24.42 14.47
N GLN D 98 22.80 25.67 14.68
CA GLN D 98 21.40 26.03 14.80
C GLN D 98 20.93 26.77 13.53
N VAL D 99 19.86 26.27 12.97
CA VAL D 99 19.32 26.76 11.71
C VAL D 99 18.34 27.88 11.95
N LEU D 100 18.50 28.93 11.16
CA LEU D 100 17.77 30.16 11.39
C LEU D 100 16.78 30.47 10.28
N SER D 101 16.81 29.69 9.21
CA SER D 101 16.03 29.99 8.07
C SER D 101 15.18 28.77 7.67
N PRO D 102 14.11 29.01 6.88
CA PRO D 102 13.36 27.94 6.23
C PRO D 102 14.22 27.06 5.33
N GLN D 103 14.01 25.76 5.38
CA GLN D 103 14.86 24.83 4.59
C GLN D 103 14.20 24.62 3.24
N ILE D 104 14.43 25.58 2.37
CA ILE D 104 13.78 25.65 1.07
C ILE D 104 14.89 26.03 0.10
N ALA D 105 14.95 25.30 -1.01
CA ALA D 105 15.88 25.57 -2.08
C ALA D 105 15.19 26.04 -3.37
N VAL D 106 15.97 26.62 -4.27
CA VAL D 106 15.54 27.03 -5.61
C VAL D 106 16.23 26.16 -6.66
N VAL D 107 15.41 25.50 -7.51
CA VAL D 107 15.86 24.63 -8.58
C VAL D 107 15.55 25.33 -9.91
N THR D 108 16.52 25.41 -10.80
CA THR D 108 16.31 25.98 -12.11
C THR D 108 16.41 24.94 -13.22
N HIS D 109 15.82 25.26 -14.38
CA HIS D 109 15.50 24.26 -15.39
C HIS D 109 16.70 23.51 -15.97
N ASP D 110 17.90 24.07 -15.83
CA ASP D 110 19.13 23.39 -16.23
C ASP D 110 19.64 22.42 -15.14
N GLY D 111 18.87 22.27 -14.07
CA GLY D 111 19.20 21.33 -12.99
C GLY D 111 20.07 21.91 -11.89
N SER D 112 20.29 23.22 -11.92
CA SER D 112 21.13 23.83 -10.87
C SER D 112 20.27 24.12 -9.63
N VAL D 113 20.88 23.94 -8.46
CA VAL D 113 20.17 24.13 -7.22
C VAL D 113 20.87 25.22 -6.44
N MET D 114 20.07 26.15 -5.89
CA MET D 114 20.56 26.98 -4.81
C MET D 114 19.80 26.86 -3.51
N PHE D 115 20.60 26.69 -2.47
CA PHE D 115 20.18 26.44 -1.10
C PHE D 115 21.01 27.37 -0.18
N ILE D 116 20.32 28.16 0.65
CA ILE D 116 21.00 29.17 1.50
C ILE D 116 20.54 29.08 2.93
N PRO D 117 21.04 28.08 3.67
CA PRO D 117 20.75 27.98 5.11
C PRO D 117 21.46 29.09 5.95
N ALA D 118 20.65 29.90 6.61
CA ALA D 118 21.12 30.76 7.71
C ALA D 118 21.40 29.93 8.97
N GLN D 119 22.57 30.16 9.59
CA GLN D 119 23.05 29.33 10.69
C GLN D 119 23.66 30.12 11.87
N ARG D 120 23.48 29.62 13.08
CA ARG D 120 24.32 30.01 14.21
C ARG D 120 25.31 28.93 14.55
N LEU D 121 26.58 29.33 14.52
CA LEU D 121 27.73 28.45 14.77
C LEU D 121 28.57 28.85 15.98
N SER D 122 28.79 27.88 16.88
CA SER D 122 29.84 27.95 17.89
C SER D 122 31.03 27.15 17.43
N PHE D 123 32.17 27.82 17.27
CA PHE D 123 33.43 27.17 16.88
C PHE D 123 34.67 27.55 17.74
N MET D 124 35.74 26.77 17.55
CA MET D 124 36.95 26.88 18.38
C MET D 124 37.73 28.13 18.00
N CYS D 125 37.87 29.05 18.95
CA CYS D 125 38.54 30.31 18.68
C CYS D 125 38.98 31.01 20.00
N ASP D 126 40.29 31.19 20.15
CA ASP D 126 40.90 31.99 21.22
C ASP D 126 40.80 33.47 20.88
N PRO D 127 39.96 34.19 21.62
CA PRO D 127 39.73 35.60 21.35
C PRO D 127 40.71 36.56 22.07
N THR D 128 41.71 36.03 22.78
CA THR D 128 42.77 36.87 23.37
C THR D 128 43.27 37.90 22.36
N GLY D 129 43.23 39.17 22.78
CA GLY D 129 43.64 40.30 21.94
C GLY D 129 42.50 40.99 21.21
N VAL D 130 41.28 40.51 21.44
CA VAL D 130 40.08 41.05 20.79
C VAL D 130 39.82 42.51 21.15
N ASP D 131 40.30 42.94 22.31
CA ASP D 131 40.11 44.32 22.82
C ASP D 131 41.16 45.32 22.29
N SER D 132 42.05 44.85 21.42
CA SER D 132 43.08 45.69 20.90
C SER D 132 42.71 46.15 19.51
N GLU D 133 43.43 47.17 19.06
CA GLU D 133 43.32 47.72 17.72
C GLU D 133 43.68 46.67 16.65
N GLU D 134 44.54 45.72 17.02
CA GLU D 134 45.01 44.66 16.12
C GLU D 134 44.01 43.56 15.98
N GLY D 135 43.08 43.48 16.92
CA GLY D 135 42.10 42.48 16.87
C GLY D 135 42.68 41.10 16.94
N VAL D 136 41.85 40.14 16.50
CA VAL D 136 42.20 38.75 16.58
C VAL D 136 41.71 38.04 15.35
N THR D 137 42.43 36.98 15.03
CA THR D 137 42.11 36.14 13.90
C THR D 137 41.71 34.75 14.35
N CYS D 138 40.57 34.31 13.83
CA CYS D 138 40.14 32.92 13.95
C CYS D 138 39.79 32.31 12.60
N ALA D 139 39.69 31.00 12.59
CA ALA D 139 39.44 30.23 11.39
C ALA D 139 38.61 29.00 11.66
N VAL D 140 37.76 28.71 10.71
CA VAL D 140 37.04 27.44 10.70
C VAL D 140 36.90 26.94 9.25
N LYS D 141 37.29 25.67 9.05
CA LYS D 141 37.17 24.95 7.79
C LYS D 141 35.74 24.31 7.61
N PHE D 142 35.23 24.42 6.39
CA PHE D 142 33.93 23.86 6.03
C PHE D 142 34.17 22.89 4.91
N GLY D 143 33.49 21.75 4.97
CA GLY D 143 33.49 20.83 3.85
C GLY D 143 32.53 19.69 4.01
N SER D 144 32.60 18.76 3.06
CA SER D 144 31.89 17.51 3.18
C SER D 144 32.45 16.69 4.33
N TRP D 145 31.56 16.01 5.06
CA TRP D 145 32.00 15.09 6.11
C TRP D 145 32.49 13.76 5.56
N VAL D 146 31.82 13.26 4.52
CA VAL D 146 32.08 11.89 4.07
C VAL D 146 32.64 11.73 2.66
N TYR D 147 32.51 12.77 1.82
CA TYR D 147 32.91 12.69 0.42
C TYR D 147 34.27 13.37 0.20
N SER D 148 35.16 12.64 -0.44
CA SER D 148 36.44 13.23 -0.81
C SER D 148 36.29 14.14 -2.02
N GLY D 149 37.40 14.81 -2.38
CA GLY D 149 37.55 15.61 -3.61
C GLY D 149 37.29 14.86 -4.91
N PHE D 150 37.32 13.53 -4.88
CA PHE D 150 36.92 12.72 -6.05
C PHE D 150 35.42 12.66 -6.31
N GLU D 151 34.63 12.95 -5.27
CA GLU D 151 33.17 12.90 -5.33
C GLU D 151 32.59 14.28 -5.23
N ILE D 152 33.08 15.07 -4.28
CA ILE D 152 32.68 16.46 -4.19
C ILE D 152 33.88 17.37 -4.21
N ASP D 153 33.87 18.22 -5.23
CA ASP D 153 34.84 19.29 -5.32
C ASP D 153 34.16 20.56 -4.80
N LEU D 154 34.84 21.32 -3.98
CA LEU D 154 34.35 22.65 -3.59
C LEU D 154 34.95 23.75 -4.38
N LYS D 155 34.18 24.82 -4.50
CA LYS D 155 34.64 26.01 -5.16
C LYS D 155 34.04 27.23 -4.41
N THR D 156 34.72 28.37 -4.53
CA THR D 156 34.16 29.68 -4.18
C THR D 156 34.17 30.52 -5.44
N ASP D 157 33.21 31.40 -5.62
CA ASP D 157 33.29 32.36 -6.72
C ASP D 157 34.22 33.51 -6.38
N THR D 158 34.44 33.74 -5.08
CA THR D 158 35.39 34.75 -4.63
C THR D 158 36.02 34.33 -3.30
N ASP D 159 37.22 34.85 -3.06
CA ASP D 159 37.86 34.69 -1.78
C ASP D 159 37.41 35.68 -0.68
N GLN D 160 36.57 36.64 -1.08
CA GLN D 160 36.08 37.66 -0.19
C GLN D 160 34.72 37.28 0.36
N VAL D 161 34.67 37.11 1.68
CA VAL D 161 33.40 36.93 2.41
C VAL D 161 32.54 38.17 2.20
N ASP D 162 31.26 37.94 1.91
CA ASP D 162 30.30 39.03 1.74
C ASP D 162 29.94 39.62 3.14
N LEU D 163 30.31 40.88 3.31
CA LEU D 163 30.07 41.60 4.55
C LEU D 163 29.06 42.72 4.35
N SER D 164 28.42 42.75 3.20
CA SER D 164 27.49 43.82 2.88
C SER D 164 26.23 43.82 3.80
N SER D 165 25.98 42.72 4.50
CA SER D 165 24.88 42.63 5.46
C SER D 165 25.39 42.47 6.89
N TYR D 166 26.70 42.62 7.13
CA TYR D 166 27.22 42.51 8.51
C TYR D 166 26.53 43.57 9.42
N TYR D 167 26.16 43.14 10.62
CA TYR D 167 25.38 44.00 11.55
C TYR D 167 26.23 45.22 12.02
N ALA D 168 25.75 46.41 11.70
CA ALA D 168 26.55 47.62 11.86
C ALA D 168 26.72 48.01 13.32
N SER D 169 25.86 47.50 14.20
CA SER D 169 25.99 47.75 15.63
C SER D 169 26.42 46.52 16.44
N SER D 170 27.03 45.53 15.77
CA SER D 170 27.61 44.39 16.40
C SER D 170 28.58 44.84 17.46
N LYS D 171 28.74 44.05 18.52
CA LYS D 171 29.83 44.28 19.45
C LYS D 171 31.19 44.15 18.79
N TYR D 172 31.28 43.48 17.64
CA TYR D 172 32.56 43.17 17.02
C TYR D 172 32.59 43.67 15.58
N GLU D 173 33.60 44.49 15.28
CA GLU D 173 33.87 44.87 13.90
C GLU D 173 34.84 43.92 13.15
N ILE D 174 34.59 43.78 11.85
CA ILE D 174 35.36 42.89 10.98
C ILE D 174 36.48 43.68 10.35
N LEU D 175 37.70 43.18 10.53
CA LEU D 175 38.90 43.79 9.93
C LEU D 175 39.16 43.10 8.60
N SER D 176 39.00 41.80 8.55
CA SER D 176 38.89 41.10 7.28
C SER D 176 38.20 39.74 7.44
N ALA D 177 37.70 39.26 6.32
CA ALA D 177 36.96 38.01 6.33
C ALA D 177 37.12 37.38 4.97
N THR D 178 37.81 36.24 4.95
CA THR D 178 38.12 35.54 3.70
C THR D 178 37.62 34.09 3.67
N GLN D 179 37.40 33.60 2.46
CA GLN D 179 36.88 32.23 2.25
C GLN D 179 37.70 31.59 1.12
N THR D 180 38.55 30.63 1.52
CA THR D 180 39.61 30.18 0.66
C THR D 180 39.58 28.67 0.51
N ARG D 181 39.50 28.22 -0.74
CA ARG D 181 39.53 26.78 -1.04
C ARG D 181 40.89 26.21 -0.67
N GLN D 182 40.87 25.07 -0.01
CA GLN D 182 42.07 24.35 0.35
C GLN D 182 42.01 22.93 -0.16
N VAL D 183 43.19 22.41 -0.50
CA VAL D 183 43.33 21.03 -0.91
C VAL D 183 44.32 20.38 0.02
N GLN D 184 43.84 19.39 0.76
CA GLN D 184 44.63 18.71 1.78
C GLN D 184 44.93 17.31 1.25
N HIS D 185 46.09 16.81 1.60
CA HIS D 185 46.51 15.42 1.31
C HIS D 185 46.98 14.77 2.61
N TYR D 186 46.36 13.66 2.99
CA TYR D 186 46.70 12.96 4.22
C TYR D 186 47.41 11.64 3.94
N SER D 187 48.01 11.10 5.00
CA SER D 187 48.97 10.00 4.90
C SER D 187 48.27 8.64 4.76
N CYS D 188 47.13 8.51 5.44
CA CYS D 188 46.24 7.34 5.30
C CYS D 188 45.74 7.13 3.88
N CYS D 189 45.44 8.24 3.23
CA CYS D 189 44.39 8.31 2.27
C CYS D 189 44.94 8.77 0.92
N PRO D 190 44.79 7.93 -0.12
CA PRO D 190 45.20 8.28 -1.49
C PRO D 190 44.46 9.44 -2.12
N GLU D 191 43.26 9.73 -1.63
CA GLU D 191 42.37 10.68 -2.31
C GLU D 191 42.53 12.10 -1.74
N PRO D 192 42.34 13.12 -2.58
CA PRO D 192 42.41 14.52 -2.13
C PRO D 192 41.18 14.98 -1.31
N TYR D 193 41.41 15.90 -0.36
CA TYR D 193 40.36 16.40 0.53
C TYR D 193 40.23 17.92 0.44
N ILE D 194 39.05 18.39 0.08
CA ILE D 194 38.80 19.80 -0.20
C ILE D 194 37.97 20.44 0.92
N ASP D 195 38.41 21.61 1.34
CA ASP D 195 37.67 22.45 2.26
C ASP D 195 37.69 23.90 1.83
N VAL D 196 36.80 24.68 2.44
CA VAL D 196 36.83 26.11 2.39
C VAL D 196 37.11 26.62 3.81
N ASN D 197 38.30 27.23 3.93
CA ASN D 197 38.75 27.91 5.14
C ASN D 197 38.15 29.32 5.28
N LEU D 198 37.35 29.52 6.31
CA LEU D 198 36.79 30.83 6.62
C LEU D 198 37.67 31.48 7.70
N VAL D 199 38.33 32.58 7.34
CA VAL D 199 39.30 33.24 8.20
C VAL D 199 38.78 34.65 8.49
N VAL D 200 38.47 34.91 9.76
CA VAL D 200 37.93 36.18 10.21
C VAL D 200 38.84 36.86 11.23
N LYS D 201 39.19 38.09 10.90
CA LYS D 201 39.95 38.98 11.75
C LYS D 201 38.97 40.03 12.26
N PHE D 202 38.84 40.12 13.57
CA PHE D 202 37.86 41.00 14.20
C PHE D 202 38.36 41.58 15.54
N ARG D 203 37.69 42.65 15.97
CA ARG D 203 37.96 43.26 17.28
C ARG D 203 36.68 43.83 17.86
N GLU D 204 36.74 44.16 19.13
CA GLU D 204 35.68 44.96 19.79
C GLU D 204 35.53 46.31 19.09
N ARG D 205 34.32 46.61 18.62
CA ARG D 205 33.81 47.98 18.42
C ARG D 205 32.59 47.93 17.53
N GLN E 1 25.08 7.44 -11.33
CA GLN E 1 23.97 7.38 -10.34
C GLN E 1 23.15 6.13 -10.57
N ALA E 2 22.98 5.74 -11.83
CA ALA E 2 22.25 4.54 -12.21
C ALA E 2 22.71 3.30 -11.47
N ASN E 3 24.00 2.99 -11.57
CA ASN E 3 24.59 1.81 -10.90
C ASN E 3 24.46 1.84 -9.36
N LEU E 4 24.72 2.97 -8.73
CA LEU E 4 24.58 3.12 -7.28
C LEU E 4 23.14 3.01 -6.79
N MET E 5 22.24 3.68 -7.48
CA MET E 5 20.80 3.46 -7.30
C MET E 5 20.43 1.97 -7.31
N ARG E 6 20.95 1.23 -8.29
CA ARG E 6 20.73 -0.22 -8.34
C ARG E 6 21.29 -0.92 -7.12
N LEU E 7 22.52 -0.56 -6.78
CA LEU E 7 23.24 -1.13 -5.62
C LEU E 7 22.46 -0.91 -4.33
N LYS E 8 22.10 0.32 -4.04
CA LYS E 8 21.34 0.62 -2.81
C LYS E 8 19.98 -0.12 -2.77
N SER E 9 19.26 -0.14 -3.89
CA SER E 9 18.03 -0.90 -3.97
C SER E 9 18.24 -2.37 -3.64
N ASP E 10 19.25 -2.97 -4.24
CA ASP E 10 19.55 -4.38 -3.99
C ASP E 10 20.05 -4.66 -2.55
N LEU E 11 20.94 -3.83 -2.02
CA LEU E 11 21.41 -3.97 -0.65
C LEU E 11 20.35 -3.67 0.43
N PHE E 12 19.46 -2.73 0.18
CA PHE E 12 18.57 -2.26 1.23
C PHE E 12 17.12 -2.65 1.11
N ASN E 13 16.60 -2.70 -0.11
CA ASN E 13 15.17 -2.91 -0.33
C ASN E 13 14.77 -4.37 -0.67
N ARG E 14 15.57 -5.36 -0.28
CA ARG E 14 15.32 -6.81 -0.59
C ARG E 14 15.04 -7.74 0.62
N SER E 15 15.71 -7.48 1.74
CA SER E 15 15.67 -8.33 2.92
C SER E 15 15.46 -7.37 4.09
N PRO E 16 15.04 -7.90 5.27
CA PRO E 16 14.89 -6.99 6.43
C PRO E 16 16.24 -6.47 6.86
N MET E 17 16.25 -5.37 7.61
CA MET E 17 17.53 -4.88 8.14
C MET E 17 18.22 -5.94 9.02
N TYR E 18 19.54 -5.90 8.98
CA TYR E 18 20.39 -6.65 9.88
C TYR E 18 19.88 -6.48 11.33
N PRO E 19 19.62 -7.58 12.06
CA PRO E 19 19.10 -7.48 13.42
C PRO E 19 20.15 -7.19 14.47
N GLY E 20 21.36 -6.82 14.06
CA GLY E 20 22.48 -6.75 14.98
C GLY E 20 23.13 -8.11 15.23
N PRO E 21 24.31 -8.09 15.85
CA PRO E 21 25.05 -9.34 16.16
C PRO E 21 24.38 -10.24 17.21
N THR E 22 24.69 -11.53 17.15
CA THR E 22 24.37 -12.47 18.24
C THR E 22 25.64 -13.26 18.58
N LYS E 23 25.56 -14.13 19.56
CA LYS E 23 26.70 -14.96 19.95
C LYS E 23 27.11 -15.92 18.82
N ASP E 24 26.15 -16.31 18.00
CA ASP E 24 26.39 -17.15 16.84
C ASP E 24 26.80 -16.39 15.57
N ASP E 25 26.62 -15.07 15.59
CA ASP E 25 27.07 -14.17 14.54
C ASP E 25 27.69 -12.92 15.20
N PRO E 26 28.84 -13.09 15.89
CA PRO E 26 29.44 -11.95 16.58
C PRO E 26 30.12 -10.99 15.60
N LEU E 27 30.43 -9.79 16.03
CA LEU E 27 31.24 -8.91 15.22
C LEU E 27 32.19 -8.09 16.07
N THR E 28 33.22 -7.58 15.42
CA THR E 28 34.23 -6.78 16.03
C THR E 28 33.99 -5.36 15.58
N VAL E 29 33.98 -4.45 16.53
CA VAL E 29 33.92 -3.04 16.26
C VAL E 29 35.26 -2.44 16.64
N THR E 30 35.91 -1.78 15.70
CA THR E 30 37.16 -1.10 16.01
C THR E 30 36.86 0.39 16.23
N LEU E 31 37.24 0.86 17.43
CA LEU E 31 37.18 2.29 17.83
C LEU E 31 38.54 3.03 17.81
N GLY E 32 38.44 4.31 17.47
CA GLY E 32 39.57 5.21 17.42
C GLY E 32 39.10 6.64 17.70
N PHE E 33 39.73 7.30 18.66
CA PHE E 33 39.39 8.68 18.95
C PHE E 33 40.34 9.69 18.38
N THR E 34 39.78 10.76 17.84
CA THR E 34 40.55 11.95 17.50
C THR E 34 40.07 13.06 18.38
N LEU E 35 40.91 13.50 19.31
CA LEU E 35 40.50 14.48 20.30
C LEU E 35 40.82 15.86 19.79
N GLN E 36 39.77 16.67 19.70
CA GLN E 36 39.88 17.98 19.11
C GLN E 36 40.01 19.13 20.14
N ASP E 37 39.34 19.01 21.26
CA ASP E 37 39.37 20.09 22.23
C ASP E 37 38.79 19.64 23.55
N ILE E 38 39.41 20.07 24.64
CA ILE E 38 38.71 20.17 25.93
C ILE E 38 38.15 21.58 25.96
N VAL E 39 36.82 21.70 25.91
CA VAL E 39 36.19 22.99 25.75
C VAL E 39 35.99 23.68 27.12
N LYS E 40 35.52 22.92 28.10
CA LYS E 40 35.07 23.45 29.38
C LYS E 40 35.37 22.48 30.52
N VAL E 41 35.64 23.06 31.68
CA VAL E 41 35.83 22.37 32.91
C VAL E 41 34.84 23.04 33.88
N ASP E 42 34.10 22.25 34.65
CA ASP E 42 33.20 22.81 35.66
C ASP E 42 33.49 22.17 37.03
N SER E 43 34.21 22.91 37.88
CA SER E 43 34.66 22.38 39.16
C SER E 43 33.60 22.48 40.24
N SER E 44 32.50 23.17 39.96
CA SER E 44 31.37 23.14 40.86
C SER E 44 30.45 21.91 40.64
N THR E 45 30.57 21.23 39.49
CA THR E 45 29.78 20.01 39.23
C THR E 45 30.64 18.77 38.95
N ASN E 46 31.93 19.01 38.78
CA ASN E 46 32.88 18.02 38.29
C ASN E 46 32.42 17.40 36.97
N GLU E 47 32.11 18.28 36.01
CA GLU E 47 31.86 17.92 34.62
C GLU E 47 32.91 18.58 33.70
N VAL E 48 33.42 17.78 32.76
CA VAL E 48 34.29 18.25 31.70
C VAL E 48 33.66 18.01 30.31
N ASP E 49 33.83 18.98 29.42
CA ASP E 49 33.28 18.91 28.06
C ASP E 49 34.43 18.65 27.08
N LEU E 50 34.32 17.55 26.34
CA LEU E 50 35.24 17.18 25.23
C LEU E 50 34.54 17.27 23.89
N VAL E 51 35.29 17.65 22.85
CA VAL E 51 34.89 17.53 21.45
C VAL E 51 35.92 16.59 20.76
N TYR E 52 35.40 15.54 20.14
CA TYR E 52 36.18 14.54 19.47
C TYR E 52 35.43 13.92 18.27
N TYR E 53 36.21 13.26 17.41
CA TYR E 53 35.72 12.35 16.38
C TYR E 53 35.91 10.89 16.82
N GLU E 54 34.84 10.13 16.78
CA GLU E 54 34.88 8.73 17.16
C GLU E 54 34.75 7.87 15.91
N GLN E 55 35.87 7.38 15.44
CA GLN E 55 35.89 6.47 14.30
C GLN E 55 35.41 5.09 14.76
N GLN E 56 34.35 4.61 14.13
CA GLN E 56 33.84 3.25 14.31
C GLN E 56 33.95 2.46 12.97
N ARG E 57 34.44 1.24 13.07
CA ARG E 57 34.61 0.35 11.90
C ARG E 57 34.10 -1.04 12.21
N TRP E 58 33.38 -1.61 11.26
CA TRP E 58 32.94 -2.98 11.39
C TRP E 58 32.64 -3.52 10.00
N LYS E 59 32.28 -4.79 9.93
CA LYS E 59 32.11 -5.50 8.67
C LYS E 59 30.91 -6.44 8.76
N LEU E 60 30.00 -6.37 7.78
CA LEU E 60 28.87 -7.29 7.63
C LEU E 60 28.89 -7.98 6.26
N ASN E 61 28.69 -9.29 6.29
CA ASN E 61 28.50 -10.10 5.07
C ASN E 61 27.36 -9.62 4.19
N SER E 62 26.28 -9.19 4.83
CA SER E 62 25.04 -8.73 4.19
C SER E 62 25.20 -7.41 3.42
N LEU E 63 26.33 -6.74 3.61
CA LEU E 63 26.59 -5.49 2.91
C LEU E 63 27.65 -5.66 1.80
N MET E 64 28.03 -6.89 1.53
CA MET E 64 28.99 -7.15 0.47
C MET E 64 28.37 -7.15 -0.94
N TRP E 65 29.18 -6.74 -1.92
CA TRP E 65 28.82 -6.91 -3.31
C TRP E 65 30.06 -7.03 -4.22
N ASP E 66 29.83 -7.58 -5.39
CA ASP E 66 30.82 -7.66 -6.45
C ASP E 66 30.80 -6.37 -7.24
N PRO E 67 31.87 -5.58 -7.17
CA PRO E 67 31.89 -4.33 -7.92
C PRO E 67 31.67 -4.48 -9.44
N ASN E 68 32.13 -5.59 -10.02
CA ASN E 68 31.99 -5.82 -11.47
C ASN E 68 30.52 -5.76 -11.92
N GLU E 69 29.63 -6.12 -11.01
CA GLU E 69 28.19 -6.08 -11.24
C GLU E 69 27.52 -4.74 -11.04
N TYR E 70 28.29 -3.75 -10.60
CA TYR E 70 27.70 -2.46 -10.29
C TYR E 70 28.62 -1.37 -10.77
N GLY E 71 29.07 -1.50 -12.04
CA GLY E 71 29.89 -0.48 -12.72
C GLY E 71 31.19 -0.10 -12.01
N ASN E 72 31.94 -1.13 -11.59
CA ASN E 72 33.04 -1.10 -10.58
C ASN E 72 32.92 -0.14 -9.39
N ILE E 73 31.72 0.01 -8.84
CA ILE E 73 31.55 0.75 -7.57
C ILE E 73 32.20 -0.07 -6.48
N THR E 74 33.14 0.56 -5.76
CA THR E 74 33.88 -0.12 -4.68
C THR E 74 33.42 0.28 -3.26
N ASP E 75 32.81 1.45 -3.15
CA ASP E 75 32.26 1.93 -1.90
C ASP E 75 31.23 3.04 -2.19
N PHE E 76 30.45 3.40 -1.16
CA PHE E 76 29.47 4.44 -1.29
C PHE E 76 29.09 5.01 0.09
N ARG E 77 28.52 6.20 0.06
CA ARG E 77 28.02 6.92 1.20
C ARG E 77 26.51 6.80 1.30
N THR E 78 26.08 6.61 2.54
CA THR E 78 24.69 6.46 2.78
C THR E 78 24.38 6.84 4.22
N SER E 79 23.16 7.33 4.40
CA SER E 79 22.60 7.64 5.68
C SER E 79 22.77 6.49 6.66
N ALA E 80 23.20 6.86 7.87
CA ALA E 80 23.36 5.89 8.98
C ALA E 80 22.07 5.23 9.38
N ALA E 81 20.95 5.87 9.05
CA ALA E 81 19.64 5.24 9.20
C ALA E 81 19.34 4.11 8.20
N ASP E 82 20.10 4.03 7.11
CA ASP E 82 19.95 2.95 6.12
C ASP E 82 20.53 1.61 6.59
N ILE E 83 21.43 1.66 7.57
CA ILE E 83 22.16 0.49 8.05
C ILE E 83 22.05 0.31 9.58
N TRP E 84 22.44 -0.86 10.04
CA TRP E 84 22.65 -1.12 11.46
C TRP E 84 23.92 -0.41 11.89
N THR E 85 23.91 0.12 13.11
CA THR E 85 25.09 0.75 13.69
C THR E 85 25.20 0.31 15.16
N PRO E 86 26.45 0.16 15.65
CA PRO E 86 26.67 -0.28 17.03
C PRO E 86 26.25 0.75 18.07
N ASP E 87 25.83 0.25 19.20
CA ASP E 87 25.27 1.08 20.24
C ASP E 87 26.38 1.56 21.20
N ILE E 88 27.45 2.10 20.63
CA ILE E 88 28.65 2.48 21.40
C ILE E 88 28.35 3.75 22.17
N THR E 89 28.41 3.63 23.51
CA THR E 89 28.09 4.72 24.42
C THR E 89 29.23 5.03 25.41
N ALA E 90 29.34 6.29 25.81
CA ALA E 90 30.14 6.71 26.94
C ALA E 90 29.39 6.41 28.23
N TYR E 91 29.99 5.64 29.13
CA TYR E 91 29.33 5.22 30.36
C TYR E 91 29.21 6.26 31.48
N SER E 92 29.94 7.37 31.38
CA SER E 92 29.93 8.36 32.48
C SER E 92 29.60 9.77 32.00
N SER E 93 28.78 9.84 30.96
CA SER E 93 28.26 11.10 30.49
C SER E 93 27.27 11.69 31.50
N THR E 94 27.18 13.02 31.50
CA THR E 94 26.24 13.70 32.37
C THR E 94 25.15 14.44 31.61
N ARG E 95 25.26 14.49 30.28
CA ARG E 95 24.26 15.09 29.37
C ARG E 95 24.17 14.23 28.11
N PRO E 96 23.04 14.33 27.38
CA PRO E 96 22.99 13.67 26.07
C PRO E 96 24.12 14.13 25.21
N VAL E 97 24.71 13.18 24.53
CA VAL E 97 25.81 13.51 23.63
C VAL E 97 25.27 14.41 22.53
N GLN E 98 26.01 15.45 22.19
CA GLN E 98 25.65 16.28 21.07
C GLN E 98 26.46 15.91 19.83
N VAL E 99 25.73 15.59 18.77
CA VAL E 99 26.28 15.23 17.50
C VAL E 99 26.54 16.49 16.64
N LEU E 100 27.75 16.57 16.11
CA LEU E 100 28.21 17.74 15.40
C LEU E 100 28.37 17.51 13.89
N SER E 101 28.35 16.28 13.45
CA SER E 101 28.62 15.95 12.06
C SER E 101 27.38 15.22 11.50
N PRO E 102 27.28 15.12 10.17
CA PRO E 102 26.16 14.40 9.57
C PRO E 102 26.19 12.90 9.83
N GLN E 103 25.02 12.31 9.95
CA GLN E 103 24.89 10.89 10.27
C GLN E 103 24.91 10.10 8.94
N ILE E 104 26.12 9.95 8.41
CA ILE E 104 26.37 9.31 7.12
C ILE E 104 27.57 8.43 7.26
N ALA E 105 27.47 7.22 6.72
CA ALA E 105 28.53 6.22 6.77
C ALA E 105 29.07 5.91 5.39
N VAL E 106 30.21 5.24 5.36
CA VAL E 106 30.84 4.77 4.13
C VAL E 106 30.82 3.23 4.13
N VAL E 107 30.21 2.67 3.08
CA VAL E 107 30.17 1.22 2.92
C VAL E 107 31.09 0.79 1.77
N THR E 108 31.87 -0.25 2.03
CA THR E 108 32.83 -0.74 1.07
C THR E 108 32.38 -2.13 0.64
N HIS E 109 32.80 -2.52 -0.56
CA HIS E 109 32.22 -3.68 -1.24
C HIS E 109 32.48 -4.99 -0.54
N ASP E 110 33.45 -5.00 0.36
CA ASP E 110 33.71 -6.21 1.14
C ASP E 110 32.83 -6.27 2.41
N GLY E 111 31.85 -5.37 2.53
CA GLY E 111 30.87 -5.40 3.65
C GLY E 111 31.29 -4.52 4.83
N SER E 112 32.38 -3.80 4.61
CA SER E 112 33.03 -2.99 5.62
C SER E 112 32.33 -1.63 5.79
N VAL E 113 32.11 -1.22 7.03
CA VAL E 113 31.48 0.05 7.32
C VAL E 113 32.39 0.92 8.18
N MET E 114 32.54 2.20 7.78
CA MET E 114 33.20 3.22 8.58
C MET E 114 32.24 4.39 8.84
N PHE E 115 32.04 4.65 10.12
CA PHE E 115 31.18 5.71 10.58
C PHE E 115 31.97 6.54 11.60
N ILE E 116 32.02 7.86 11.37
CA ILE E 116 32.82 8.74 12.24
C ILE E 116 32.04 9.90 12.81
N PRO E 117 31.18 9.65 13.80
CA PRO E 117 30.49 10.81 14.39
C PRO E 117 31.38 11.77 15.21
N ALA E 118 31.32 13.07 14.89
CA ALA E 118 31.89 14.10 15.76
C ALA E 118 30.86 14.40 16.89
N GLN E 119 31.39 14.52 18.10
CA GLN E 119 30.58 14.60 19.32
C GLN E 119 31.16 15.60 20.34
N ARG E 120 30.25 16.37 20.91
CA ARG E 120 30.48 17.08 22.17
C ARG E 120 29.91 16.26 23.35
N LEU E 121 30.79 15.90 24.29
CA LEU E 121 30.46 15.08 25.44
C LEU E 121 30.70 15.79 26.76
N SER E 122 29.70 15.87 27.63
CA SER E 122 29.91 16.23 29.04
C SER E 122 30.01 14.97 29.89
N PHE E 123 31.13 14.83 30.61
CA PHE E 123 31.36 13.63 31.42
C PHE E 123 31.93 13.91 32.82
N MET E 124 31.85 12.90 33.65
CA MET E 124 32.22 13.00 35.06
C MET E 124 33.72 13.06 35.23
N CYS E 125 34.18 14.21 35.69
CA CYS E 125 35.59 14.48 35.83
C CYS E 125 35.87 15.60 36.88
N ASP E 126 36.60 15.23 37.94
CA ASP E 126 37.13 16.19 38.92
C ASP E 126 38.36 16.89 38.34
N PRO E 127 38.26 18.18 38.02
CA PRO E 127 39.37 18.98 37.45
C PRO E 127 40.26 19.68 38.49
N THR E 128 40.22 19.18 39.73
CA THR E 128 41.03 19.72 40.81
C THR E 128 42.47 19.42 40.50
N GLY E 129 43.28 20.47 40.36
CA GLY E 129 44.67 20.30 39.95
C GLY E 129 45.02 20.67 38.51
N VAL E 130 44.03 21.08 37.74
CA VAL E 130 44.19 21.38 36.32
C VAL E 130 45.06 22.63 36.08
N ASP E 131 45.02 23.55 37.04
CA ASP E 131 45.81 24.79 37.00
C ASP E 131 47.26 24.61 37.50
N SER E 132 47.76 23.37 37.54
CA SER E 132 49.12 23.08 37.92
C SER E 132 49.90 22.37 36.79
N GLU E 133 51.23 22.38 36.92
CA GLU E 133 52.16 21.83 35.94
C GLU E 133 51.85 20.36 35.72
N GLU E 134 51.51 19.66 36.79
CA GLU E 134 51.24 18.21 36.70
C GLU E 134 49.88 17.96 36.01
N GLY E 135 48.97 18.93 36.21
CA GLY E 135 47.63 18.88 35.64
C GLY E 135 46.75 17.83 36.29
N VAL E 136 45.82 17.28 35.51
CA VAL E 136 44.81 16.37 36.04
C VAL E 136 44.46 15.24 35.06
N THR E 137 44.15 14.06 35.58
CA THR E 137 43.74 12.91 34.77
C THR E 137 42.25 12.65 34.93
N CYS E 138 41.59 12.40 33.80
CA CYS E 138 40.18 12.01 33.73
C CYS E 138 40.00 10.86 32.80
N ALA E 139 38.98 10.06 33.05
CA ALA E 139 38.74 8.88 32.24
C ALA E 139 37.27 8.70 31.95
N VAL E 140 37.00 8.17 30.76
CA VAL E 140 35.66 7.75 30.40
C VAL E 140 35.69 6.46 29.58
N LYS E 141 34.82 5.53 29.94
CA LYS E 141 34.73 4.22 29.31
C LYS E 141 33.67 4.28 28.21
N PHE E 142 33.96 3.60 27.11
CA PHE E 142 33.06 3.46 26.01
C PHE E 142 32.82 1.98 25.77
N GLY E 143 31.56 1.62 25.54
CA GLY E 143 31.20 0.30 25.05
C GLY E 143 29.77 0.25 24.56
N SER E 144 29.38 -0.90 24.02
CA SER E 144 28.00 -1.29 23.88
C SER E 144 27.20 -1.13 25.19
N TRP E 145 25.93 -0.79 25.00
CA TRP E 145 24.96 -0.68 26.05
C TRP E 145 24.29 -2.00 26.33
N VAL E 146 24.18 -2.89 25.34
CA VAL E 146 23.45 -4.14 25.55
C VAL E 146 24.18 -5.43 25.17
N TYR E 147 25.33 -5.33 24.48
CA TYR E 147 26.01 -6.53 23.90
C TYR E 147 27.25 -6.92 24.71
N SER E 148 27.36 -8.21 25.04
CA SER E 148 28.55 -8.70 25.71
C SER E 148 29.71 -8.82 24.71
N GLY E 149 30.85 -9.30 25.19
CA GLY E 149 32.04 -9.49 24.38
C GLY E 149 31.90 -10.64 23.41
N PHE E 150 30.99 -11.55 23.70
CA PHE E 150 30.65 -12.66 22.78
C PHE E 150 29.80 -12.24 21.57
N GLU E 151 29.35 -10.98 21.55
CA GLU E 151 28.45 -10.45 20.53
C GLU E 151 29.14 -9.31 19.79
N ILE E 152 29.63 -8.33 20.54
CA ILE E 152 30.45 -7.25 19.99
C ILE E 152 31.78 -7.29 20.73
N ASP E 153 32.85 -7.55 20.00
CA ASP E 153 34.21 -7.46 20.54
C ASP E 153 34.65 -6.03 20.22
N LEU E 154 35.29 -5.36 21.14
CA LEU E 154 35.74 -4.03 20.84
C LEU E 154 37.23 -4.08 20.77
N LYS E 155 37.81 -3.34 19.83
CA LYS E 155 39.24 -3.23 19.77
C LYS E 155 39.66 -1.85 19.24
N THR E 156 40.93 -1.51 19.43
CA THR E 156 41.52 -0.28 18.95
C THR E 156 42.68 -0.68 18.02
N ASP E 157 43.12 0.17 17.10
CA ASP E 157 44.33 -0.14 16.32
C ASP E 157 45.57 0.42 16.99
N THR E 158 45.37 1.29 17.98
CA THR E 158 46.49 1.90 18.68
C THR E 158 45.94 2.37 20.01
N ASP E 159 46.79 2.43 21.03
CA ASP E 159 46.37 2.92 22.34
C ASP E 159 46.59 4.42 22.43
N GLN E 160 47.20 4.99 21.39
CA GLN E 160 47.41 6.41 21.34
C GLN E 160 46.24 7.09 20.65
N VAL E 161 45.57 7.94 21.42
CA VAL E 161 44.57 8.86 20.86
C VAL E 161 45.21 9.78 19.81
N ASP E 162 44.54 10.01 18.69
CA ASP E 162 45.06 10.91 17.67
C ASP E 162 44.83 12.39 18.09
N LEU E 163 45.94 13.10 18.30
CA LEU E 163 45.98 14.49 18.71
C LEU E 163 46.49 15.41 17.62
N SER E 164 46.60 14.90 16.39
CA SER E 164 47.07 15.67 15.25
C SER E 164 46.11 16.83 14.94
N SER E 165 44.81 16.68 15.24
CA SER E 165 43.83 17.75 15.07
C SER E 165 43.41 18.48 16.39
N TYR E 166 44.11 18.21 17.48
CA TYR E 166 43.88 18.94 18.74
C TYR E 166 44.05 20.45 18.55
N TYR E 167 43.06 21.22 19.00
CA TYR E 167 43.05 22.66 18.86
C TYR E 167 44.25 23.27 19.60
N ALA E 168 45.07 24.00 18.87
CA ALA E 168 46.36 24.48 19.36
C ALA E 168 46.20 25.65 20.31
N SER E 169 45.04 26.33 20.27
CA SER E 169 44.77 27.43 21.21
C SER E 169 43.66 27.12 22.20
N SER E 170 43.35 25.84 22.36
CA SER E 170 42.51 25.39 23.46
C SER E 170 42.97 25.97 24.80
N LYS E 171 42.02 26.20 25.71
CA LYS E 171 42.38 26.63 27.05
C LYS E 171 43.22 25.59 27.78
N TYR E 172 43.11 24.32 27.35
CA TYR E 172 43.72 23.16 28.05
C TYR E 172 44.75 22.49 27.17
N GLU E 173 45.92 22.22 27.74
CA GLU E 173 47.02 21.54 27.07
C GLU E 173 46.84 20.05 27.35
N ILE E 174 46.98 19.20 26.33
CA ILE E 174 46.99 17.74 26.56
C ILE E 174 48.38 17.20 26.90
N LEU E 175 48.46 16.45 27.99
CA LEU E 175 49.73 15.90 28.43
C LEU E 175 49.84 14.42 28.01
N SER E 176 48.78 13.66 28.13
CA SER E 176 48.71 12.39 27.41
C SER E 176 47.25 12.04 27.17
N ALA E 177 47.01 11.25 26.14
CA ALA E 177 45.70 10.76 25.80
C ALA E 177 45.81 9.36 25.20
N THR E 178 45.21 8.41 25.91
CA THR E 178 45.24 6.99 25.53
C THR E 178 43.83 6.35 25.45
N GLN E 179 43.77 5.25 24.70
CA GLN E 179 42.55 4.53 24.38
C GLN E 179 42.81 3.03 24.44
N THR E 180 42.38 2.41 25.54
CA THR E 180 42.86 1.10 25.88
C THR E 180 41.69 0.17 26.10
N ARG E 181 41.70 -0.93 25.37
CA ARG E 181 40.76 -2.01 25.56
C ARG E 181 40.91 -2.63 26.98
N GLN E 182 39.80 -2.78 27.70
CA GLN E 182 39.78 -3.50 28.98
C GLN E 182 38.72 -4.60 28.94
N VAL E 183 39.02 -5.74 29.55
CA VAL E 183 38.09 -6.87 29.62
C VAL E 183 37.68 -7.14 31.07
N GLN E 184 36.39 -7.02 31.36
CA GLN E 184 35.85 -7.35 32.68
C GLN E 184 35.08 -8.67 32.61
N HIS E 185 35.16 -9.43 33.70
CA HIS E 185 34.41 -10.68 33.88
C HIS E 185 33.72 -10.58 35.20
N TYR E 186 32.41 -10.81 35.22
CA TYR E 186 31.67 -10.88 36.47
C TYR E 186 31.63 -12.32 36.95
N SER E 187 31.52 -12.47 38.26
CA SER E 187 31.76 -13.75 38.89
C SER E 187 30.66 -14.74 38.55
N CYS E 188 29.45 -14.23 38.34
CA CYS E 188 28.31 -15.03 37.88
C CYS E 188 28.60 -15.72 36.55
N CYS E 189 29.40 -15.06 35.72
CA CYS E 189 29.27 -15.20 34.27
C CYS E 189 30.58 -15.40 33.54
N PRO E 190 30.60 -16.36 32.57
CA PRO E 190 31.77 -16.62 31.73
C PRO E 190 32.10 -15.49 30.78
N GLU E 191 31.05 -14.90 30.19
CA GLU E 191 31.21 -14.03 29.04
C GLU E 191 31.98 -12.78 29.44
N PRO E 192 32.84 -12.30 28.52
CA PRO E 192 33.60 -11.11 28.83
C PRO E 192 32.82 -9.85 28.51
N TYR E 193 33.27 -8.74 29.08
CA TYR E 193 32.61 -7.49 28.93
C TYR E 193 33.71 -6.50 28.59
N ILE E 194 33.63 -5.87 27.41
CA ILE E 194 34.76 -5.12 26.86
C ILE E 194 34.50 -3.65 26.73
N ASP E 195 35.43 -2.86 27.24
CA ASP E 195 35.30 -1.43 27.00
C ASP E 195 36.60 -0.77 26.54
N VAL E 196 36.49 0.49 26.13
CA VAL E 196 37.65 1.26 25.71
C VAL E 196 37.68 2.48 26.61
N ASN E 197 38.68 2.46 27.50
CA ASN E 197 38.89 3.49 28.49
C ASN E 197 39.69 4.57 27.81
N LEU E 198 39.04 5.72 27.65
CA LEU E 198 39.68 6.92 27.17
C LEU E 198 40.17 7.73 28.37
N VAL E 199 41.50 7.88 28.48
CA VAL E 199 42.16 8.51 29.63
C VAL E 199 42.97 9.71 29.17
N VAL E 200 42.67 10.87 29.74
CA VAL E 200 43.27 12.14 29.32
C VAL E 200 43.89 12.88 30.53
N LYS E 201 45.18 13.14 30.40
CA LYS E 201 45.89 14.02 31.34
C LYS E 201 46.02 15.41 30.66
N PHE E 202 45.56 16.44 31.35
CA PHE E 202 45.58 17.77 30.78
C PHE E 202 45.73 18.82 31.87
N ARG E 203 46.15 20.01 31.45
CA ARG E 203 46.33 21.15 32.33
C ARG E 203 45.96 22.40 31.57
N GLU E 204 45.78 23.50 32.28
CA GLU E 204 45.54 24.80 31.66
C GLU E 204 46.72 25.24 30.79
N ARG E 205 46.41 25.57 29.54
CA ARG E 205 47.13 26.56 28.69
C ARG E 205 47.85 25.93 27.52
N GLN F 1 9.14 6.85 -26.40
CA GLN F 1 8.56 6.15 -25.22
C GLN F 1 8.31 7.16 -24.12
N ALA F 2 9.33 8.00 -23.85
CA ALA F 2 9.37 8.82 -22.66
C ALA F 2 8.18 9.77 -22.59
N ASN F 3 7.94 10.54 -23.64
CA ASN F 3 6.84 11.52 -23.61
C ASN F 3 5.47 10.88 -23.60
N LEU F 4 5.35 9.74 -24.29
CA LEU F 4 4.14 8.95 -24.30
C LEU F 4 3.84 8.32 -22.93
N MET F 5 4.85 7.73 -22.30
CA MET F 5 4.71 7.26 -20.93
C MET F 5 4.24 8.38 -19.99
N ARG F 6 4.84 9.56 -20.13
CA ARG F 6 4.46 10.74 -19.38
C ARG F 6 2.99 11.12 -19.58
N LEU F 7 2.57 11.27 -20.85
CA LEU F 7 1.20 11.60 -21.22
C LEU F 7 0.16 10.65 -20.68
N LYS F 8 0.40 9.36 -20.86
CA LYS F 8 -0.51 8.36 -20.35
C LYS F 8 -0.60 8.37 -18.81
N SER F 9 0.55 8.54 -18.18
CA SER F 9 0.58 8.73 -16.74
C SER F 9 -0.23 9.97 -16.30
N ASP F 10 -0.10 11.09 -17.01
CA ASP F 10 -0.85 12.30 -16.65
C ASP F 10 -2.35 12.18 -16.93
N LEU F 11 -2.71 11.46 -18.00
CA LEU F 11 -4.10 11.27 -18.40
C LEU F 11 -4.84 10.24 -17.54
N PHE F 12 -4.18 9.14 -17.20
CA PHE F 12 -4.85 8.03 -16.55
C PHE F 12 -4.58 7.90 -15.06
N ASN F 13 -3.39 8.29 -14.62
CA ASN F 13 -2.98 7.99 -13.23
C ASN F 13 -3.21 9.12 -12.24
N ARG F 14 -3.71 10.25 -12.71
CA ARG F 14 -3.87 11.40 -11.82
C ARG F 14 -5.25 11.55 -11.16
N SER F 15 -6.31 11.32 -11.94
CA SER F 15 -7.67 11.50 -11.45
C SER F 15 -8.42 10.16 -11.38
N PRO F 16 -9.63 10.20 -10.76
CA PRO F 16 -10.51 9.02 -10.85
C PRO F 16 -10.89 8.82 -12.30
N MET F 17 -11.39 7.64 -12.66
CA MET F 17 -11.81 7.51 -14.05
C MET F 17 -13.05 8.38 -14.31
N TYR F 18 -13.22 8.73 -15.57
CA TYR F 18 -14.44 9.35 -16.07
C TYR F 18 -15.63 8.51 -15.63
N PRO F 19 -16.61 9.12 -14.93
CA PRO F 19 -17.75 8.36 -14.38
C PRO F 19 -18.88 8.07 -15.40
N GLY F 20 -18.63 8.37 -16.66
CA GLY F 20 -19.64 8.31 -17.68
C GLY F 20 -20.38 9.62 -17.82
N PRO F 21 -21.19 9.74 -18.88
CA PRO F 21 -21.98 10.96 -19.16
C PRO F 21 -23.21 11.18 -18.29
N THR F 22 -23.66 12.43 -18.23
CA THR F 22 -24.86 12.82 -17.53
C THR F 22 -25.68 13.75 -18.43
N LYS F 23 -26.90 14.04 -18.00
CA LYS F 23 -27.71 15.03 -18.68
C LYS F 23 -27.00 16.39 -18.66
N ASP F 24 -26.18 16.64 -17.63
CA ASP F 24 -25.33 17.84 -17.57
C ASP F 24 -24.06 17.73 -18.40
N ASP F 25 -23.61 16.52 -18.69
CA ASP F 25 -22.37 16.29 -19.40
C ASP F 25 -22.65 15.22 -20.46
N PRO F 26 -23.51 15.56 -21.46
CA PRO F 26 -23.90 14.57 -22.45
C PRO F 26 -22.82 14.30 -23.49
N LEU F 27 -22.93 13.15 -24.14
CA LEU F 27 -21.97 12.67 -25.12
C LEU F 27 -22.68 12.19 -26.38
N THR F 28 -22.03 12.39 -27.51
CA THR F 28 -22.47 11.78 -28.75
C THR F 28 -21.56 10.64 -29.10
N VAL F 29 -22.16 9.48 -29.34
CA VAL F 29 -21.44 8.32 -29.83
C VAL F 29 -21.87 8.05 -31.29
N THR F 30 -20.89 8.03 -32.21
CA THR F 30 -21.15 7.69 -33.62
C THR F 30 -20.85 6.20 -33.83
N LEU F 31 -21.89 5.46 -34.22
CA LEU F 31 -21.74 4.07 -34.66
C LEU F 31 -21.70 3.86 -36.17
N GLY F 32 -20.89 2.88 -36.56
CA GLY F 32 -20.79 2.41 -37.96
C GLY F 32 -20.45 0.94 -38.03
N PHE F 33 -21.09 0.20 -38.95
CA PHE F 33 -20.81 -1.22 -39.10
C PHE F 33 -20.13 -1.54 -40.43
N THR F 34 -19.18 -2.45 -40.32
CA THR F 34 -18.47 -3.02 -41.45
C THR F 34 -18.79 -4.50 -41.39
N LEU F 35 -19.75 -4.93 -42.21
CA LEU F 35 -20.19 -6.32 -42.20
C LEU F 35 -19.26 -7.20 -43.08
N GLN F 36 -18.72 -8.22 -42.44
CA GLN F 36 -17.77 -9.15 -43.02
C GLN F 36 -18.36 -10.46 -43.53
N ASP F 37 -19.32 -11.00 -42.79
CA ASP F 37 -19.87 -12.27 -43.13
C ASP F 37 -21.19 -12.53 -42.40
N ILE F 38 -22.15 -13.09 -43.12
CA ILE F 38 -23.20 -13.84 -42.49
C ILE F 38 -22.65 -15.25 -42.51
N VAL F 39 -22.33 -15.77 -41.33
CA VAL F 39 -21.60 -17.02 -41.22
C VAL F 39 -22.52 -18.24 -41.19
N LYS F 40 -23.65 -18.07 -40.51
CA LYS F 40 -24.49 -19.19 -40.17
C LYS F 40 -25.95 -18.74 -40.03
N VAL F 41 -26.85 -19.65 -40.41
CA VAL F 41 -28.28 -19.44 -40.29
C VAL F 41 -28.78 -20.72 -39.64
N ASP F 42 -29.65 -20.60 -38.66
CA ASP F 42 -30.23 -21.77 -37.99
C ASP F 42 -31.78 -21.62 -38.03
N SER F 43 -32.40 -22.41 -38.89
CA SER F 43 -33.83 -22.28 -39.15
C SER F 43 -34.67 -23.02 -38.12
N SER F 44 -34.02 -23.85 -37.30
CA SER F 44 -34.68 -24.48 -36.17
C SER F 44 -34.85 -23.53 -34.98
N THR F 45 -33.91 -22.62 -34.79
CA THR F 45 -33.97 -21.69 -33.65
C THR F 45 -34.26 -20.27 -34.05
N ASN F 46 -34.19 -19.97 -35.35
CA ASN F 46 -34.35 -18.62 -35.83
C ASN F 46 -33.32 -17.65 -35.21
N GLU F 47 -32.06 -18.06 -35.36
CA GLU F 47 -30.87 -17.28 -35.00
C GLU F 47 -29.93 -17.18 -36.21
N VAL F 48 -29.34 -16.02 -36.41
CA VAL F 48 -28.34 -15.80 -37.44
C VAL F 48 -27.08 -15.20 -36.79
N ASP F 49 -25.95 -15.55 -37.41
CA ASP F 49 -24.65 -15.15 -36.97
C ASP F 49 -23.97 -14.27 -37.99
N LEU F 50 -23.65 -13.06 -37.54
CA LEU F 50 -22.87 -12.09 -38.27
C LEU F 50 -21.48 -11.96 -37.68
N VAL F 51 -20.54 -11.61 -38.55
CA VAL F 51 -19.25 -11.14 -38.18
C VAL F 51 -19.12 -9.71 -38.77
N TYR F 52 -18.84 -8.75 -37.91
CA TYR F 52 -18.63 -7.35 -38.29
C TYR F 52 -17.58 -6.70 -37.39
N TYR F 53 -17.11 -5.55 -37.86
CA TYR F 53 -16.43 -4.51 -37.08
C TYR F 53 -17.46 -3.44 -36.71
N GLU F 54 -17.50 -3.08 -35.42
CA GLU F 54 -18.36 -2.03 -34.95
C GLU F 54 -17.48 -0.84 -34.62
N GLN F 55 -17.50 0.16 -35.48
CA GLN F 55 -16.79 1.39 -35.23
C GLN F 55 -17.58 2.25 -34.28
N GLN F 56 -16.89 2.72 -33.22
CA GLN F 56 -17.44 3.62 -32.22
C GLN F 56 -16.53 4.82 -32.03
N ARG F 57 -17.10 6.02 -32.06
CA ARG F 57 -16.39 7.28 -31.80
C ARG F 57 -17.14 8.19 -30.85
N TRP F 58 -16.39 8.75 -29.91
CA TRP F 58 -16.88 9.76 -28.99
C TRP F 58 -15.72 10.68 -28.62
N LYS F 59 -15.98 11.69 -27.80
CA LYS F 59 -14.97 12.64 -27.40
C LYS F 59 -15.16 13.03 -25.93
N LEU F 60 -14.05 13.06 -25.18
CA LEU F 60 -14.01 13.53 -23.80
C LEU F 60 -13.01 14.66 -23.62
N ASN F 61 -13.44 15.76 -23.03
CA ASN F 61 -12.52 16.83 -22.64
C ASN F 61 -11.41 16.34 -21.71
N SER F 62 -11.75 15.44 -20.80
CA SER F 62 -10.77 14.85 -19.91
C SER F 62 -9.63 14.08 -20.62
N LEU F 63 -9.79 13.75 -21.89
CA LEU F 63 -8.71 13.07 -22.63
C LEU F 63 -7.94 14.01 -23.50
N MET F 64 -8.22 15.31 -23.40
CA MET F 64 -7.46 16.30 -24.16
C MET F 64 -6.07 16.57 -23.60
N TRP F 65 -5.14 16.86 -24.50
CA TRP F 65 -3.83 17.36 -24.12
C TRP F 65 -3.34 18.29 -25.23
N ASP F 66 -2.32 19.06 -24.88
CA ASP F 66 -1.62 19.94 -25.78
C ASP F 66 -0.37 19.23 -26.26
N PRO F 67 -0.30 18.88 -27.54
CA PRO F 67 0.90 18.19 -28.07
C PRO F 67 2.28 18.83 -27.77
N ASN F 68 2.34 20.13 -27.52
CA ASN F 68 3.64 20.81 -27.28
C ASN F 68 4.20 20.58 -25.88
N GLU F 69 3.35 20.12 -24.96
CA GLU F 69 3.78 19.63 -23.65
C GLU F 69 4.21 18.18 -23.65
N TYR F 70 3.85 17.43 -24.69
CA TYR F 70 4.13 16.02 -24.76
C TYR F 70 4.86 15.70 -26.03
N GLY F 71 5.87 16.51 -26.33
CA GLY F 71 6.78 16.23 -27.45
C GLY F 71 6.10 16.00 -28.78
N ASN F 72 5.02 16.76 -29.04
CA ASN F 72 4.24 16.70 -30.30
C ASN F 72 3.48 15.39 -30.59
N ILE F 73 3.13 14.67 -29.55
CA ILE F 73 2.28 13.51 -29.70
C ILE F 73 0.86 14.02 -30.01
N THR F 74 0.31 13.58 -31.13
CA THR F 74 -1.04 13.99 -31.55
C THR F 74 -2.08 12.89 -31.35
N ASP F 75 -1.59 11.66 -31.16
CA ASP F 75 -2.47 10.53 -30.97
C ASP F 75 -1.71 9.35 -30.37
N PHE F 76 -2.44 8.45 -29.72
CA PHE F 76 -1.87 7.20 -29.26
C PHE F 76 -2.90 6.08 -29.20
N ARG F 77 -2.40 4.85 -29.12
CA ARG F 77 -3.21 3.65 -28.91
C ARG F 77 -3.04 3.16 -27.48
N THR F 78 -4.12 2.69 -26.92
CA THR F 78 -4.06 2.10 -25.59
C THR F 78 -5.18 1.11 -25.42
N SER F 79 -4.98 0.19 -24.51
CA SER F 79 -5.97 -0.76 -24.16
C SER F 79 -7.29 -0.08 -23.79
N ALA F 80 -8.38 -0.67 -24.25
CA ALA F 80 -9.71 -0.15 -23.99
C ALA F 80 -10.08 -0.19 -22.52
N ALA F 81 -9.40 -1.00 -21.72
CA ALA F 81 -9.65 -0.98 -20.28
C ALA F 81 -9.12 0.28 -19.57
N ASP F 82 -8.23 1.03 -20.21
CA ASP F 82 -7.72 2.27 -19.60
C ASP F 82 -8.72 3.43 -19.67
N ILE F 83 -9.76 3.29 -20.49
CA ILE F 83 -10.67 4.36 -20.74
C ILE F 83 -12.10 3.92 -20.54
N TRP F 84 -12.98 4.90 -20.33
CA TRP F 84 -14.40 4.69 -20.34
C TRP F 84 -14.75 4.36 -21.77
N THR F 85 -15.64 3.39 -21.94
CA THR F 85 -16.21 3.09 -23.23
C THR F 85 -17.75 2.98 -23.08
N PRO F 86 -18.48 3.32 -24.15
CA PRO F 86 -19.96 3.21 -24.16
C PRO F 86 -20.52 1.79 -24.09
N ASP F 87 -21.69 1.68 -23.50
CA ASP F 87 -22.29 0.39 -23.26
C ASP F 87 -23.23 -0.01 -24.39
N ILE F 88 -22.74 0.08 -25.64
CA ILE F 88 -23.53 -0.23 -26.82
C ILE F 88 -23.77 -1.72 -26.90
N THR F 89 -25.03 -2.09 -26.98
CA THR F 89 -25.48 -3.48 -26.90
C THR F 89 -26.53 -3.77 -27.98
N ALA F 90 -26.43 -4.96 -28.55
CA ALA F 90 -27.44 -5.50 -29.46
C ALA F 90 -28.62 -5.85 -28.60
N TYR F 91 -29.78 -5.26 -28.87
CA TYR F 91 -30.99 -5.53 -28.06
C TYR F 91 -31.68 -6.88 -28.31
N SER F 92 -31.24 -7.66 -29.32
CA SER F 92 -31.88 -8.99 -29.61
C SER F 92 -30.84 -10.09 -29.91
N SER F 93 -29.72 -10.02 -29.23
CA SER F 93 -28.74 -11.10 -29.24
C SER F 93 -29.32 -12.32 -28.51
N THR F 94 -28.80 -13.48 -28.86
CA THR F 94 -29.26 -14.72 -28.28
C THR F 94 -28.13 -15.43 -27.55
N ARG F 95 -26.94 -14.89 -27.68
CA ARG F 95 -25.74 -15.42 -27.04
C ARG F 95 -24.84 -14.22 -26.73
N PRO F 96 -23.90 -14.37 -25.77
CA PRO F 96 -22.90 -13.31 -25.54
C PRO F 96 -22.08 -13.07 -26.80
N VAL F 97 -21.86 -11.82 -27.13
CA VAL F 97 -20.98 -11.50 -28.25
C VAL F 97 -19.60 -12.09 -28.06
N GLN F 98 -19.02 -12.64 -29.13
CA GLN F 98 -17.63 -13.09 -29.12
C GLN F 98 -16.74 -12.04 -29.78
N VAL F 99 -15.65 -11.71 -29.08
CA VAL F 99 -14.75 -10.66 -29.48
C VAL F 99 -13.67 -11.30 -30.33
N LEU F 100 -13.35 -10.67 -31.46
CA LEU F 100 -12.49 -11.27 -32.45
C LEU F 100 -11.24 -10.45 -32.62
N SER F 101 -11.17 -9.31 -31.98
CA SER F 101 -10.07 -8.36 -32.16
C SER F 101 -9.44 -7.97 -30.81
N PRO F 102 -8.20 -7.46 -30.85
CA PRO F 102 -7.59 -6.82 -29.68
C PRO F 102 -8.47 -5.69 -29.21
N GLN F 103 -8.61 -5.50 -27.92
CA GLN F 103 -9.44 -4.44 -27.37
C GLN F 103 -8.57 -3.19 -27.10
N ILE F 104 -8.31 -2.39 -28.14
CA ILE F 104 -7.38 -1.30 -28.09
C ILE F 104 -8.05 -0.17 -28.82
N ALA F 105 -7.88 1.04 -28.28
CA ALA F 105 -8.49 2.28 -28.79
C ALA F 105 -7.45 3.28 -29.24
N VAL F 106 -7.85 4.18 -30.14
CA VAL F 106 -7.02 5.30 -30.56
C VAL F 106 -7.62 6.53 -29.93
N VAL F 107 -6.76 7.35 -29.36
CA VAL F 107 -7.10 8.63 -28.73
C VAL F 107 -6.29 9.75 -29.36
N THR F 108 -6.94 10.82 -29.73
CA THR F 108 -6.26 11.95 -30.30
C THR F 108 -6.33 13.10 -29.32
N HIS F 109 -5.47 14.11 -29.54
CA HIS F 109 -5.26 15.18 -28.56
C HIS F 109 -6.44 16.09 -28.28
N ASP F 110 -7.41 16.14 -29.19
CA ASP F 110 -8.67 16.85 -28.91
C ASP F 110 -9.64 16.05 -28.02
N GLY F 111 -9.22 14.90 -27.53
CA GLY F 111 -10.07 14.07 -26.71
C GLY F 111 -10.93 13.07 -27.47
N SER F 112 -10.72 12.92 -28.77
CA SER F 112 -11.46 11.96 -29.60
C SER F 112 -10.99 10.52 -29.40
N VAL F 113 -11.94 9.59 -29.25
CA VAL F 113 -11.66 8.18 -29.11
C VAL F 113 -12.33 7.40 -30.26
N MET F 114 -11.55 6.52 -30.85
CA MET F 114 -12.02 5.58 -31.84
C MET F 114 -11.68 4.19 -31.38
N PHE F 115 -12.71 3.38 -31.26
CA PHE F 115 -12.62 2.03 -30.83
C PHE F 115 -13.43 1.18 -31.84
N ILE F 116 -12.80 0.14 -32.36
CA ILE F 116 -13.42 -0.74 -33.38
C ILE F 116 -13.29 -2.22 -33.01
N PRO F 117 -14.15 -2.70 -32.08
CA PRO F 117 -14.28 -4.13 -31.85
C PRO F 117 -14.83 -4.96 -33.04
N ALA F 118 -14.07 -5.97 -33.43
CA ALA F 118 -14.58 -7.09 -34.24
C ALA F 118 -15.37 -8.08 -33.38
N GLN F 119 -16.56 -8.44 -33.88
CA GLN F 119 -17.53 -9.25 -33.15
C GLN F 119 -18.20 -10.32 -34.01
N ARG F 120 -18.47 -11.45 -33.38
CA ARG F 120 -19.42 -12.38 -33.87
C ARG F 120 -20.63 -12.31 -32.93
N LEU F 121 -21.80 -12.12 -33.58
CA LEU F 121 -23.08 -11.97 -32.95
C LEU F 121 -24.08 -13.01 -33.47
N SER F 122 -24.69 -13.73 -32.51
CA SER F 122 -25.93 -14.46 -32.76
C SER F 122 -27.13 -13.62 -32.35
N PHE F 123 -28.08 -13.47 -33.27
CA PHE F 123 -29.27 -12.63 -33.00
C PHE F 123 -30.54 -13.26 -33.57
N MET F 124 -31.65 -12.79 -33.05
CA MET F 124 -33.00 -13.21 -33.41
C MET F 124 -33.40 -12.89 -34.87
N CYS F 125 -33.56 -13.95 -35.65
CA CYS F 125 -33.70 -13.84 -37.09
C CYS F 125 -34.28 -15.11 -37.72
N ASP F 126 -35.52 -14.99 -38.23
CA ASP F 126 -36.21 -16.02 -39.04
C ASP F 126 -35.67 -15.94 -40.44
N PRO F 127 -34.92 -16.96 -40.87
CA PRO F 127 -34.30 -16.97 -42.19
C PRO F 127 -35.17 -17.66 -43.25
N THR F 128 -36.45 -17.93 -42.94
CA THR F 128 -37.30 -18.60 -43.91
C THR F 128 -37.54 -17.60 -45.04
N GLY F 129 -37.21 -18.00 -46.26
CA GLY F 129 -37.17 -17.11 -47.40
C GLY F 129 -35.78 -16.92 -47.98
N VAL F 130 -34.76 -17.39 -47.24
CA VAL F 130 -33.34 -17.13 -47.57
C VAL F 130 -32.90 -17.84 -48.87
N ASP F 131 -33.42 -19.06 -49.09
CA ASP F 131 -33.13 -19.86 -50.32
C ASP F 131 -33.72 -19.30 -51.61
N SER F 132 -34.74 -18.47 -51.50
CA SER F 132 -35.35 -17.78 -52.63
C SER F 132 -34.47 -16.63 -53.17
N GLU F 133 -34.92 -16.12 -54.32
CA GLU F 133 -34.30 -15.00 -55.04
C GLU F 133 -34.60 -13.65 -54.39
N GLU F 134 -35.74 -13.55 -53.73
CA GLU F 134 -36.05 -12.36 -52.96
C GLU F 134 -35.28 -12.32 -51.62
N GLY F 135 -34.88 -13.49 -51.12
CA GLY F 135 -34.15 -13.61 -49.86
C GLY F 135 -34.96 -13.17 -48.67
N VAL F 136 -34.26 -12.91 -47.57
CA VAL F 136 -34.90 -12.54 -46.31
CA VAL F 136 -34.87 -12.54 -46.29
C VAL F 136 -34.32 -11.24 -45.75
N THR F 137 -35.09 -10.58 -44.92
CA THR F 137 -34.67 -9.42 -44.19
C THR F 137 -34.74 -9.71 -42.69
N CYS F 138 -33.63 -9.42 -42.02
CA CYS F 138 -33.52 -9.44 -40.55
C CYS F 138 -32.94 -8.15 -40.02
N ALA F 139 -33.18 -7.91 -38.73
CA ALA F 139 -32.84 -6.65 -38.09
C ALA F 139 -32.51 -6.81 -36.61
N VAL F 140 -31.55 -6.00 -36.18
CA VAL F 140 -31.14 -5.95 -34.81
C VAL F 140 -30.83 -4.49 -34.47
N LYS F 141 -31.47 -4.04 -33.38
CA LYS F 141 -31.28 -2.69 -32.83
C LYS F 141 -30.05 -2.67 -31.89
N PHE F 142 -29.28 -1.59 -31.96
CA PHE F 142 -28.16 -1.37 -31.09
C PHE F 142 -28.39 -0.09 -30.31
N GLY F 143 -28.02 -0.10 -29.03
CA GLY F 143 -27.98 1.12 -28.23
C GLY F 143 -27.37 0.94 -26.85
N SER F 144 -27.40 2.00 -26.06
CA SER F 144 -26.94 1.97 -24.70
C SER F 144 -27.89 1.07 -23.88
N TRP F 145 -27.40 0.40 -22.85
CA TRP F 145 -28.29 -0.35 -21.93
C TRP F 145 -28.92 0.57 -20.86
N VAL F 146 -28.20 1.60 -20.43
CA VAL F 146 -28.68 2.40 -19.31
C VAL F 146 -28.80 3.90 -19.60
N TYR F 147 -28.29 4.40 -20.73
CA TYR F 147 -28.33 5.84 -20.95
C TYR F 147 -29.38 6.32 -21.96
N SER F 148 -30.15 7.34 -21.55
CA SER F 148 -31.09 8.00 -22.46
C SER F 148 -30.38 8.86 -23.52
N GLY F 149 -31.15 9.35 -24.47
CA GLY F 149 -30.65 10.30 -25.48
C GLY F 149 -30.20 11.65 -24.97
N PHE F 150 -30.61 12.04 -23.77
CA PHE F 150 -30.03 13.20 -23.13
C PHE F 150 -28.62 12.95 -22.54
N GLU F 151 -28.21 11.70 -22.44
CA GLU F 151 -26.91 11.32 -21.81
C GLU F 151 -25.95 10.82 -22.86
N ILE F 152 -26.42 9.90 -23.67
CA ILE F 152 -25.75 9.43 -24.88
C ILE F 152 -26.65 9.63 -26.14
N ASP F 153 -26.29 10.60 -26.94
CA ASP F 153 -26.91 10.73 -28.25
C ASP F 153 -26.20 9.77 -29.18
N LEU F 154 -26.96 8.94 -29.87
CA LEU F 154 -26.39 8.00 -30.83
C LEU F 154 -26.56 8.50 -32.25
N LYS F 155 -25.52 8.36 -33.07
CA LYS F 155 -25.63 8.71 -34.49
C LYS F 155 -24.82 7.78 -35.43
N THR F 156 -25.07 7.92 -36.71
CA THR F 156 -24.32 7.25 -37.76
C THR F 156 -23.86 8.39 -38.67
N ASP F 157 -22.75 8.19 -39.37
CA ASP F 157 -22.30 9.12 -40.41
C ASP F 157 -22.91 8.81 -41.77
N THR F 158 -23.51 7.63 -41.89
CA THR F 158 -24.12 7.22 -43.12
C THR F 158 -25.10 6.14 -42.72
N ASP F 159 -26.20 6.03 -43.48
CA ASP F 159 -27.16 4.94 -43.26
C ASP F 159 -26.76 3.71 -44.07
N GLN F 160 -25.64 3.79 -44.77
CA GLN F 160 -25.19 2.66 -45.55
C GLN F 160 -24.14 1.89 -44.74
N VAL F 161 -24.39 0.61 -44.53
CA VAL F 161 -23.40 -0.31 -43.99
C VAL F 161 -22.24 -0.50 -44.97
N ASP F 162 -21.04 -0.47 -44.43
CA ASP F 162 -19.81 -0.75 -45.17
C ASP F 162 -19.69 -2.24 -45.52
N LEU F 163 -19.86 -2.54 -46.79
CA LEU F 163 -19.82 -3.90 -47.30
C LEU F 163 -18.60 -4.06 -48.18
N SER F 164 -17.68 -3.09 -48.16
CA SER F 164 -16.43 -3.18 -48.92
C SER F 164 -15.52 -4.38 -48.52
N SER F 165 -15.67 -4.91 -47.30
CA SER F 165 -14.92 -6.11 -46.85
C SER F 165 -15.77 -7.36 -46.72
N TYR F 166 -17.02 -7.35 -47.22
CA TYR F 166 -17.87 -8.51 -47.09
C TYR F 166 -17.21 -9.73 -47.76
N TYR F 167 -17.13 -10.85 -47.05
CA TYR F 167 -16.51 -12.05 -47.61
C TYR F 167 -17.12 -12.45 -48.95
N ALA F 168 -16.29 -12.46 -49.98
CA ALA F 168 -16.76 -12.69 -51.34
C ALA F 168 -17.24 -14.12 -51.59
N SER F 169 -16.78 -15.12 -50.84
CA SER F 169 -17.30 -16.49 -51.01
C SER F 169 -18.15 -16.97 -49.82
N SER F 170 -18.81 -16.01 -49.16
CA SER F 170 -19.84 -16.28 -48.19
C SER F 170 -20.98 -17.11 -48.79
N LYS F 171 -21.65 -17.92 -47.95
CA LYS F 171 -22.84 -18.69 -48.37
C LYS F 171 -24.04 -17.79 -48.57
N TYR F 172 -23.97 -16.55 -48.09
CA TYR F 172 -25.05 -15.58 -48.22
C TYR F 172 -24.54 -14.30 -48.91
N GLU F 173 -25.22 -13.87 -49.98
CA GLU F 173 -24.92 -12.58 -50.58
C GLU F 173 -25.85 -11.55 -49.95
N ILE F 174 -25.37 -10.32 -49.85
CA ILE F 174 -26.12 -9.21 -49.28
C ILE F 174 -26.85 -8.48 -50.38
N LEU F 175 -28.17 -8.36 -50.20
CA LEU F 175 -29.01 -7.60 -51.13
C LEU F 175 -28.95 -6.14 -50.70
N SER F 176 -29.04 -5.91 -49.39
CA SER F 176 -28.84 -4.57 -48.84
C SER F 176 -28.52 -4.66 -47.38
N ALA F 177 -27.95 -3.57 -46.87
CA ALA F 177 -27.71 -3.43 -45.45
C ALA F 177 -27.58 -1.97 -45.09
N THR F 178 -28.47 -1.56 -44.19
CA THR F 178 -28.54 -0.20 -43.71
C THR F 178 -28.40 -0.14 -42.20
N GLN F 179 -28.01 1.05 -41.74
CA GLN F 179 -27.85 1.35 -40.32
C GLN F 179 -28.50 2.71 -40.07
N THR F 180 -29.64 2.73 -39.39
CA THR F 180 -30.46 3.96 -39.27
C THR F 180 -30.78 4.31 -37.83
N ARG F 181 -30.58 5.58 -37.50
CA ARG F 181 -30.91 6.12 -36.19
C ARG F 181 -32.43 6.18 -36.01
N GLN F 182 -32.96 5.50 -35.00
CA GLN F 182 -34.39 5.58 -34.66
C GLN F 182 -34.54 6.29 -33.31
N VAL F 183 -35.53 7.17 -33.20
CA VAL F 183 -35.80 7.92 -31.98
C VAL F 183 -37.20 7.56 -31.42
N GLN F 184 -37.23 7.07 -30.18
CA GLN F 184 -38.49 6.79 -29.46
C GLN F 184 -38.72 7.84 -28.41
N HIS F 185 -39.95 8.33 -28.33
CA HIS F 185 -40.37 9.07 -27.17
C HIS F 185 -41.40 8.25 -26.42
N TYR F 186 -41.56 8.57 -25.13
CA TYR F 186 -42.60 7.98 -24.32
C TYR F 186 -43.40 9.13 -23.75
N SER F 187 -44.50 9.12 -23.91
CA SER F 187 -45.53 9.98 -23.32
C SER F 187 -45.13 10.55 -21.95
N CYS F 188 -44.56 9.66 -21.14
CA CYS F 188 -44.30 9.94 -19.72
C CYS F 188 -43.13 10.89 -19.50
N CYS F 189 -42.18 10.94 -20.45
CA CYS F 189 -40.86 11.56 -20.23
C CYS F 189 -40.38 12.47 -21.38
N PRO F 190 -39.68 13.40 -21.34
CA PRO F 190 -39.31 14.29 -22.44
C PRO F 190 -38.16 13.74 -23.28
N GLU F 191 -37.38 12.85 -22.65
CA GLU F 191 -36.11 12.43 -23.18
C GLU F 191 -36.29 11.41 -24.28
N PRO F 192 -35.52 11.56 -25.38
CA PRO F 192 -35.56 10.57 -26.44
C PRO F 192 -34.75 9.33 -26.06
N TYR F 193 -35.19 8.20 -26.61
CA TYR F 193 -34.49 6.95 -26.50
C TYR F 193 -34.06 6.56 -27.92
N ILE F 194 -32.74 6.56 -28.15
CA ILE F 194 -32.19 6.38 -29.47
C ILE F 194 -31.55 5.03 -29.67
N ASP F 195 -31.79 4.45 -30.84
CA ASP F 195 -31.03 3.31 -31.28
C ASP F 195 -30.59 3.44 -32.75
N VAL F 196 -29.72 2.52 -33.13
CA VAL F 196 -29.30 2.31 -34.49
C VAL F 196 -29.80 0.91 -34.88
N ASN F 197 -30.77 0.87 -35.81
CA ASN F 197 -31.29 -0.36 -36.39
C ASN F 197 -30.42 -0.80 -37.57
N LEU F 198 -29.85 -1.99 -37.44
CA LEU F 198 -29.06 -2.61 -38.49
C LEU F 198 -30.01 -3.62 -39.16
N VAL F 199 -30.35 -3.32 -40.41
CA VAL F 199 -31.29 -4.09 -41.21
C VAL F 199 -30.52 -4.70 -42.38
N VAL F 200 -30.54 -6.03 -42.50
CA VAL F 200 -29.85 -6.73 -43.57
C VAL F 200 -30.80 -7.63 -44.34
N LYS F 201 -30.89 -7.41 -45.66
CA LYS F 201 -31.62 -8.29 -46.56
C LYS F 201 -30.58 -9.12 -47.33
N PHE F 202 -30.75 -10.43 -47.30
CA PHE F 202 -29.74 -11.33 -47.84
C PHE F 202 -30.42 -12.61 -48.31
N ARG F 203 -29.71 -13.38 -49.10
CA ARG F 203 -30.19 -14.68 -49.62
C ARG F 203 -29.01 -15.58 -49.84
N GLU F 204 -29.28 -16.85 -50.08
CA GLU F 204 -28.22 -17.79 -50.43
C GLU F 204 -27.44 -17.40 -51.69
N ARG F 205 -26.14 -17.70 -51.65
CA ARG F 205 -25.24 -17.86 -52.82
C ARG F 205 -24.84 -16.54 -53.45
N GLN G 1 -18.98 16.29 -14.33
CA GLN G 1 -18.28 15.03 -14.02
C GLN G 1 -17.73 15.09 -12.59
N ALA G 2 -17.33 16.29 -12.16
CA ALA G 2 -16.75 16.52 -10.83
C ALA G 2 -17.66 16.09 -9.70
N ASN G 3 -18.90 16.58 -9.67
CA ASN G 3 -19.83 16.25 -8.58
C ASN G 3 -20.16 14.77 -8.55
N LEU G 4 -20.32 14.16 -9.72
CA LEU G 4 -20.57 12.71 -9.80
C LEU G 4 -19.35 11.91 -9.33
N MET G 5 -18.14 12.35 -9.69
CA MET G 5 -16.93 11.67 -9.21
C MET G 5 -16.87 11.70 -7.67
N ARG G 6 -17.24 12.84 -7.13
CA ARG G 6 -17.24 13.09 -5.68
C ARG G 6 -18.30 12.25 -4.94
N LEU G 7 -19.50 12.15 -5.51
CA LEU G 7 -20.56 11.27 -4.99
C LEU G 7 -20.23 9.80 -4.96
N LYS G 8 -19.67 9.31 -6.06
CA LYS G 8 -19.30 7.91 -6.15
C LYS G 8 -18.22 7.59 -5.08
N SER G 9 -17.22 8.46 -4.99
CA SER G 9 -16.17 8.34 -4.01
C SER G 9 -16.74 8.33 -2.59
N ASP G 10 -17.61 9.30 -2.26
CA ASP G 10 -18.32 9.30 -0.99
C ASP G 10 -19.17 8.03 -0.73
N LEU G 11 -20.00 7.63 -1.67
CA LEU G 11 -20.83 6.43 -1.43
C LEU G 11 -20.04 5.12 -1.37
N PHE G 12 -18.97 5.01 -2.16
CA PHE G 12 -18.27 3.75 -2.39
C PHE G 12 -16.93 3.55 -1.70
N ASN G 13 -16.19 4.65 -1.50
CA ASN G 13 -14.83 4.56 -1.03
C ASN G 13 -14.63 4.94 0.43
N ARG G 14 -15.70 5.21 1.18
CA ARG G 14 -15.51 5.58 2.60
C ARG G 14 -15.83 4.49 3.62
N SER G 15 -16.56 3.47 3.21
CA SER G 15 -17.06 2.48 4.16
C SER G 15 -16.88 1.06 3.63
N PRO G 16 -16.91 0.05 4.55
CA PRO G 16 -17.00 -1.29 4.01
C PRO G 16 -18.28 -1.37 3.21
N MET G 17 -18.31 -2.25 2.20
CA MET G 17 -19.53 -2.38 1.42
C MET G 17 -20.63 -3.02 2.26
N TYR G 18 -21.86 -2.74 1.84
CA TYR G 18 -23.03 -3.37 2.38
C TYR G 18 -22.83 -4.90 2.46
N PRO G 19 -22.98 -5.50 3.66
CA PRO G 19 -22.80 -6.95 3.82
C PRO G 19 -24.05 -7.81 3.44
N GLY G 20 -25.06 -7.20 2.82
CA GLY G 20 -26.31 -7.86 2.56
C GLY G 20 -27.27 -7.77 3.75
N PRO G 21 -28.51 -8.17 3.52
CA PRO G 21 -29.54 -8.10 4.56
C PRO G 21 -29.39 -9.10 5.69
N THR G 22 -30.11 -8.82 6.76
CA THR G 22 -30.30 -9.74 7.88
C THR G 22 -31.77 -9.66 8.35
N LYS G 23 -32.14 -10.52 9.31
CA LYS G 23 -33.46 -10.44 9.95
C LYS G 23 -33.65 -9.02 10.51
N ASP G 24 -32.60 -8.49 11.13
CA ASP G 24 -32.63 -7.16 11.70
C ASP G 24 -32.78 -6.03 10.68
N ASP G 25 -32.24 -6.21 9.47
CA ASP G 25 -32.31 -5.21 8.42
C ASP G 25 -32.68 -5.87 7.08
N PRO G 26 -33.95 -6.32 6.98
CA PRO G 26 -34.40 -7.05 5.82
C PRO G 26 -34.62 -6.14 4.62
N LEU G 27 -34.75 -6.76 3.46
CA LEU G 27 -34.75 -6.04 2.24
C LEU G 27 -35.79 -6.67 1.33
N THR G 28 -36.50 -5.82 0.58
CA THR G 28 -37.47 -6.21 -0.43
C THR G 28 -36.81 -6.08 -1.79
N VAL G 29 -36.87 -7.14 -2.58
CA VAL G 29 -36.45 -7.10 -3.98
C VAL G 29 -37.67 -7.35 -4.88
N THR G 30 -37.92 -6.42 -5.78
CA THR G 30 -39.02 -6.54 -6.70
C THR G 30 -38.45 -7.02 -8.00
N LEU G 31 -39.04 -8.13 -8.46
CA LEU G 31 -38.68 -8.90 -9.63
C LEU G 31 -39.76 -8.76 -10.72
N GLY G 32 -39.33 -8.57 -11.95
CA GLY G 32 -40.23 -8.61 -13.10
C GLY G 32 -39.48 -9.22 -14.27
N PHE G 33 -40.21 -9.90 -15.16
CA PHE G 33 -39.64 -10.45 -16.37
C PHE G 33 -40.22 -9.79 -17.64
N THR G 34 -39.32 -9.42 -18.54
CA THR G 34 -39.61 -9.11 -19.94
C THR G 34 -39.08 -10.27 -20.78
N LEU G 35 -40.00 -11.11 -21.29
CA LEU G 35 -39.64 -12.26 -22.14
C LEU G 35 -39.49 -11.86 -23.60
N GLN G 36 -38.30 -12.14 -24.12
CA GLN G 36 -37.92 -11.71 -25.47
C GLN G 36 -38.02 -12.84 -26.53
N ASP G 37 -37.83 -14.09 -26.12
CA ASP G 37 -37.74 -15.20 -27.04
C ASP G 37 -37.61 -16.54 -26.35
N ILE G 38 -38.40 -17.50 -26.81
CA ILE G 38 -38.10 -18.90 -26.55
C ILE G 38 -37.27 -19.30 -27.77
N VAL G 39 -35.98 -19.51 -27.55
CA VAL G 39 -35.03 -19.69 -28.63
C VAL G 39 -34.93 -21.14 -29.13
N LYS G 40 -34.94 -22.09 -28.20
CA LYS G 40 -34.66 -23.48 -28.48
C LYS G 40 -35.44 -24.36 -27.52
N VAL G 41 -35.84 -25.52 -28.03
CA VAL G 41 -36.48 -26.62 -27.29
C VAL G 41 -35.67 -27.89 -27.63
N ASP G 42 -35.46 -28.75 -26.65
CA ASP G 42 -34.70 -29.97 -26.86
C ASP G 42 -35.48 -31.09 -26.20
N SER G 43 -36.16 -31.88 -27.06
CA SER G 43 -36.93 -33.02 -26.62
C SER G 43 -36.08 -34.26 -26.34
N SER G 44 -34.80 -34.25 -26.69
CA SER G 44 -33.93 -35.34 -26.27
C SER G 44 -33.38 -35.14 -24.85
N THR G 45 -33.43 -33.91 -24.33
CA THR G 45 -32.94 -33.60 -22.98
C THR G 45 -33.97 -32.91 -22.06
N ASN G 46 -35.11 -32.50 -22.61
CA ASN G 46 -36.11 -31.75 -21.86
C ASN G 46 -35.48 -30.52 -21.14
N GLU G 47 -34.80 -29.73 -22.00
CA GLU G 47 -34.26 -28.42 -21.75
C GLU G 47 -34.90 -27.44 -22.75
N VAL G 48 -35.20 -26.23 -22.26
CA VAL G 48 -35.70 -25.11 -23.08
C VAL G 48 -34.84 -23.86 -22.81
N ASP G 49 -34.58 -23.09 -23.86
CA ASP G 49 -33.78 -21.90 -23.76
C ASP G 49 -34.66 -20.66 -23.97
N LEU G 50 -34.62 -19.78 -22.97
CA LEU G 50 -35.32 -18.50 -22.93
C LEU G 50 -34.32 -17.36 -22.97
N VAL G 51 -34.70 -16.28 -23.63
CA VAL G 51 -34.02 -15.01 -23.56
C VAL G 51 -35.01 -14.01 -22.94
N TYR G 52 -34.58 -13.32 -21.87
CA TYR G 52 -35.41 -12.37 -21.16
C TYR G 52 -34.54 -11.30 -20.48
N TYR G 53 -35.20 -10.20 -20.06
CA TYR G 53 -34.63 -9.20 -19.19
C TYR G 53 -35.23 -9.42 -17.77
N GLU G 54 -34.36 -9.52 -16.79
CA GLU G 54 -34.79 -9.71 -15.42
C GLU G 54 -34.62 -8.36 -14.68
N GLN G 55 -35.73 -7.68 -14.50
CA GLN G 55 -35.79 -6.46 -13.74
C GLN G 55 -35.70 -6.75 -12.23
N GLN G 56 -34.77 -6.05 -11.57
CA GLN G 56 -34.63 -6.10 -10.10
C GLN G 56 -34.55 -4.69 -9.51
N ARG G 57 -35.31 -4.49 -8.44
CA ARG G 57 -35.30 -3.26 -7.68
C ARG G 57 -35.20 -3.60 -6.19
N TRP G 58 -34.40 -2.82 -5.50
CA TRP G 58 -34.31 -2.83 -4.06
C TRP G 58 -33.84 -1.43 -3.66
N LYS G 59 -33.71 -1.20 -2.35
CA LYS G 59 -33.36 0.13 -1.85
C LYS G 59 -32.52 0.01 -0.57
N LEU G 60 -31.37 0.73 -0.54
CA LEU G 60 -30.46 0.76 0.61
C LEU G 60 -30.28 2.15 1.22
N ASN G 61 -30.41 2.25 2.54
CA ASN G 61 -30.18 3.52 3.25
C ASN G 61 -28.80 4.07 2.92
N SER G 62 -27.83 3.17 2.86
CA SER G 62 -26.44 3.50 2.61
C SER G 62 -26.13 4.01 1.18
N LEU G 63 -27.09 3.91 0.25
CA LEU G 63 -26.95 4.53 -1.07
C LEU G 63 -27.72 5.86 -1.21
N MET G 64 -28.28 6.35 -0.09
CA MET G 64 -28.96 7.64 -0.11
C MET G 64 -27.99 8.82 -0.14
N TRP G 65 -28.38 9.88 -0.86
CA TRP G 65 -27.72 11.14 -0.70
C TRP G 65 -28.69 12.28 -0.88
N ASP G 66 -28.23 13.44 -0.42
CA ASP G 66 -28.91 14.72 -0.61
C ASP G 66 -28.37 15.38 -1.89
N PRO G 67 -29.21 15.47 -2.95
CA PRO G 67 -28.82 16.09 -4.19
C PRO G 67 -28.19 17.47 -4.10
N ASN G 68 -28.60 18.28 -3.12
CA ASN G 68 -28.13 19.66 -2.98
C ASN G 68 -26.65 19.72 -2.58
N GLU G 69 -26.16 18.66 -1.94
CA GLU G 69 -24.75 18.51 -1.65
C GLU G 69 -23.93 17.98 -2.80
N TYR G 70 -24.55 17.62 -3.93
CA TYR G 70 -23.81 17.02 -5.06
C TYR G 70 -24.31 17.57 -6.37
N GLY G 71 -24.43 18.88 -6.47
CA GLY G 71 -24.82 19.51 -7.73
C GLY G 71 -26.17 19.10 -8.29
N ASN G 72 -27.07 18.72 -7.40
CA ASN G 72 -28.42 18.29 -7.77
C ASN G 72 -28.44 17.04 -8.64
N ILE G 73 -27.43 16.19 -8.47
CA ILE G 73 -27.48 14.86 -9.05
C ILE G 73 -28.55 14.08 -8.31
N THR G 74 -29.49 13.54 -9.07
CA THR G 74 -30.60 12.77 -8.54
C THR G 74 -30.45 11.26 -8.78
N ASP G 75 -29.66 10.89 -9.78
CA ASP G 75 -29.49 9.47 -10.13
C ASP G 75 -28.21 9.32 -10.98
N PHE G 76 -27.60 8.14 -10.94
CA PHE G 76 -26.41 7.84 -11.74
C PHE G 76 -26.36 6.35 -12.01
N ARG G 77 -25.55 6.03 -13.02
CA ARG G 77 -25.25 4.72 -13.48
C ARG G 77 -23.85 4.25 -13.06
N THR G 78 -23.76 3.02 -12.59
CA THR G 78 -22.48 2.47 -12.26
C THR G 78 -22.47 0.97 -12.52
N SER G 79 -21.28 0.45 -12.71
CA SER G 79 -21.06 -1.00 -12.74
C SER G 79 -21.65 -1.70 -11.51
N ALA G 80 -22.28 -2.83 -11.81
CA ALA G 80 -22.90 -3.69 -10.82
C ALA G 80 -21.89 -4.26 -9.80
N ALA G 81 -20.64 -4.34 -10.17
CA ALA G 81 -19.58 -4.70 -9.25
C ALA G 81 -19.25 -3.64 -8.15
N ASP G 82 -19.67 -2.38 -8.35
CA ASP G 82 -19.53 -1.30 -7.35
C ASP G 82 -20.53 -1.38 -6.20
N ILE G 83 -21.53 -2.24 -6.36
CA ILE G 83 -22.59 -2.36 -5.40
C ILE G 83 -22.96 -3.81 -5.07
N TRP G 84 -23.67 -3.98 -3.96
CA TRP G 84 -24.20 -5.24 -3.54
C TRP G 84 -25.37 -5.55 -4.43
N THR G 85 -25.46 -6.79 -4.90
CA THR G 85 -26.61 -7.22 -5.71
C THR G 85 -27.18 -8.52 -5.16
N PRO G 86 -28.50 -8.70 -5.29
CA PRO G 86 -29.15 -9.87 -4.71
C PRO G 86 -28.84 -11.13 -5.51
N ASP G 87 -28.85 -12.25 -4.81
CA ASP G 87 -28.43 -13.52 -5.39
C ASP G 87 -29.57 -14.27 -6.10
N ILE G 88 -30.39 -13.54 -6.86
CA ILE G 88 -31.59 -14.12 -7.48
C ILE G 88 -31.19 -15.14 -8.53
N THR G 89 -31.64 -16.36 -8.32
CA THR G 89 -31.21 -17.51 -9.08
C THR G 89 -32.39 -18.36 -9.57
N ALA G 90 -32.29 -18.83 -10.82
CA ALA G 90 -33.22 -19.86 -11.37
C ALA G 90 -32.99 -21.18 -10.70
N TYR G 91 -33.98 -21.78 -10.04
CA TYR G 91 -33.75 -23.00 -9.26
C TYR G 91 -33.62 -24.28 -10.10
N SER G 92 -33.98 -24.22 -11.39
CA SER G 92 -34.03 -25.41 -12.25
C SER G 92 -33.27 -25.22 -13.58
N SER G 93 -32.22 -24.41 -13.54
CA SER G 93 -31.39 -24.18 -14.70
C SER G 93 -30.59 -25.47 -14.95
N THR G 94 -30.17 -25.66 -16.19
CA THR G 94 -29.38 -26.86 -16.60
C THR G 94 -27.99 -26.47 -17.11
N ARG G 95 -27.75 -25.17 -17.26
CA ARG G 95 -26.50 -24.62 -17.66
C ARG G 95 -26.31 -23.27 -16.95
N PRO G 96 -25.05 -22.82 -16.82
CA PRO G 96 -24.87 -21.47 -16.33
C PRO G 96 -25.54 -20.43 -17.22
N VAL G 97 -26.20 -19.49 -16.58
CA VAL G 97 -26.84 -18.38 -17.27
C VAL G 97 -25.82 -17.67 -18.09
N GLN G 98 -26.22 -17.22 -19.26
CA GLN G 98 -25.36 -16.43 -20.12
C GLN G 98 -25.82 -14.98 -20.11
N VAL G 99 -24.87 -14.08 -19.91
CA VAL G 99 -25.19 -12.66 -19.73
C VAL G 99 -25.14 -11.97 -21.08
N LEU G 100 -26.18 -11.26 -21.44
CA LEU G 100 -26.28 -10.63 -22.77
C LEU G 100 -26.19 -9.12 -22.72
N SER G 101 -26.30 -8.53 -21.54
CA SER G 101 -26.24 -7.08 -21.38
C SER G 101 -25.03 -6.59 -20.53
N PRO G 102 -24.67 -5.31 -20.68
CA PRO G 102 -23.72 -4.67 -19.78
C PRO G 102 -24.21 -4.77 -18.31
N GLN G 103 -23.30 -5.03 -17.39
CA GLN G 103 -23.65 -5.18 -15.99
C GLN G 103 -23.55 -3.80 -15.29
N ILE G 104 -24.57 -2.98 -15.53
CA ILE G 104 -24.63 -1.62 -15.07
C ILE G 104 -26.01 -1.42 -14.40
N ALA G 105 -25.99 -0.81 -13.22
CA ALA G 105 -27.18 -0.43 -12.50
C ALA G 105 -27.39 1.09 -12.46
N VAL G 106 -28.61 1.47 -12.08
CA VAL G 106 -29.05 2.87 -11.89
C VAL G 106 -29.39 3.01 -10.40
N VAL G 107 -28.84 4.04 -9.79
CA VAL G 107 -29.03 4.29 -8.37
C VAL G 107 -29.63 5.69 -8.29
N THR G 108 -30.65 5.83 -7.47
CA THR G 108 -31.40 7.09 -7.25
C THR G 108 -31.08 7.56 -5.84
N HIS G 109 -31.28 8.88 -5.63
CA HIS G 109 -30.86 9.57 -4.42
C HIS G 109 -31.56 9.06 -3.15
N ASP G 110 -32.69 8.39 -3.30
CA ASP G 110 -33.34 7.78 -2.11
C ASP G 110 -32.76 6.39 -1.72
N GLY G 111 -31.72 5.97 -2.43
CA GLY G 111 -31.08 4.68 -2.20
C GLY G 111 -31.63 3.53 -3.04
N SER G 112 -32.53 3.84 -4.00
CA SER G 112 -33.17 2.84 -4.88
C SER G 112 -32.18 2.45 -5.94
N VAL G 113 -32.20 1.17 -6.25
CA VAL G 113 -31.36 0.58 -7.27
C VAL G 113 -32.28 -0.18 -8.22
N MET G 114 -31.97 -0.04 -9.50
CA MET G 114 -32.65 -0.77 -10.53
C MET G 114 -31.57 -1.44 -11.40
N PHE G 115 -31.60 -2.77 -11.47
CA PHE G 115 -30.63 -3.54 -12.25
C PHE G 115 -31.38 -4.53 -13.15
N ILE G 116 -31.15 -4.45 -14.46
CA ILE G 116 -31.88 -5.26 -15.45
C ILE G 116 -30.96 -6.08 -16.33
N PRO G 117 -30.42 -7.19 -15.80
CA PRO G 117 -29.68 -8.06 -16.68
C PRO G 117 -30.54 -8.81 -17.73
N ALA G 118 -30.09 -8.71 -19.00
CA ALA G 118 -30.45 -9.58 -20.09
C ALA G 118 -29.72 -10.93 -19.95
N GLN G 119 -30.44 -12.04 -20.10
CA GLN G 119 -29.94 -13.38 -19.82
C GLN G 119 -30.46 -14.42 -20.82
N ARG G 120 -29.66 -15.46 -21.08
CA ARG G 120 -30.14 -16.67 -21.73
C ARG G 120 -30.04 -17.79 -20.73
N LEU G 121 -31.15 -18.54 -20.60
CA LEU G 121 -31.28 -19.59 -19.63
C LEU G 121 -31.68 -20.88 -20.28
N SER G 122 -30.99 -21.97 -19.94
CA SER G 122 -31.48 -23.31 -20.18
C SER G 122 -32.03 -23.83 -18.87
N PHE G 123 -33.29 -24.26 -18.93
CA PHE G 123 -33.96 -24.81 -17.76
C PHE G 123 -34.75 -26.05 -18.15
N MET G 124 -35.07 -26.81 -17.10
CA MET G 124 -35.76 -28.08 -17.16
C MET G 124 -37.21 -27.95 -17.65
N CYS G 125 -37.47 -28.44 -18.86
CA CYS G 125 -38.77 -28.28 -19.47
C CYS G 125 -39.06 -29.39 -20.51
N ASP G 126 -40.08 -30.20 -20.23
CA ASP G 126 -40.66 -31.14 -21.20
C ASP G 126 -41.59 -30.37 -22.17
N PRO G 127 -41.13 -30.24 -23.43
CA PRO G 127 -41.89 -29.60 -24.49
C PRO G 127 -42.81 -30.58 -25.28
N THR G 128 -43.21 -31.71 -24.69
CA THR G 128 -44.20 -32.61 -25.34
C THR G 128 -45.54 -31.89 -25.39
N GLY G 129 -46.07 -31.72 -26.61
CA GLY G 129 -47.33 -31.01 -26.82
C GLY G 129 -47.11 -29.61 -27.38
N VAL G 130 -45.89 -29.30 -27.78
CA VAL G 130 -45.57 -27.94 -28.25
C VAL G 130 -46.09 -27.70 -29.68
N ASP G 131 -46.07 -28.71 -30.53
CA ASP G 131 -46.66 -28.58 -31.87
C ASP G 131 -48.21 -28.49 -31.85
N SER G 132 -48.84 -29.15 -30.89
CA SER G 132 -50.29 -29.09 -30.72
C SER G 132 -50.84 -27.69 -30.45
N GLU G 133 -52.13 -27.50 -30.72
CA GLU G 133 -52.82 -26.21 -30.58
C GLU G 133 -52.87 -25.74 -29.15
N GLU G 134 -52.99 -26.69 -28.23
CA GLU G 134 -53.03 -26.41 -26.78
C GLU G 134 -51.66 -25.98 -26.26
N GLY G 135 -50.59 -26.37 -26.96
CA GLY G 135 -49.24 -26.03 -26.59
C GLY G 135 -48.87 -26.70 -25.28
N VAL G 136 -47.87 -26.14 -24.61
CA VAL G 136 -47.35 -26.75 -23.41
C VAL G 136 -46.90 -25.70 -22.38
N THR G 137 -46.99 -26.11 -21.12
CA THR G 137 -46.69 -25.26 -20.00
C THR G 137 -45.34 -25.67 -19.40
N CYS G 138 -44.48 -24.67 -19.28
CA CYS G 138 -43.23 -24.80 -18.53
C CYS G 138 -43.11 -23.75 -17.44
N ALA G 139 -42.40 -24.10 -16.37
CA ALA G 139 -42.19 -23.21 -15.21
C ALA G 139 -40.74 -23.29 -14.69
N VAL G 140 -40.23 -22.15 -14.21
CA VAL G 140 -38.97 -22.06 -13.47
C VAL G 140 -39.14 -21.06 -12.32
N LYS G 141 -38.78 -21.53 -11.13
CA LYS G 141 -38.72 -20.68 -9.93
C LYS G 141 -37.41 -19.87 -9.85
N PHE G 142 -37.57 -18.65 -9.36
CA PHE G 142 -36.49 -17.74 -9.10
C PHE G 142 -36.51 -17.37 -7.64
N GLY G 143 -35.33 -17.25 -7.03
CA GLY G 143 -35.21 -16.67 -5.71
C GLY G 143 -33.79 -16.65 -5.22
N SER G 144 -33.62 -16.18 -3.99
CA SER G 144 -32.31 -16.08 -3.40
C SER G 144 -31.79 -17.51 -3.27
N TRP G 145 -30.47 -17.66 -3.35
CA TRP G 145 -29.87 -18.93 -3.08
C TRP G 145 -29.73 -19.15 -1.55
N VAL G 146 -29.67 -18.07 -0.78
CA VAL G 146 -29.22 -18.19 0.63
C VAL G 146 -30.10 -17.51 1.67
N TYR G 147 -30.87 -16.53 1.26
CA TYR G 147 -31.69 -15.75 2.14
C TYR G 147 -33.14 -16.23 2.15
N SER G 148 -33.63 -16.46 3.38
CA SER G 148 -35.02 -16.64 3.66
C SER G 148 -35.82 -15.36 3.42
N GLY G 149 -37.13 -15.51 3.53
CA GLY G 149 -38.10 -14.42 3.47
C GLY G 149 -38.00 -13.36 4.55
N PHE G 150 -37.38 -13.70 5.69
CA PHE G 150 -37.09 -12.74 6.75
C PHE G 150 -35.91 -11.82 6.49
N GLU G 151 -35.12 -12.13 5.46
CA GLU G 151 -33.95 -11.35 5.04
C GLU G 151 -34.15 -10.74 3.67
N ILE G 152 -34.59 -11.52 2.70
CA ILE G 152 -35.02 -10.97 1.41
C ILE G 152 -36.48 -11.34 1.16
N ASP G 153 -37.34 -10.33 1.17
CA ASP G 153 -38.73 -10.48 0.73
C ASP G 153 -38.82 -10.28 -0.79
N LEU G 154 -39.17 -11.33 -1.52
CA LEU G 154 -39.35 -11.19 -2.97
C LEU G 154 -40.78 -10.72 -3.29
N LYS G 155 -40.90 -9.81 -4.25
CA LYS G 155 -42.17 -9.29 -4.69
C LYS G 155 -42.15 -9.09 -6.19
N THR G 156 -43.35 -9.08 -6.78
CA THR G 156 -43.61 -8.57 -8.14
C THR G 156 -44.55 -7.34 -8.09
N ASP G 157 -44.51 -6.53 -9.15
CA ASP G 157 -45.50 -5.45 -9.30
C ASP G 157 -46.71 -5.88 -10.08
N THR G 158 -46.58 -6.95 -10.85
CA THR G 158 -47.69 -7.49 -11.64
C THR G 158 -47.38 -8.96 -11.86
N ASP G 159 -48.43 -9.75 -12.02
CA ASP G 159 -48.32 -11.18 -12.27
C ASP G 159 -48.17 -11.47 -13.78
N GLN G 160 -48.26 -10.43 -14.60
CA GLN G 160 -48.17 -10.60 -16.05
C GLN G 160 -46.78 -10.35 -16.49
N VAL G 161 -46.12 -11.37 -17.02
CA VAL G 161 -44.82 -11.20 -17.71
C VAL G 161 -44.97 -10.17 -18.86
N ASP G 162 -43.99 -9.29 -19.00
CA ASP G 162 -44.01 -8.28 -20.05
C ASP G 162 -43.62 -8.91 -21.40
N LEU G 163 -44.57 -8.82 -22.35
CA LEU G 163 -44.46 -9.50 -23.65
C LEU G 163 -44.40 -8.51 -24.79
N SER G 164 -44.28 -7.23 -24.46
CA SER G 164 -44.26 -6.16 -25.45
C SER G 164 -43.06 -6.20 -26.40
N SER G 165 -41.95 -6.83 -25.96
CA SER G 165 -40.74 -7.03 -26.78
C SER G 165 -40.54 -8.46 -27.27
N TYR G 166 -41.55 -9.33 -27.15
CA TYR G 166 -41.37 -10.73 -27.57
C TYR G 166 -41.17 -10.76 -29.08
N TYR G 167 -40.12 -11.47 -29.50
CA TYR G 167 -39.79 -11.65 -30.90
C TYR G 167 -41.00 -12.21 -31.69
N ALA G 168 -41.44 -11.45 -32.68
CA ALA G 168 -42.61 -11.81 -33.46
C ALA G 168 -42.33 -12.95 -34.41
N SER G 169 -41.07 -13.18 -34.82
CA SER G 169 -40.81 -14.29 -35.72
C SER G 169 -40.11 -15.47 -35.04
N SER G 170 -40.21 -15.49 -33.70
CA SER G 170 -39.78 -16.63 -32.89
C SER G 170 -40.50 -17.87 -33.38
N LYS G 171 -39.86 -19.03 -33.26
CA LYS G 171 -40.46 -20.29 -33.64
C LYS G 171 -41.58 -20.70 -32.68
N TYR G 172 -41.64 -20.03 -31.52
CA TYR G 172 -42.65 -20.30 -30.51
C TYR G 172 -43.50 -19.06 -30.22
N GLU G 173 -44.82 -19.23 -30.27
CA GLU G 173 -45.71 -18.17 -29.86
C GLU G 173 -46.11 -18.41 -28.40
N ILE G 174 -46.26 -17.31 -27.66
CA ILE G 174 -46.68 -17.34 -26.25
C ILE G 174 -48.21 -17.30 -26.10
N LEU G 175 -48.75 -18.27 -25.39
CA LEU G 175 -50.17 -18.34 -25.05
C LEU G 175 -50.45 -17.66 -23.69
N SER G 176 -49.58 -17.87 -22.71
CA SER G 176 -49.62 -17.15 -21.44
C SER G 176 -48.23 -17.17 -20.80
N ALA G 177 -47.92 -16.09 -20.10
CA ALA G 177 -46.65 -15.92 -19.43
C ALA G 177 -46.98 -15.15 -18.17
N THR G 178 -46.86 -15.84 -17.03
CA THR G 178 -47.13 -15.22 -15.72
C THR G 178 -45.92 -15.28 -14.77
N GLN G 179 -45.95 -14.38 -13.79
CA GLN G 179 -44.89 -14.28 -12.79
C GLN G 179 -45.49 -14.16 -11.37
N THR G 180 -45.56 -15.28 -10.67
CA THR G 180 -46.30 -15.38 -9.39
C THR G 180 -45.39 -15.61 -8.18
N ARG G 181 -45.44 -14.66 -7.25
CA ARG G 181 -44.86 -14.84 -5.92
C ARG G 181 -45.52 -16.02 -5.18
N GLN G 182 -44.67 -16.92 -4.68
CA GLN G 182 -45.09 -18.02 -3.83
C GLN G 182 -44.36 -17.96 -2.51
N VAL G 183 -45.10 -18.17 -1.44
CA VAL G 183 -44.52 -18.36 -0.13
C VAL G 183 -44.64 -19.83 0.25
N GLN G 184 -43.55 -20.35 0.76
CA GLN G 184 -43.49 -21.68 1.28
C GLN G 184 -43.06 -21.63 2.74
N HIS G 185 -43.66 -22.50 3.54
CA HIS G 185 -43.36 -22.63 4.96
C HIS G 185 -42.93 -24.05 5.13
N TYR G 186 -42.00 -24.32 6.05
CA TYR G 186 -41.59 -25.71 6.30
C TYR G 186 -42.04 -26.11 7.71
N SER G 187 -42.40 -27.39 7.80
CA SER G 187 -42.68 -28.08 9.03
C SER G 187 -41.77 -27.62 10.19
N CYS G 188 -40.48 -27.87 9.98
CA CYS G 188 -39.43 -27.65 10.97
C CYS G 188 -39.28 -26.20 11.49
N CYS G 189 -39.69 -25.23 10.69
CA CYS G 189 -39.11 -23.90 10.72
C CYS G 189 -40.17 -22.82 10.43
N PRO G 190 -40.08 -21.65 11.12
CA PRO G 190 -41.02 -20.53 10.94
C PRO G 190 -40.75 -19.53 9.80
N GLU G 191 -39.50 -19.44 9.32
CA GLU G 191 -39.16 -18.43 8.28
C GLU G 191 -39.93 -18.77 7.01
N PRO G 192 -40.52 -17.77 6.35
CA PRO G 192 -41.08 -18.02 5.06
C PRO G 192 -39.96 -18.07 4.02
N TYR G 193 -40.16 -18.88 3.01
CA TYR G 193 -39.24 -19.01 1.87
C TYR G 193 -39.99 -18.59 0.59
N ILE G 194 -39.45 -17.60 -0.08
CA ILE G 194 -40.17 -16.92 -1.11
C ILE G 194 -39.50 -17.11 -2.45
N ASP G 195 -40.30 -17.41 -3.47
CA ASP G 195 -39.80 -17.38 -4.84
C ASP G 195 -40.81 -16.71 -5.76
N VAL G 196 -40.39 -16.48 -7.01
CA VAL G 196 -41.29 -16.03 -8.07
C VAL G 196 -41.22 -17.07 -9.17
N ASN G 197 -42.38 -17.65 -9.44
CA ASN G 197 -42.57 -18.77 -10.39
C ASN G 197 -42.92 -18.23 -11.77
N LEU G 198 -42.00 -18.34 -12.72
CA LEU G 198 -42.23 -17.94 -14.12
C LEU G 198 -42.85 -19.14 -14.87
N VAL G 199 -44.10 -18.96 -15.31
CA VAL G 199 -44.93 -20.03 -15.93
C VAL G 199 -45.36 -19.52 -17.33
N VAL G 200 -44.91 -20.23 -18.33
CA VAL G 200 -45.09 -19.85 -19.72
C VAL G 200 -45.78 -21.02 -20.43
N LYS G 201 -47.04 -20.80 -20.86
CA LYS G 201 -47.70 -21.67 -21.84
C LYS G 201 -47.32 -21.24 -23.27
N PHE G 202 -46.89 -22.19 -24.08
CA PHE G 202 -46.41 -21.82 -25.40
C PHE G 202 -46.57 -22.97 -26.37
N ARG G 203 -46.50 -22.64 -27.65
CA ARG G 203 -46.58 -23.62 -28.73
C ARG G 203 -45.84 -23.09 -29.97
N GLU G 204 -45.59 -24.01 -30.91
CA GLU G 204 -44.95 -23.68 -32.18
C GLU G 204 -45.81 -22.70 -32.94
N ARG G 205 -45.21 -21.66 -33.53
CA ARG G 205 -45.95 -20.78 -34.46
C ARG G 205 -46.14 -21.51 -35.80
N GLN H 1 -26.43 -3.91 9.57
CA GLN H 1 -25.33 -3.49 8.70
C GLN H 1 -24.12 -3.40 9.59
N ALA H 2 -24.21 -2.55 10.60
CA ALA H 2 -23.05 -2.14 11.35
C ALA H 2 -22.44 -3.32 12.08
N ASN H 3 -23.25 -4.12 12.73
CA ASN H 3 -22.72 -5.20 13.56
C ASN H 3 -22.13 -6.33 12.72
N LEU H 4 -22.77 -6.62 11.60
CA LEU H 4 -22.27 -7.62 10.68
C LEU H 4 -20.97 -7.19 9.99
N MET H 5 -20.91 -5.95 9.47
CA MET H 5 -19.64 -5.37 8.97
C MET H 5 -18.49 -5.51 9.99
N ARG H 6 -18.77 -5.12 11.20
CA ARG H 6 -17.84 -5.28 12.32
C ARG H 6 -17.43 -6.74 12.46
N LEU H 7 -18.42 -7.63 12.48
CA LEU H 7 -18.19 -9.05 12.68
C LEU H 7 -17.31 -9.60 11.59
N LYS H 8 -17.65 -9.29 10.33
CA LYS H 8 -16.89 -9.75 9.18
C LYS H 8 -15.47 -9.19 9.15
N SER H 9 -15.34 -7.91 9.48
CA SER H 9 -14.04 -7.29 9.62
C SER H 9 -13.17 -8.04 10.67
N ASP H 10 -13.75 -8.37 11.82
CA ASP H 10 -13.01 -9.10 12.84
C ASP H 10 -12.59 -10.50 12.40
N LEU H 11 -13.45 -11.20 11.64
CA LEU H 11 -13.19 -12.57 11.29
C LEU H 11 -12.22 -12.72 10.14
N PHE H 12 -12.26 -11.79 9.18
CA PHE H 12 -11.56 -11.94 7.91
C PHE H 12 -10.32 -11.04 7.76
N ASN H 13 -10.31 -9.90 8.43
CA ASN H 13 -9.26 -8.90 8.19
C ASN H 13 -8.15 -8.91 9.22
N ARG H 14 -8.31 -9.63 10.32
CA ARG H 14 -7.32 -9.54 11.40
C ARG H 14 -6.17 -10.52 11.22
N SER H 15 -6.43 -11.67 10.59
CA SER H 15 -5.46 -12.78 10.57
C SER H 15 -5.25 -13.30 9.15
N PRO H 16 -4.22 -14.17 8.97
CA PRO H 16 -4.04 -14.78 7.63
C PRO H 16 -5.13 -15.80 7.40
N MET H 17 -5.47 -16.07 6.14
CA MET H 17 -6.61 -16.97 5.91
C MET H 17 -6.28 -18.34 6.49
N TYR H 18 -7.32 -19.08 6.84
CA TYR H 18 -7.16 -20.46 7.27
C TYR H 18 -6.44 -21.25 6.15
N PRO H 19 -5.32 -21.92 6.49
CA PRO H 19 -4.49 -22.66 5.54
C PRO H 19 -5.00 -24.07 5.20
N GLY H 20 -6.20 -24.41 5.67
CA GLY H 20 -6.74 -25.73 5.49
C GLY H 20 -6.29 -26.70 6.60
N PRO H 21 -6.89 -27.90 6.62
CA PRO H 21 -6.62 -28.84 7.67
C PRO H 21 -5.28 -29.52 7.55
N THR H 22 -4.75 -29.96 8.67
CA THR H 22 -3.58 -30.82 8.69
C THR H 22 -3.89 -32.07 9.50
N LYS H 23 -2.96 -33.03 9.55
CA LYS H 23 -3.11 -34.21 10.41
C LYS H 23 -3.19 -33.83 11.92
N ASP H 24 -2.74 -32.62 12.26
CA ASP H 24 -2.82 -32.10 13.62
C ASP H 24 -4.13 -31.36 13.85
N ASP H 25 -4.72 -30.82 12.80
CA ASP H 25 -5.95 -30.07 12.92
C ASP H 25 -6.89 -30.57 11.83
N PRO H 26 -7.39 -31.80 11.97
CA PRO H 26 -8.22 -32.42 10.98
C PRO H 26 -9.65 -31.92 11.04
N LEU H 27 -10.32 -32.12 9.93
CA LEU H 27 -11.59 -31.54 9.70
C LEU H 27 -12.52 -32.59 9.15
N THR H 28 -13.77 -32.56 9.60
CA THR H 28 -14.82 -33.45 9.06
C THR H 28 -15.68 -32.64 8.10
N VAL H 29 -15.84 -33.14 6.88
CA VAL H 29 -16.73 -32.53 5.89
C VAL H 29 -17.87 -33.50 5.67
N THR H 30 -19.09 -32.99 5.80
CA THR H 30 -20.27 -33.80 5.59
C THR H 30 -20.82 -33.43 4.21
N LEU H 31 -21.00 -34.47 3.40
CA LEU H 31 -21.45 -34.38 2.03
C LEU H 31 -22.83 -34.99 1.89
N GLY H 32 -23.68 -34.30 1.14
CA GLY H 32 -24.96 -34.87 0.70
C GLY H 32 -25.30 -34.33 -0.69
N PHE H 33 -26.05 -35.14 -1.45
CA PHE H 33 -26.49 -34.77 -2.80
C PHE H 33 -28.03 -34.69 -2.86
N THR H 34 -28.50 -33.58 -3.43
CA THR H 34 -29.87 -33.38 -3.88
C THR H 34 -29.84 -33.43 -5.42
N LEU H 35 -30.27 -34.58 -5.96
CA LEU H 35 -30.33 -34.80 -7.39
C LEU H 35 -31.62 -34.17 -7.97
N GLN H 36 -31.39 -33.29 -8.95
CA GLN H 36 -32.44 -32.53 -9.63
C GLN H 36 -32.85 -33.07 -10.97
N ASP H 37 -31.89 -33.54 -11.76
CA ASP H 37 -32.18 -34.00 -13.12
C ASP H 37 -31.01 -34.81 -13.69
N ILE H 38 -31.34 -35.93 -14.34
CA ILE H 38 -30.43 -36.52 -15.31
C ILE H 38 -30.86 -35.89 -16.66
N VAL H 39 -30.02 -35.00 -17.17
CA VAL H 39 -30.36 -34.18 -18.32
C VAL H 39 -30.13 -34.91 -19.62
N LYS H 40 -28.98 -35.58 -19.73
CA LYS H 40 -28.46 -36.08 -21.01
C LYS H 40 -27.68 -37.38 -20.86
N VAL H 41 -27.90 -38.27 -21.82
CA VAL H 41 -27.10 -39.48 -22.02
C VAL H 41 -26.48 -39.39 -23.44
N ASP H 42 -25.23 -39.80 -23.56
CA ASP H 42 -24.55 -39.89 -24.83
C ASP H 42 -23.95 -41.29 -24.88
N SER H 43 -24.62 -42.19 -25.60
CA SER H 43 -24.18 -43.56 -25.74
C SER H 43 -23.00 -43.70 -26.72
N SER H 44 -22.63 -42.65 -27.45
CA SER H 44 -21.46 -42.73 -28.32
C SER H 44 -20.16 -42.46 -27.58
N THR H 45 -20.23 -41.76 -26.44
CA THR H 45 -19.05 -41.40 -25.64
C THR H 45 -19.05 -42.01 -24.26
N ASN H 46 -20.16 -42.65 -23.90
CA ASN H 46 -20.41 -43.10 -22.54
C ASN H 46 -20.19 -41.97 -21.47
N GLU H 47 -20.85 -40.83 -21.68
CA GLU H 47 -20.92 -39.71 -20.74
C GLU H 47 -22.37 -39.48 -20.36
N VAL H 48 -22.63 -39.22 -19.08
CA VAL H 48 -23.96 -38.82 -18.58
C VAL H 48 -23.83 -37.49 -17.83
N ASP H 49 -24.87 -36.66 -17.95
CA ASP H 49 -24.90 -35.32 -17.39
C ASP H 49 -26.00 -35.27 -16.32
N LEU H 50 -25.57 -34.90 -15.10
CA LEU H 50 -26.43 -34.74 -13.93
C LEU H 50 -26.43 -33.31 -13.51
N VAL H 51 -27.57 -32.89 -12.97
CA VAL H 51 -27.70 -31.63 -12.26
C VAL H 51 -28.13 -31.99 -10.83
N TYR H 52 -27.36 -31.45 -9.89
CA TYR H 52 -27.52 -31.68 -8.48
C TYR H 52 -27.08 -30.47 -7.67
N TYR H 53 -27.58 -30.40 -6.42
CA TYR H 53 -27.00 -29.61 -5.35
C TYR H 53 -26.08 -30.46 -4.48
N GLU H 54 -24.89 -29.95 -4.20
CA GLU H 54 -23.93 -30.61 -3.34
C GLU H 54 -23.83 -29.88 -2.00
N GLN H 55 -24.39 -30.50 -0.97
CA GLN H 55 -24.33 -30.02 0.41
C GLN H 55 -22.98 -30.34 0.99
N GLN H 56 -22.31 -29.28 1.45
CA GLN H 56 -21.06 -29.39 2.19
C GLN H 56 -21.20 -28.68 3.52
N ARG H 57 -20.79 -29.34 4.61
CA ARG H 57 -20.73 -28.74 5.93
C ARG H 57 -19.45 -29.09 6.65
N TRP H 58 -18.85 -28.07 7.25
CA TRP H 58 -17.68 -28.24 8.09
C TRP H 58 -17.71 -27.14 9.18
N LYS H 59 -16.75 -27.22 10.11
CA LYS H 59 -16.71 -26.32 11.26
C LYS H 59 -15.29 -25.94 11.55
N LEU H 60 -15.06 -24.64 11.69
CA LEU H 60 -13.75 -24.07 12.02
C LEU H 60 -13.81 -23.25 13.32
N ASN H 61 -12.86 -23.47 14.21
CA ASN H 61 -12.78 -22.66 15.40
C ASN H 61 -12.46 -21.20 15.06
N SER H 62 -11.70 -20.98 13.98
CA SER H 62 -11.37 -19.62 13.52
C SER H 62 -12.60 -18.80 13.04
N LEU H 63 -13.77 -19.42 12.91
CA LEU H 63 -14.98 -18.69 12.48
C LEU H 63 -16.00 -18.50 13.60
N MET H 64 -15.62 -18.89 14.82
CA MET H 64 -16.52 -18.78 15.94
C MET H 64 -16.58 -17.33 16.43
N TRP H 65 -17.72 -16.94 16.98
CA TRP H 65 -17.83 -15.66 17.67
C TRP H 65 -18.91 -15.76 18.71
N ASP H 66 -18.91 -14.78 19.59
CA ASP H 66 -19.90 -14.68 20.62
C ASP H 66 -20.99 -13.74 20.11
N PRO H 67 -22.21 -14.26 19.90
CA PRO H 67 -23.29 -13.39 19.45
C PRO H 67 -23.55 -12.13 20.34
N ASN H 68 -23.26 -12.18 21.63
CA ASN H 68 -23.46 -11.01 22.49
C ASN H 68 -22.56 -9.84 22.14
N GLU H 69 -21.38 -10.16 21.63
CA GLU H 69 -20.42 -9.16 21.20
C GLU H 69 -20.77 -8.54 19.86
N TYR H 70 -21.76 -9.08 19.15
CA TYR H 70 -22.05 -8.67 17.78
C TYR H 70 -23.53 -8.49 17.53
N GLY H 71 -24.23 -7.89 18.49
CA GLY H 71 -25.62 -7.51 18.32
C GLY H 71 -26.54 -8.71 18.15
N ASN H 72 -26.20 -9.80 18.85
CA ASN H 72 -26.89 -11.08 18.76
C ASN H 72 -26.96 -11.69 17.36
N ILE H 73 -26.01 -11.36 16.49
CA ILE H 73 -25.89 -12.07 15.21
C ILE H 73 -25.49 -13.52 15.52
N THR H 74 -26.29 -14.48 15.07
CA THR H 74 -25.99 -15.92 15.22
C THR H 74 -25.46 -16.61 13.96
N ASP H 75 -25.62 -15.95 12.81
CA ASP H 75 -25.24 -16.54 11.52
C ASP H 75 -25.25 -15.43 10.46
N PHE H 76 -24.50 -15.64 9.38
CA PHE H 76 -24.48 -14.69 8.27
C PHE H 76 -24.07 -15.35 6.94
N ARG H 77 -24.29 -14.64 5.86
CA ARG H 77 -23.99 -15.12 4.55
C ARG H 77 -22.83 -14.34 3.95
N THR H 78 -21.95 -15.06 3.27
CA THR H 78 -20.77 -14.43 2.66
C THR H 78 -20.27 -15.16 1.44
N SER H 79 -19.69 -14.40 0.53
CA SER H 79 -18.98 -14.96 -0.63
C SER H 79 -18.08 -16.17 -0.24
N ALA H 80 -18.15 -17.27 -0.98
CA ALA H 80 -17.31 -18.42 -0.68
C ALA H 80 -15.80 -18.16 -0.85
N ALA H 81 -15.48 -17.05 -1.52
CA ALA H 81 -14.11 -16.56 -1.65
C ALA H 81 -13.54 -15.90 -0.38
N ASP H 82 -14.39 -15.53 0.58
CA ASP H 82 -13.92 -15.01 1.85
C ASP H 82 -13.44 -16.09 2.85
N ILE H 83 -13.74 -17.35 2.54
CA ILE H 83 -13.51 -18.44 3.44
C ILE H 83 -12.79 -19.55 2.71
N TRP H 84 -12.14 -20.40 3.49
CA TRP H 84 -11.63 -21.66 3.02
C TRP H 84 -12.79 -22.57 2.65
N THR H 85 -12.61 -23.37 1.59
CA THR H 85 -13.58 -24.40 1.21
C THR H 85 -12.87 -25.68 0.79
N PRO H 86 -13.46 -26.86 1.06
CA PRO H 86 -12.81 -28.10 0.69
C PRO H 86 -12.71 -28.33 -0.85
N ASP H 87 -11.74 -29.13 -1.24
CA ASP H 87 -11.51 -29.45 -2.65
C ASP H 87 -12.26 -30.73 -3.08
N ILE H 88 -13.55 -30.80 -2.81
CA ILE H 88 -14.36 -31.98 -3.13
C ILE H 88 -14.55 -32.03 -4.68
N THR H 89 -14.17 -33.15 -5.26
CA THR H 89 -14.05 -33.32 -6.70
C THR H 89 -14.67 -34.67 -7.08
N ALA H 90 -15.41 -34.68 -8.19
CA ALA H 90 -15.81 -35.91 -8.89
C ALA H 90 -14.55 -36.54 -9.46
N TYR H 91 -14.32 -37.81 -9.21
CA TYR H 91 -13.07 -38.43 -9.63
C TYR H 91 -13.13 -38.99 -11.05
N SER H 92 -14.32 -39.04 -11.66
CA SER H 92 -14.47 -39.60 -13.02
C SER H 92 -15.26 -38.64 -13.95
N SER H 93 -15.08 -37.34 -13.74
CA SER H 93 -15.68 -36.35 -14.62
C SER H 93 -14.98 -36.32 -16.00
N THR H 94 -15.70 -35.84 -17.00
CA THR H 94 -15.16 -35.76 -18.38
C THR H 94 -15.07 -34.37 -18.93
N ARG H 95 -15.65 -33.41 -18.20
CA ARG H 95 -15.60 -32.00 -18.52
C ARG H 95 -15.49 -31.26 -17.16
N PRO H 96 -15.00 -30.02 -17.19
CA PRO H 96 -15.11 -29.12 -16.05
C PRO H 96 -16.56 -28.98 -15.53
N VAL H 97 -16.73 -29.20 -14.25
CA VAL H 97 -18.03 -29.03 -13.64
C VAL H 97 -18.56 -27.63 -13.92
N GLN H 98 -19.85 -27.51 -14.20
CA GLN H 98 -20.40 -26.18 -14.42
C GLN H 98 -21.22 -25.76 -13.23
N VAL H 99 -20.95 -24.55 -12.77
CA VAL H 99 -21.55 -23.99 -11.59
C VAL H 99 -22.83 -23.25 -11.97
N LEU H 100 -23.92 -23.61 -11.28
CA LEU H 100 -25.24 -23.09 -11.60
C LEU H 100 -25.76 -22.15 -10.51
N SER H 101 -25.09 -22.03 -9.38
CA SER H 101 -25.59 -21.17 -8.29
C SER H 101 -24.57 -20.07 -7.90
N PRO H 102 -25.03 -19.04 -7.18
CA PRO H 102 -24.16 -18.09 -6.52
C PRO H 102 -23.20 -18.82 -5.59
N GLN H 103 -21.95 -18.40 -5.53
CA GLN H 103 -20.97 -19.07 -4.70
C GLN H 103 -20.96 -18.39 -3.34
N ILE H 104 -21.94 -18.72 -2.50
CA ILE H 104 -22.16 -18.07 -1.22
C ILE H 104 -22.43 -19.12 -0.14
N ALA H 105 -21.78 -18.93 1.00
CA ALA H 105 -21.85 -19.84 2.12
C ALA H 105 -22.57 -19.18 3.33
N VAL H 106 -23.05 -20.01 4.23
CA VAL H 106 -23.67 -19.57 5.50
C VAL H 106 -22.71 -19.95 6.63
N VAL H 107 -22.41 -18.98 7.48
CA VAL H 107 -21.51 -19.19 8.59
C VAL H 107 -22.32 -18.97 9.89
N THR H 108 -22.15 -19.88 10.84
CA THR H 108 -22.86 -19.87 12.13
C THR H 108 -21.87 -19.57 13.26
N HIS H 109 -22.38 -19.09 14.39
CA HIS H 109 -21.51 -18.52 15.42
C HIS H 109 -20.60 -19.54 16.11
N ASP H 110 -21.00 -20.80 16.07
CA ASP H 110 -20.16 -21.92 16.53
C ASP H 110 -19.03 -22.29 15.55
N GLY H 111 -18.97 -21.58 14.43
CA GLY H 111 -17.95 -21.80 13.46
C GLY H 111 -18.35 -22.77 12.38
N SER H 112 -19.58 -23.26 12.39
CA SER H 112 -20.07 -24.13 11.30
C SER H 112 -20.25 -23.36 9.97
N VAL H 113 -19.93 -24.04 8.88
CA VAL H 113 -20.07 -23.49 7.55
C VAL H 113 -20.90 -24.49 6.75
N MET H 114 -21.82 -23.94 5.98
CA MET H 114 -22.73 -24.69 5.12
C MET H 114 -22.66 -24.04 3.70
N PHE H 115 -22.15 -24.82 2.74
CA PHE H 115 -21.97 -24.37 1.36
C PHE H 115 -22.72 -25.38 0.47
N ILE H 116 -23.55 -24.85 -0.46
CA ILE H 116 -24.41 -25.71 -1.33
C ILE H 116 -24.34 -25.29 -2.81
N PRO H 117 -23.24 -25.62 -3.49
CA PRO H 117 -23.15 -25.36 -4.92
C PRO H 117 -24.06 -26.31 -5.75
N ALA H 118 -24.90 -25.72 -6.60
CA ALA H 118 -25.51 -26.39 -7.75
C ALA H 118 -24.52 -26.50 -8.90
N GLN H 119 -24.49 -27.70 -9.45
CA GLN H 119 -23.48 -28.16 -10.41
C GLN H 119 -24.13 -28.98 -11.52
N ARG H 120 -23.65 -28.78 -12.74
CA ARG H 120 -23.81 -29.74 -13.81
C ARG H 120 -22.51 -30.51 -14.05
N LEU H 121 -22.65 -31.83 -14.05
CA LEU H 121 -21.53 -32.75 -14.16
C LEU H 121 -21.70 -33.76 -15.32
N SER H 122 -20.69 -33.80 -16.20
CA SER H 122 -20.51 -34.91 -17.15
C SER H 122 -19.52 -35.89 -16.58
N PHE H 123 -19.89 -37.16 -16.52
CA PHE H 123 -19.01 -38.18 -15.97
C PHE H 123 -19.11 -39.47 -16.77
N MET H 124 -18.16 -40.36 -16.54
CA MET H 124 -18.07 -41.65 -17.28
C MET H 124 -19.16 -42.59 -16.86
N CYS H 125 -19.98 -42.97 -17.84
CA CYS H 125 -21.18 -43.77 -17.61
C CYS H 125 -21.65 -44.44 -18.92
N ASP H 126 -21.66 -45.77 -18.92
CA ASP H 126 -22.18 -46.57 -20.02
C ASP H 126 -23.69 -46.69 -19.81
N PRO H 127 -24.47 -45.94 -20.64
CA PRO H 127 -25.91 -45.84 -20.49
C PRO H 127 -26.66 -47.00 -21.25
N THR H 128 -25.94 -48.06 -21.61
CA THR H 128 -26.55 -49.23 -22.24
C THR H 128 -27.65 -49.83 -21.35
N GLY H 129 -28.86 -49.90 -21.90
CA GLY H 129 -29.98 -50.53 -21.21
C GLY H 129 -30.87 -49.50 -20.55
N VAL H 130 -30.62 -48.25 -20.85
CA VAL H 130 -31.40 -47.17 -20.27
C VAL H 130 -32.83 -47.18 -20.87
N ASP H 131 -32.96 -47.70 -22.09
CA ASP H 131 -34.28 -47.81 -22.81
C ASP H 131 -35.16 -48.95 -22.28
N SER H 132 -34.65 -49.72 -21.32
CA SER H 132 -35.36 -50.84 -20.75
C SER H 132 -36.05 -50.51 -19.43
N GLU H 133 -36.79 -51.50 -18.93
CA GLU H 133 -37.53 -51.48 -17.69
C GLU H 133 -36.57 -51.59 -16.48
N GLU H 134 -35.51 -52.38 -16.63
CA GLU H 134 -34.47 -52.54 -15.60
C GLU H 134 -33.52 -51.35 -15.49
N GLY H 135 -33.46 -50.53 -16.54
CA GLY H 135 -32.60 -49.38 -16.59
C GLY H 135 -31.12 -49.70 -16.61
N VAL H 136 -30.35 -48.87 -15.91
CA VAL H 136 -28.88 -48.93 -15.96
C VAL H 136 -28.32 -48.25 -14.70
N THR H 137 -27.21 -48.76 -14.18
CA THR H 137 -26.57 -48.17 -13.03
C THR H 137 -25.31 -47.44 -13.46
N CYS H 138 -25.16 -46.22 -12.98
CA CYS H 138 -23.89 -45.50 -13.04
C CYS H 138 -23.46 -45.01 -11.66
N ALA H 139 -22.14 -44.91 -11.50
CA ALA H 139 -21.52 -44.45 -10.25
C ALA H 139 -20.39 -43.42 -10.53
N VAL H 140 -20.28 -42.46 -9.62
CA VAL H 140 -19.16 -41.50 -9.61
C VAL H 140 -18.71 -41.27 -8.15
N LYS H 141 -17.40 -41.31 -7.91
CA LYS H 141 -16.85 -41.07 -6.58
C LYS H 141 -16.50 -39.61 -6.36
N PHE H 142 -16.79 -39.12 -5.17
CA PHE H 142 -16.43 -37.75 -4.78
C PHE H 142 -15.46 -37.79 -3.61
N GLY H 143 -14.49 -36.90 -3.65
CA GLY H 143 -13.59 -36.80 -2.53
C GLY H 143 -12.65 -35.66 -2.67
N SER H 144 -11.83 -35.50 -1.66
CA SER H 144 -10.72 -34.53 -1.73
C SER H 144 -9.76 -34.95 -2.85
N TRP H 145 -9.18 -33.96 -3.50
CA TRP H 145 -8.11 -34.19 -4.47
C TRP H 145 -6.74 -34.35 -3.80
N VAL H 146 -6.52 -33.67 -2.68
CA VAL H 146 -5.18 -33.64 -2.05
C VAL H 146 -5.09 -34.12 -0.61
N TYR H 147 -6.22 -34.29 0.08
CA TYR H 147 -6.24 -34.56 1.51
C TYR H 147 -6.67 -35.98 1.81
N SER H 148 -5.88 -36.67 2.63
CA SER H 148 -6.22 -37.99 3.16
C SER H 148 -7.27 -37.87 4.26
N GLY H 149 -7.78 -39.02 4.68
CA GLY H 149 -8.75 -39.09 5.78
C GLY H 149 -8.25 -38.64 7.15
N PHE H 150 -6.93 -38.49 7.32
CA PHE H 150 -6.37 -37.93 8.56
C PHE H 150 -6.33 -36.41 8.54
N GLU H 151 -6.84 -35.81 7.47
CA GLU H 151 -6.88 -34.35 7.30
C GLU H 151 -8.29 -33.87 6.97
N ILE H 152 -8.91 -34.51 5.98
CA ILE H 152 -10.36 -34.36 5.76
C ILE H 152 -11.05 -35.71 5.88
N ASP H 153 -11.78 -35.85 6.98
CA ASP H 153 -12.70 -36.98 7.12
C ASP H 153 -13.99 -36.65 6.38
N LEU H 154 -14.47 -37.56 5.56
CA LEU H 154 -15.69 -37.33 4.78
C LEU H 154 -16.77 -38.15 5.42
N LYS H 155 -17.94 -37.56 5.60
CA LYS H 155 -19.09 -38.19 6.25
C LYS H 155 -20.38 -37.86 5.47
N THR H 156 -21.41 -38.68 5.64
CA THR H 156 -22.76 -38.38 5.12
C THR H 156 -23.73 -38.44 6.29
N ASP H 157 -24.86 -37.74 6.20
CA ASP H 157 -25.95 -37.89 7.17
C ASP H 157 -26.89 -39.04 6.81
N THR H 158 -26.81 -39.50 5.57
CA THR H 158 -27.68 -40.57 5.10
C THR H 158 -27.06 -41.16 3.83
N ASP H 159 -27.28 -42.45 3.63
CA ASP H 159 -26.84 -43.10 2.42
C ASP H 159 -27.89 -42.93 1.30
N GLN H 160 -28.97 -42.19 1.58
CA GLN H 160 -30.04 -41.98 0.62
C GLN H 160 -29.96 -40.62 0.01
N VAL H 161 -29.80 -40.59 -1.30
CA VAL H 161 -29.77 -39.32 -2.04
C VAL H 161 -31.18 -38.69 -1.94
N ASP H 162 -31.21 -37.38 -1.71
CA ASP H 162 -32.43 -36.60 -1.69
C ASP H 162 -32.98 -36.39 -3.12
N LEU H 163 -34.12 -37.02 -3.36
CA LEU H 163 -34.83 -36.97 -4.64
C LEU H 163 -36.09 -36.10 -4.58
N SER H 164 -36.35 -35.46 -3.44
CA SER H 164 -37.60 -34.72 -3.27
C SER H 164 -37.80 -33.61 -4.31
N SER H 165 -36.70 -33.04 -4.81
CA SER H 165 -36.72 -32.00 -5.87
C SER H 165 -36.36 -32.56 -7.28
N TYR H 166 -36.40 -33.88 -7.46
CA TYR H 166 -36.04 -34.44 -8.76
C TYR H 166 -37.12 -34.04 -9.78
N TYR H 167 -36.67 -33.62 -10.95
CA TYR H 167 -37.55 -33.12 -11.98
C TYR H 167 -38.52 -34.20 -12.49
N ALA H 168 -39.79 -33.95 -12.19
CA ALA H 168 -40.87 -34.88 -12.43
C ALA H 168 -40.99 -35.23 -13.91
N SER H 169 -40.66 -34.30 -14.82
CA SER H 169 -40.79 -34.60 -16.28
C SER H 169 -39.46 -34.75 -17.01
N SER H 170 -38.43 -35.17 -16.28
CA SER H 170 -37.12 -35.51 -16.84
C SER H 170 -37.29 -36.58 -17.89
N LYS H 171 -36.36 -36.66 -18.85
CA LYS H 171 -36.35 -37.82 -19.74
C LYS H 171 -36.08 -39.09 -18.97
N TYR H 172 -35.34 -39.01 -17.85
CA TYR H 172 -34.98 -40.20 -17.07
C TYR H 172 -35.63 -40.24 -15.68
N GLU H 173 -36.23 -41.38 -15.36
CA GLU H 173 -36.70 -41.62 -14.00
C GLU H 173 -35.68 -42.43 -13.17
N ILE H 174 -35.70 -42.17 -11.87
CA ILE H 174 -34.69 -42.69 -10.94
C ILE H 174 -35.26 -43.88 -10.21
N LEU H 175 -34.57 -44.98 -10.32
CA LEU H 175 -35.01 -46.21 -9.70
C LEU H 175 -34.35 -46.28 -8.32
N SER H 176 -33.11 -45.83 -8.20
CA SER H 176 -32.50 -45.62 -6.89
C SER H 176 -31.32 -44.67 -6.98
N ALA H 177 -30.91 -44.13 -5.84
CA ALA H 177 -29.85 -43.11 -5.74
C ALA H 177 -29.27 -43.12 -4.32
N THR H 178 -28.04 -43.59 -4.20
CA THR H 178 -27.38 -43.73 -2.91
C THR H 178 -26.08 -42.96 -2.87
N GLN H 179 -25.71 -42.53 -1.68
CA GLN H 179 -24.47 -41.77 -1.49
C GLN H 179 -23.79 -42.45 -0.31
N THR H 180 -22.79 -43.29 -0.62
CA THR H 180 -22.17 -44.15 0.38
C THR H 180 -20.68 -43.84 0.56
N ARG H 181 -20.32 -43.63 1.82
CA ARG H 181 -18.94 -43.49 2.26
C ARG H 181 -18.16 -44.79 2.13
N GLN H 182 -17.01 -44.72 1.45
CA GLN H 182 -16.07 -45.85 1.36
C GLN H 182 -14.68 -45.46 1.87
N VAL H 183 -14.06 -46.38 2.60
CA VAL H 183 -12.75 -46.25 3.19
C VAL H 183 -11.81 -47.20 2.48
N GLN H 184 -10.62 -46.71 2.19
CA GLN H 184 -9.59 -47.48 1.55
C GLN H 184 -8.34 -47.28 2.35
N HIS H 185 -7.60 -48.37 2.55
CA HIS H 185 -6.29 -48.32 3.15
C HIS H 185 -5.29 -48.82 2.13
N TYR H 186 -4.13 -48.22 2.09
CA TYR H 186 -3.07 -48.71 1.23
C TYR H 186 -2.02 -49.40 2.10
N SER H 187 -1.54 -50.55 1.64
CA SER H 187 -0.49 -51.31 2.37
C SER H 187 0.60 -50.39 2.96
N CYS H 188 0.98 -49.35 2.19
CA CYS H 188 2.08 -48.44 2.56
C CYS H 188 1.87 -47.63 3.83
N CYS H 189 0.62 -47.29 4.11
CA CYS H 189 0.26 -46.06 4.81
C CYS H 189 -0.91 -46.28 5.75
N PRO H 190 -0.81 -45.80 7.02
CA PRO H 190 -1.90 -45.97 7.99
C PRO H 190 -3.18 -45.18 7.64
N GLU H 191 -3.01 -43.91 7.24
CA GLU H 191 -4.12 -43.01 7.01
C GLU H 191 -5.17 -43.58 6.05
N PRO H 192 -6.46 -43.39 6.38
CA PRO H 192 -7.52 -43.89 5.53
C PRO H 192 -7.80 -42.95 4.34
N TYR H 193 -8.21 -43.53 3.23
CA TYR H 193 -8.62 -42.75 2.05
C TYR H 193 -10.11 -42.89 1.86
N ILE H 194 -10.84 -41.78 1.92
CA ILE H 194 -12.27 -41.82 2.02
C ILE H 194 -12.94 -41.12 0.84
N ASP H 195 -13.94 -41.78 0.27
CA ASP H 195 -14.81 -41.11 -0.68
C ASP H 195 -16.27 -41.43 -0.46
N VAL H 196 -17.11 -40.66 -1.13
CA VAL H 196 -18.55 -40.83 -1.13
C VAL H 196 -18.90 -41.22 -2.57
N ASN H 197 -19.39 -42.44 -2.71
CA ASN H 197 -19.84 -43.01 -3.97
C ASN H 197 -21.33 -42.74 -4.23
N LEU H 198 -21.60 -41.93 -5.25
CA LEU H 198 -22.95 -41.68 -5.75
C LEU H 198 -23.26 -42.75 -6.77
N VAL H 199 -24.24 -43.61 -6.45
CA VAL H 199 -24.71 -44.70 -7.34
C VAL H 199 -26.15 -44.39 -7.69
N VAL H 200 -26.38 -44.18 -8.99
CA VAL H 200 -27.70 -43.91 -9.51
C VAL H 200 -28.18 -44.98 -10.54
N LYS H 201 -29.27 -45.65 -10.21
CA LYS H 201 -29.95 -46.53 -11.14
C LYS H 201 -31.10 -45.74 -11.78
N PHE H 202 -31.14 -45.75 -13.11
CA PHE H 202 -32.18 -44.98 -13.83
C PHE H 202 -32.60 -45.59 -15.20
N ARG H 203 -33.67 -45.07 -15.79
CA ARG H 203 -34.15 -45.51 -17.10
C ARG H 203 -34.94 -44.46 -17.86
N GLU H 204 -35.06 -44.64 -19.17
CA GLU H 204 -35.84 -43.74 -19.98
C GLU H 204 -37.22 -43.86 -19.43
N ARG H 205 -37.82 -42.71 -19.18
CA ARG H 205 -39.12 -42.68 -18.58
C ARG H 205 -40.19 -42.75 -19.68
N GLN I 1 -2.91 -25.22 13.26
CA GLN I 1 -3.37 -24.15 12.34
C GLN I 1 -2.19 -23.08 12.27
N ALA I 2 -1.53 -22.83 13.41
CA ALA I 2 -0.58 -21.69 13.58
C ALA I 2 0.81 -21.90 12.96
N ASN I 3 1.36 -23.09 13.10
CA ASN I 3 2.68 -23.37 12.56
C ASN I 3 2.63 -23.33 11.04
N LEU I 4 1.55 -23.87 10.46
CA LEU I 4 1.38 -23.85 9.00
C LEU I 4 1.25 -22.45 8.43
N MET I 5 0.47 -21.60 9.08
CA MET I 5 0.36 -20.20 8.65
C MET I 5 1.73 -19.51 8.60
N ARG I 6 2.54 -19.73 9.64
CA ARG I 6 3.89 -19.20 9.73
C ARG I 6 4.77 -19.72 8.63
N LEU I 7 4.73 -21.03 8.41
CA LEU I 7 5.56 -21.68 7.39
C LEU I 7 5.28 -21.09 6.01
N LYS I 8 3.99 -20.99 5.66
CA LYS I 8 3.56 -20.37 4.39
C LYS I 8 3.92 -18.90 4.28
N SER I 9 3.75 -18.12 5.34
CA SER I 9 4.23 -16.76 5.31
C SER I 9 5.71 -16.68 5.05
N ASP I 10 6.45 -17.48 5.78
CA ASP I 10 7.89 -17.60 5.62
C ASP I 10 8.28 -17.99 4.20
N LEU I 11 7.60 -18.98 3.62
CA LEU I 11 7.98 -19.48 2.31
C LEU I 11 7.56 -18.57 1.16
N PHE I 12 6.43 -17.90 1.31
CA PHE I 12 5.79 -17.23 0.19
C PHE I 12 5.77 -15.70 0.26
N ASN I 13 5.69 -15.13 1.45
CA ASN I 13 5.63 -13.67 1.62
C ASN I 13 6.96 -12.98 1.88
N ARG I 14 8.10 -13.57 1.54
CA ARG I 14 9.36 -12.94 1.89
C ARG I 14 10.29 -12.54 0.73
N SER I 15 10.37 -13.38 -0.29
CA SER I 15 11.17 -13.06 -1.50
C SER I 15 10.22 -13.07 -2.70
N PRO I 16 10.66 -12.48 -3.85
CA PRO I 16 9.98 -12.73 -5.13
C PRO I 16 9.76 -14.22 -5.42
N MET I 17 8.84 -14.53 -6.31
CA MET I 17 8.66 -15.94 -6.62
C MET I 17 9.91 -16.49 -7.33
N TYR I 18 10.10 -17.79 -7.23
CA TYR I 18 11.03 -18.46 -8.07
C TYR I 18 10.82 -17.95 -9.55
N PRO I 19 11.90 -17.43 -10.21
CA PRO I 19 11.85 -16.97 -11.61
C PRO I 19 11.89 -18.10 -12.66
N GLY I 20 11.91 -19.34 -12.19
CA GLY I 20 12.02 -20.50 -13.04
C GLY I 20 13.48 -20.85 -13.16
N PRO I 21 13.78 -22.02 -13.74
CA PRO I 21 15.18 -22.44 -13.92
C PRO I 21 15.95 -21.72 -15.01
N THR I 22 17.26 -21.89 -14.93
CA THR I 22 18.19 -21.44 -15.94
C THR I 22 19.21 -22.55 -16.15
N LYS I 23 20.14 -22.36 -17.07
CA LYS I 23 21.18 -23.36 -17.29
C LYS I 23 22.17 -23.40 -16.12
N ASP I 24 22.32 -22.30 -15.37
CA ASP I 24 23.11 -22.31 -14.13
C ASP I 24 22.36 -22.92 -12.91
N ASP I 25 21.02 -22.90 -12.91
CA ASP I 25 20.20 -23.58 -11.89
C ASP I 25 19.13 -24.46 -12.56
N PRO I 26 19.57 -25.56 -13.18
CA PRO I 26 18.65 -26.47 -13.84
C PRO I 26 17.71 -27.22 -12.91
N LEU I 27 16.60 -27.65 -13.48
CA LEU I 27 15.57 -28.31 -12.77
C LEU I 27 15.18 -29.61 -13.49
N THR I 28 14.79 -30.61 -12.73
CA THR I 28 14.33 -31.86 -13.25
C THR I 28 12.85 -31.94 -12.90
N VAL I 29 12.02 -32.18 -13.90
CA VAL I 29 10.62 -32.45 -13.72
C VAL I 29 10.38 -33.92 -14.12
N THR I 30 9.77 -34.67 -13.20
CA THR I 30 9.42 -36.06 -13.42
C THR I 30 7.94 -36.10 -13.75
N LEU I 31 7.60 -36.72 -14.88
CA LEU I 31 6.22 -36.84 -15.37
C LEU I 31 5.73 -38.28 -15.41
N GLY I 32 4.46 -38.49 -15.12
CA GLY I 32 3.75 -39.75 -15.34
C GLY I 32 2.29 -39.52 -15.71
N PHE I 33 1.69 -40.46 -16.41
CA PHE I 33 0.29 -40.41 -16.77
C PHE I 33 -0.48 -41.58 -16.16
N THR I 34 -1.61 -41.24 -15.55
CA THR I 34 -2.72 -42.15 -15.24
C THR I 34 -3.88 -41.92 -16.22
N LEU I 35 -3.97 -42.79 -17.24
CA LEU I 35 -5.03 -42.71 -18.22
C LEU I 35 -6.38 -43.28 -17.69
N GLN I 36 -7.38 -42.40 -17.64
CA GLN I 36 -8.70 -42.77 -17.15
C GLN I 36 -9.66 -43.18 -18.26
N ASP I 37 -9.61 -42.47 -19.38
CA ASP I 37 -10.58 -42.70 -20.40
C ASP I 37 -10.14 -42.15 -21.76
N ILE I 38 -10.37 -42.92 -22.81
CA ILE I 38 -10.50 -42.39 -24.16
C ILE I 38 -11.98 -42.14 -24.37
N VAL I 39 -12.37 -40.86 -24.31
CA VAL I 39 -13.80 -40.48 -24.27
C VAL I 39 -14.44 -40.45 -25.66
N LYS I 40 -13.70 -39.89 -26.60
CA LYS I 40 -14.23 -39.60 -27.94
C LYS I 40 -13.18 -39.77 -29.06
N VAL I 41 -13.67 -40.19 -30.20
CA VAL I 41 -12.96 -40.28 -31.45
C VAL I 41 -13.78 -39.49 -32.49
N ASP I 42 -13.11 -38.73 -33.33
CA ASP I 42 -13.78 -38.02 -34.45
C ASP I 42 -12.99 -38.29 -35.74
N SER I 43 -13.52 -39.19 -36.57
CA SER I 43 -12.86 -39.58 -37.84
C SER I 43 -13.11 -38.61 -38.99
N SER I 44 -13.98 -37.64 -38.80
CA SER I 44 -14.09 -36.54 -39.75
C SER I 44 -12.99 -35.46 -39.55
N THR I 45 -12.39 -35.43 -38.35
CA THR I 45 -11.34 -34.43 -38.04
C THR I 45 -9.99 -35.04 -37.59
N ASN I 46 -9.91 -36.35 -37.47
CA ASN I 46 -8.76 -37.01 -36.83
C ASN I 46 -8.33 -36.34 -35.49
N GLU I 47 -9.32 -36.22 -34.60
CA GLU I 47 -9.12 -35.80 -33.23
C GLU I 47 -9.60 -36.89 -32.27
N VAL I 48 -8.80 -37.17 -31.25
CA VAL I 48 -9.20 -38.10 -30.18
C VAL I 48 -9.08 -37.35 -28.84
N ASP I 49 -10.05 -37.60 -27.96
CA ASP I 49 -10.12 -36.98 -26.64
C ASP I 49 -9.80 -37.98 -25.52
N LEU I 50 -8.81 -37.60 -24.72
CA LEU I 50 -8.30 -38.35 -23.57
C LEU I 50 -8.63 -37.67 -22.26
N VAL I 51 -8.96 -38.46 -21.26
CA VAL I 51 -8.99 -37.98 -19.88
C VAL I 51 -7.95 -38.79 -19.05
N TYR I 52 -7.07 -38.02 -18.40
CA TYR I 52 -5.98 -38.57 -17.62
C TYR I 52 -5.66 -37.59 -16.50
N TYR I 53 -4.86 -38.07 -15.56
CA TYR I 53 -4.18 -37.31 -14.51
C TYR I 53 -2.72 -37.28 -14.92
N GLU I 54 -2.17 -36.09 -14.94
CA GLU I 54 -0.76 -35.91 -15.22
C GLU I 54 0.02 -35.64 -13.95
N GLN I 55 0.76 -36.63 -13.49
CA GLN I 55 1.61 -36.46 -12.36
C GLN I 55 2.89 -35.68 -12.75
N GLN I 56 3.15 -34.65 -11.98
CA GLN I 56 4.28 -33.73 -12.16
C GLN I 56 5.02 -33.47 -10.82
N ARG I 57 6.33 -33.64 -10.86
CA ARG I 57 7.14 -33.49 -9.65
C ARG I 57 8.50 -32.88 -9.96
N TRP I 58 8.86 -31.92 -9.11
CA TRP I 58 10.12 -31.22 -9.20
C TRP I 58 10.53 -30.80 -7.76
N LYS I 59 11.70 -30.20 -7.61
CA LYS I 59 12.19 -29.82 -6.30
C LYS I 59 12.87 -28.47 -6.38
N LEU I 60 12.57 -27.59 -5.41
CA LEU I 60 13.17 -26.26 -5.30
C LEU I 60 13.83 -26.03 -3.92
N ASN I 61 15.08 -25.56 -3.92
CA ASN I 61 15.75 -25.17 -2.68
C ASN I 61 14.97 -24.08 -1.95
N SER I 62 14.33 -23.18 -2.67
CA SER I 62 13.55 -22.13 -2.05
C SER I 62 12.25 -22.63 -1.36
N LEU I 63 11.90 -23.91 -1.50
CA LEU I 63 10.72 -24.44 -0.82
C LEU I 63 11.06 -25.44 0.32
N MET I 64 12.33 -25.54 0.67
CA MET I 64 12.76 -26.42 1.75
C MET I 64 12.53 -25.77 3.07
N TRP I 65 12.24 -26.57 4.08
CA TRP I 65 12.32 -26.07 5.44
C TRP I 65 12.75 -27.18 6.39
N ASP I 66 13.15 -26.73 7.58
CA ASP I 66 13.43 -27.59 8.72
C ASP I 66 12.13 -27.83 9.52
N PRO I 67 11.58 -29.05 9.49
CA PRO I 67 10.35 -29.37 10.21
C PRO I 67 10.38 -29.08 11.71
N ASN I 68 11.54 -29.16 12.34
CA ASN I 68 11.62 -28.94 13.77
C ASN I 68 11.36 -27.47 14.11
N GLU I 69 11.63 -26.59 13.14
CA GLU I 69 11.27 -25.18 13.23
C GLU I 69 9.78 -24.87 13.09
N TYR I 70 8.99 -25.81 12.57
CA TYR I 70 7.56 -25.56 12.29
C TYR I 70 6.70 -26.68 12.82
N GLY I 71 6.90 -27.01 14.09
CA GLY I 71 6.06 -27.97 14.78
C GLY I 71 6.04 -29.32 14.09
N ASN I 72 7.16 -29.67 13.50
CA ASN I 72 7.33 -30.93 12.77
C ASN I 72 6.41 -31.13 11.57
N ILE I 73 5.90 -30.02 11.00
CA ILE I 73 5.23 -30.10 9.71
C ILE I 73 6.25 -30.67 8.70
N THR I 74 5.89 -31.77 8.06
CA THR I 74 6.73 -32.40 7.01
C THR I 74 6.26 -32.12 5.55
N ASP I 75 4.99 -31.74 5.40
CA ASP I 75 4.45 -31.43 4.08
C ASP I 75 3.21 -30.59 4.26
N PHE I 76 2.77 -29.97 3.18
CA PHE I 76 1.50 -29.23 3.17
C PHE I 76 0.90 -29.06 1.76
N ARG I 77 -0.32 -28.58 1.76
CA ARG I 77 -1.07 -28.35 0.52
C ARG I 77 -1.34 -26.94 0.36
N THR I 78 -1.24 -26.52 -0.89
CA THR I 78 -1.49 -25.16 -1.25
C THR I 78 -1.89 -25.03 -2.70
N SER I 79 -2.64 -23.97 -2.98
CA SER I 79 -2.95 -23.55 -4.33
C SER I 79 -1.70 -23.51 -5.23
N ALA I 80 -1.83 -24.17 -6.38
CA ALA I 80 -0.81 -24.13 -7.45
C ALA I 80 -0.38 -22.72 -7.86
N ALA I 81 -1.25 -21.75 -7.62
CA ALA I 81 -0.99 -20.34 -7.87
C ALA I 81 0.00 -19.70 -6.89
N ASP I 82 0.19 -20.28 -5.74
CA ASP I 82 1.20 -19.82 -4.77
C ASP I 82 2.65 -20.17 -5.13
N ILE I 83 2.80 -21.05 -6.13
CA ILE I 83 4.08 -21.59 -6.50
C ILE I 83 4.31 -21.54 -8.00
N TRP I 84 5.58 -21.53 -8.38
CA TRP I 84 6.01 -21.78 -9.75
C TRP I 84 5.60 -23.16 -10.19
N THR I 85 5.15 -23.28 -11.43
CA THR I 85 4.82 -24.59 -12.00
C THR I 85 5.42 -24.70 -13.40
N PRO I 86 5.80 -25.90 -13.79
CA PRO I 86 6.44 -26.08 -15.08
C PRO I 86 5.43 -25.90 -16.24
N ASP I 87 5.95 -25.47 -17.38
CA ASP I 87 5.12 -25.20 -18.58
C ASP I 87 4.96 -26.41 -19.49
N ILE I 88 4.63 -27.55 -18.89
CA ILE I 88 4.53 -28.82 -19.61
C ILE I 88 3.25 -28.81 -20.50
N THR I 89 3.47 -29.07 -21.78
CA THR I 89 2.50 -28.81 -22.81
C THR I 89 2.44 -30.03 -23.73
N ALA I 90 1.22 -30.38 -24.13
CA ALA I 90 0.99 -31.32 -25.21
C ALA I 90 1.35 -30.60 -26.53
N TYR I 91 2.14 -31.23 -27.39
CA TYR I 91 2.66 -30.56 -28.56
C TYR I 91 1.72 -30.67 -29.76
N SER I 92 0.71 -31.53 -29.68
CA SER I 92 -0.20 -31.78 -30.80
C SER I 92 -1.68 -31.78 -30.40
N SER I 93 -2.01 -30.94 -29.40
CA SER I 93 -3.39 -30.62 -29.08
C SER I 93 -4.06 -29.84 -30.21
N THR I 94 -5.37 -30.01 -30.28
CA THR I 94 -6.23 -29.24 -31.20
C THR I 94 -7.23 -28.27 -30.50
N ARG I 95 -7.32 -28.34 -29.18
CA ARG I 95 -8.20 -27.43 -28.35
C ARG I 95 -7.41 -27.13 -27.09
N PRO I 96 -7.77 -26.05 -26.36
CA PRO I 96 -7.15 -25.86 -25.05
C PRO I 96 -7.50 -26.97 -24.09
N VAL I 97 -6.53 -27.36 -23.26
CA VAL I 97 -6.75 -28.42 -22.30
C VAL I 97 -7.78 -27.95 -21.31
N GLN I 98 -8.65 -28.87 -20.92
CA GLN I 98 -9.62 -28.57 -19.90
C GLN I 98 -9.16 -29.23 -18.60
N VAL I 99 -9.16 -28.43 -17.55
CA VAL I 99 -8.77 -28.88 -16.21
C VAL I 99 -9.99 -29.41 -15.46
N LEU I 100 -9.88 -30.62 -14.95
CA LEU I 100 -10.99 -31.29 -14.31
C LEU I 100 -10.85 -31.33 -12.80
N SER I 101 -9.68 -31.07 -12.27
CA SER I 101 -9.44 -31.12 -10.83
C SER I 101 -9.06 -29.75 -10.19
N PRO I 102 -9.08 -29.72 -8.85
CA PRO I 102 -8.58 -28.49 -8.21
C PRO I 102 -7.08 -28.27 -8.46
N GLN I 103 -6.70 -27.03 -8.60
CA GLN I 103 -5.29 -26.70 -8.84
C GLN I 103 -4.55 -26.52 -7.51
N ILE I 104 -4.19 -27.65 -6.92
CA ILE I 104 -3.56 -27.73 -5.60
C ILE I 104 -2.40 -28.69 -5.65
N ALA I 105 -1.27 -28.22 -5.19
CA ALA I 105 -0.01 -28.93 -5.09
C ALA I 105 0.30 -29.34 -3.64
N VAL I 106 1.15 -30.34 -3.53
CA VAL I 106 1.71 -30.82 -2.26
C VAL I 106 3.18 -30.53 -2.17
N VAL I 107 3.55 -29.79 -1.13
CA VAL I 107 4.94 -29.42 -0.89
C VAL I 107 5.44 -30.11 0.36
N THR I 108 6.62 -30.71 0.19
CA THR I 108 7.34 -31.48 1.16
C THR I 108 8.59 -30.69 1.62
N HIS I 109 9.06 -30.95 2.83
CA HIS I 109 10.03 -30.08 3.54
C HIS I 109 11.38 -30.04 2.89
N ASP I 110 11.70 -31.07 2.11
CA ASP I 110 12.88 -31.06 1.26
C ASP I 110 12.73 -30.19 -0.01
N GLY I 111 11.62 -29.48 -0.17
CA GLY I 111 11.44 -28.64 -1.34
C GLY I 111 10.79 -29.34 -2.51
N SER I 112 10.47 -30.63 -2.36
CA SER I 112 9.75 -31.34 -3.41
C SER I 112 8.31 -30.87 -3.55
N VAL I 113 7.90 -30.75 -4.81
CA VAL I 113 6.54 -30.38 -5.18
C VAL I 113 5.95 -31.50 -6.03
N MET I 114 4.72 -31.87 -5.71
CA MET I 114 3.93 -32.80 -6.48
C MET I 114 2.59 -32.12 -6.82
N PHE I 115 2.36 -31.94 -8.13
CA PHE I 115 1.16 -31.34 -8.67
C PHE I 115 0.54 -32.39 -9.64
N ILE I 116 -0.76 -32.67 -9.50
CA ILE I 116 -1.43 -33.72 -10.29
C ILE I 116 -2.71 -33.19 -10.93
N PRO I 117 -2.59 -32.43 -12.00
CA PRO I 117 -3.78 -31.99 -12.69
C PRO I 117 -4.45 -33.07 -13.55
N ALA I 118 -5.74 -33.26 -13.33
CA ALA I 118 -6.66 -33.97 -14.20
C ALA I 118 -7.08 -33.13 -15.43
N GLN I 119 -6.91 -33.71 -16.59
CA GLN I 119 -7.07 -33.04 -17.87
C GLN I 119 -7.89 -33.82 -18.88
N ARG I 120 -8.66 -33.08 -19.65
CA ARG I 120 -9.22 -33.53 -20.89
C ARG I 120 -8.50 -32.88 -22.04
N LEU I 121 -7.87 -33.71 -22.86
CA LEU I 121 -7.07 -33.28 -24.03
C LEU I 121 -7.70 -33.79 -25.34
N SER I 122 -7.89 -32.89 -26.32
CA SER I 122 -8.14 -33.21 -27.74
C SER I 122 -6.82 -33.08 -28.50
N PHE I 123 -6.36 -34.18 -29.08
CA PHE I 123 -5.09 -34.18 -29.82
C PHE I 123 -5.21 -34.85 -31.23
N MET I 124 -4.21 -34.62 -32.07
CA MET I 124 -4.20 -35.09 -33.46
C MET I 124 -4.01 -36.61 -33.52
N CYS I 125 -5.05 -37.32 -33.98
CA CYS I 125 -5.06 -38.76 -34.00
C CYS I 125 -6.04 -39.31 -35.09
N ASP I 126 -5.50 -40.15 -35.98
CA ASP I 126 -6.24 -40.88 -37.04
C ASP I 126 -6.74 -42.19 -36.45
N PRO I 127 -8.05 -42.27 -36.17
CA PRO I 127 -8.64 -43.47 -35.57
C PRO I 127 -9.00 -44.62 -36.54
N THR I 128 -8.55 -44.52 -37.80
CA THR I 128 -8.82 -45.54 -38.80
C THR I 128 -8.28 -46.90 -38.35
N GLY I 129 -9.20 -47.86 -38.25
CA GLY I 129 -8.85 -49.19 -37.81
C GLY I 129 -9.10 -49.43 -36.33
N VAL I 130 -9.76 -48.48 -35.67
CA VAL I 130 -10.10 -48.58 -34.23
C VAL I 130 -11.09 -49.71 -34.02
N ASP I 131 -11.93 -49.93 -35.03
CA ASP I 131 -12.94 -50.99 -35.01
C ASP I 131 -12.35 -52.36 -35.27
N SER I 132 -11.07 -52.42 -35.64
CA SER I 132 -10.40 -53.69 -35.87
C SER I 132 -9.94 -54.32 -34.57
N GLU I 133 -9.54 -55.57 -34.72
CA GLU I 133 -8.94 -56.35 -33.66
C GLU I 133 -7.55 -55.84 -33.28
N GLU I 134 -6.82 -55.37 -34.29
CA GLU I 134 -5.48 -54.77 -34.10
C GLU I 134 -5.52 -53.34 -33.52
N GLY I 135 -6.64 -52.64 -33.71
CA GLY I 135 -6.81 -51.30 -33.16
C GLY I 135 -5.91 -50.29 -33.84
N VAL I 136 -5.68 -49.17 -33.17
CA VAL I 136 -4.92 -48.02 -33.71
C VAL I 136 -3.86 -47.56 -32.73
N THR I 137 -2.83 -46.95 -33.27
CA THR I 137 -1.82 -46.34 -32.46
C THR I 137 -1.84 -44.84 -32.68
N CYS I 138 -1.87 -44.10 -31.57
CA CYS I 138 -1.71 -42.67 -31.61
C CYS I 138 -0.69 -42.24 -30.58
N ALA I 139 -0.12 -41.06 -30.77
CA ALA I 139 0.99 -40.58 -29.98
C ALA I 139 0.86 -39.10 -29.78
N VAL I 140 1.15 -38.65 -28.57
CA VAL I 140 1.30 -37.22 -28.34
C VAL I 140 2.49 -36.94 -27.41
N LYS I 141 3.30 -35.98 -27.82
CA LYS I 141 4.50 -35.56 -27.10
C LYS I 141 4.18 -34.45 -26.09
N PHE I 142 4.79 -34.52 -24.93
CA PHE I 142 4.65 -33.53 -23.87
C PHE I 142 6.02 -32.97 -23.59
N GLY I 143 6.11 -31.67 -23.36
CA GLY I 143 7.36 -31.09 -22.94
C GLY I 143 7.15 -29.64 -22.57
N SER I 144 8.25 -28.96 -22.25
CA SER I 144 8.26 -27.58 -22.00
C SER I 144 8.06 -26.84 -23.33
N TRP I 145 7.39 -25.69 -23.27
CA TRP I 145 7.20 -24.81 -24.41
C TRP I 145 8.44 -23.91 -24.65
N VAL I 146 9.17 -23.53 -23.59
CA VAL I 146 10.27 -22.58 -23.69
C VAL I 146 11.64 -23.01 -23.19
N TYR I 147 11.73 -24.07 -22.37
CA TYR I 147 12.99 -24.48 -21.74
C TYR I 147 13.59 -25.70 -22.42
N SER I 148 14.87 -25.58 -22.80
CA SER I 148 15.66 -26.71 -23.23
C SER I 148 16.00 -27.63 -22.05
N GLY I 149 16.60 -28.77 -22.42
CA GLY I 149 17.02 -29.79 -21.43
C GLY I 149 18.15 -29.41 -20.51
N PHE I 150 18.86 -28.33 -20.82
CA PHE I 150 19.78 -27.71 -19.88
C PHE I 150 19.10 -26.81 -18.81
N GLU I 151 17.78 -26.59 -18.92
CA GLU I 151 17.02 -25.80 -17.94
C GLU I 151 15.97 -26.63 -17.23
N ILE I 152 15.14 -27.30 -18.02
CA ILE I 152 14.30 -28.38 -17.50
C ILE I 152 14.67 -29.71 -18.14
N ASP I 153 15.23 -30.61 -17.33
CA ASP I 153 15.40 -32.00 -17.76
C ASP I 153 14.09 -32.72 -17.38
N LEU I 154 13.54 -33.46 -18.30
CA LEU I 154 12.33 -34.21 -18.06
C LEU I 154 12.57 -35.69 -17.83
N LYS I 155 12.14 -36.21 -16.71
CA LYS I 155 12.24 -37.65 -16.44
C LYS I 155 10.88 -38.28 -16.27
N THR I 156 10.91 -39.62 -16.21
CA THR I 156 9.78 -40.45 -15.82
C THR I 156 10.30 -41.48 -14.81
N ASP I 157 9.40 -42.07 -14.03
CA ASP I 157 9.71 -43.21 -13.12
C ASP I 157 9.41 -44.59 -13.77
N THR I 158 8.69 -44.58 -14.87
CA THR I 158 8.44 -45.80 -15.64
C THR I 158 7.97 -45.41 -17.02
N ASP I 159 8.09 -46.36 -17.96
CA ASP I 159 7.61 -46.19 -19.31
C ASP I 159 6.22 -46.81 -19.52
N GLN I 160 5.70 -47.44 -18.49
CA GLN I 160 4.35 -47.98 -18.50
C GLN I 160 3.41 -46.97 -17.87
N VAL I 161 2.51 -46.49 -18.73
CA VAL I 161 1.41 -45.64 -18.32
C VAL I 161 0.56 -46.41 -17.33
N ASP I 162 0.11 -45.72 -16.30
CA ASP I 162 -0.73 -46.31 -15.24
C ASP I 162 -2.18 -46.39 -15.78
N LEU I 163 -2.64 -47.64 -15.94
CA LEU I 163 -3.99 -47.98 -16.39
C LEU I 163 -4.86 -48.54 -15.27
N SER I 164 -4.33 -48.57 -14.05
CA SER I 164 -5.05 -49.14 -12.92
C SER I 164 -6.41 -48.47 -12.64
N SER I 165 -6.61 -47.24 -13.11
CA SER I 165 -7.88 -46.49 -12.99
C SER I 165 -8.63 -46.31 -14.34
N TYR I 166 -8.13 -46.90 -15.42
CA TYR I 166 -8.81 -46.80 -16.71
C TYR I 166 -10.27 -47.27 -16.59
N TYR I 167 -11.20 -46.52 -17.14
CA TYR I 167 -12.64 -46.82 -17.08
C TYR I 167 -12.99 -48.15 -17.72
N ALA I 168 -13.47 -49.10 -16.94
CA ALA I 168 -13.75 -50.43 -17.51
C ALA I 168 -14.92 -50.47 -18.50
N SER I 169 -15.81 -49.47 -18.53
CA SER I 169 -16.88 -49.49 -19.52
C SER I 169 -16.67 -48.42 -20.60
N SER I 170 -15.45 -47.93 -20.72
CA SER I 170 -15.13 -47.06 -21.84
C SER I 170 -15.53 -47.72 -23.16
N LYS I 171 -15.95 -46.90 -24.12
CA LYS I 171 -16.15 -47.38 -25.51
C LYS I 171 -14.89 -47.95 -26.16
N TYR I 172 -13.70 -47.61 -25.66
CA TYR I 172 -12.43 -48.12 -26.21
C TYR I 172 -11.64 -48.80 -25.10
N GLU I 173 -11.07 -49.97 -25.41
CA GLU I 173 -10.10 -50.60 -24.53
C GLU I 173 -8.68 -50.38 -25.02
N ILE I 174 -7.78 -50.35 -24.04
CA ILE I 174 -6.38 -50.05 -24.26
C ILE I 174 -5.59 -51.35 -24.50
N LEU I 175 -4.91 -51.39 -25.64
CA LEU I 175 -4.04 -52.49 -25.98
C LEU I 175 -2.67 -52.25 -25.36
N SER I 176 -2.18 -51.01 -25.43
CA SER I 176 -1.01 -50.61 -24.67
C SER I 176 -0.91 -49.10 -24.53
N ALA I 177 -0.17 -48.69 -23.50
CA ALA I 177 0.07 -47.29 -23.23
C ALA I 177 1.47 -47.14 -22.66
N THR I 178 2.34 -46.46 -23.38
CA THR I 178 3.70 -46.22 -22.91
C THR I 178 3.96 -44.71 -22.84
N GLN I 179 4.95 -44.35 -22.01
CA GLN I 179 5.41 -42.99 -21.79
C GLN I 179 6.94 -42.99 -21.82
N THR I 180 7.50 -42.53 -22.92
CA THR I 180 8.89 -42.72 -23.23
C THR I 180 9.55 -41.37 -23.46
N ARG I 181 10.64 -41.15 -22.72
CA ARG I 181 11.54 -40.02 -22.85
C ARG I 181 12.32 -40.03 -24.17
N GLN I 182 12.25 -38.95 -24.95
CA GLN I 182 13.03 -38.83 -26.19
C GLN I 182 13.96 -37.66 -26.10
N VAL I 183 15.18 -37.86 -26.54
CA VAL I 183 16.18 -36.81 -26.62
C VAL I 183 16.52 -36.43 -28.07
N GLN I 184 16.30 -35.19 -28.41
CA GLN I 184 16.70 -34.70 -29.70
C GLN I 184 17.82 -33.68 -29.58
N HIS I 185 18.69 -33.72 -30.57
CA HIS I 185 19.80 -32.76 -30.68
C HIS I 185 19.72 -32.16 -32.06
N TYR I 186 20.01 -30.87 -32.11
CA TYR I 186 20.11 -30.11 -33.33
C TYR I 186 21.58 -29.82 -33.55
N SER I 187 22.02 -29.79 -34.82
CA SER I 187 23.44 -29.57 -35.15
C SER I 187 23.99 -28.22 -34.65
N CYS I 188 23.15 -27.19 -34.74
CA CYS I 188 23.44 -25.85 -34.20
C CYS I 188 23.97 -25.84 -32.77
N CYS I 189 23.47 -26.75 -31.94
CA CYS I 189 23.37 -26.51 -30.49
C CYS I 189 23.80 -27.67 -29.57
N PRO I 190 24.57 -27.36 -28.51
CA PRO I 190 25.01 -28.41 -27.56
C PRO I 190 23.90 -28.94 -26.64
N GLU I 191 22.87 -28.13 -26.43
CA GLU I 191 21.83 -28.49 -25.46
C GLU I 191 20.84 -29.50 -26.02
N PRO I 192 20.39 -30.46 -25.19
CA PRO I 192 19.39 -31.40 -25.66
C PRO I 192 17.96 -30.85 -25.53
N TYR I 193 17.06 -31.42 -26.35
CA TYR I 193 15.63 -31.15 -26.37
C TYR I 193 14.90 -32.45 -26.00
N ILE I 194 14.18 -32.40 -24.88
CA ILE I 194 13.62 -33.60 -24.26
C ILE I 194 12.11 -33.55 -24.22
N ASP I 195 11.48 -34.66 -24.58
CA ASP I 195 10.05 -34.72 -24.46
C ASP I 195 9.66 -36.07 -23.96
N VAL I 196 8.41 -36.18 -23.52
CA VAL I 196 7.83 -37.45 -23.14
C VAL I 196 6.73 -37.82 -24.10
N ASN I 197 6.94 -38.93 -24.80
CA ASN I 197 6.03 -39.44 -25.82
C ASN I 197 5.02 -40.39 -25.22
N LEU I 198 3.75 -39.98 -25.26
CA LEU I 198 2.66 -40.77 -24.77
C LEU I 198 2.13 -41.58 -25.95
N VAL I 199 2.43 -42.88 -26.02
CA VAL I 199 1.97 -43.69 -27.16
C VAL I 199 0.88 -44.66 -26.68
N VAL I 200 -0.31 -44.53 -27.26
CA VAL I 200 -1.47 -45.34 -26.88
C VAL I 200 -2.05 -46.13 -28.08
N LYS I 201 -2.18 -47.44 -27.84
CA LYS I 201 -2.73 -48.37 -28.81
C LYS I 201 -4.05 -48.88 -28.24
N PHE I 202 -5.12 -48.67 -29.00
CA PHE I 202 -6.49 -48.93 -28.55
C PHE I 202 -7.41 -49.36 -29.71
N ARG I 203 -8.54 -49.94 -29.30
CA ARG I 203 -9.63 -50.34 -30.22
C ARG I 203 -10.97 -50.20 -29.54
N GLU I 204 -12.03 -50.16 -30.33
CA GLU I 204 -13.40 -50.22 -29.82
C GLU I 204 -13.47 -51.46 -28.89
N ARG I 205 -14.20 -51.34 -27.79
CA ARG I 205 -14.27 -52.43 -26.82
C ARG I 205 -14.52 -53.81 -27.52
N GLN J 1 19.05 -18.42 -9.26
CA GLN J 1 17.80 -17.64 -9.27
C GLN J 1 18.08 -16.18 -8.89
N ALA J 2 19.11 -15.96 -8.07
CA ALA J 2 19.38 -14.64 -7.51
C ALA J 2 19.60 -13.59 -8.58
N ASN J 3 20.49 -13.88 -9.51
CA ASN J 3 20.83 -12.98 -10.58
C ASN J 3 19.64 -12.73 -11.51
N LEU J 4 18.93 -13.79 -11.88
CA LEU J 4 17.73 -13.70 -12.69
C LEU J 4 16.62 -12.88 -12.02
N MET J 5 16.44 -13.07 -10.72
CA MET J 5 15.45 -12.30 -9.98
C MET J 5 15.81 -10.82 -9.99
N ARG J 6 17.09 -10.52 -9.79
CA ARG J 6 17.60 -9.16 -9.90
C ARG J 6 17.33 -8.52 -11.25
N LEU J 7 17.63 -9.26 -12.31
CA LEU J 7 17.43 -8.78 -13.66
C LEU J 7 15.97 -8.45 -13.93
N LYS J 8 15.07 -9.34 -13.49
CA LYS J 8 13.62 -9.16 -13.74
C LYS J 8 13.08 -7.92 -13.00
N SER J 9 13.48 -7.80 -11.74
CA SER J 9 13.21 -6.62 -10.93
C SER J 9 13.65 -5.31 -11.60
N ASP J 10 14.84 -5.29 -12.17
CA ASP J 10 15.36 -4.08 -12.80
C ASP J 10 14.67 -3.77 -14.12
N LEU J 11 14.44 -4.81 -14.93
CA LEU J 11 13.78 -4.63 -16.21
C LEU J 11 12.30 -4.29 -16.07
N PHE J 12 11.63 -4.87 -15.08
CA PHE J 12 10.18 -4.74 -15.00
C PHE J 12 9.65 -3.87 -13.87
N ASN J 13 10.35 -3.77 -12.73
CA ASN J 13 9.79 -3.07 -11.57
C ASN J 13 10.29 -1.63 -11.42
N ARG J 14 11.22 -1.18 -12.25
CA ARG J 14 11.75 0.18 -12.11
C ARG J 14 10.94 1.18 -12.93
N SER J 15 10.65 0.87 -14.19
CA SER J 15 9.98 1.85 -15.07
C SER J 15 8.52 1.44 -15.26
N PRO J 16 7.70 2.34 -15.85
CA PRO J 16 6.40 1.89 -16.34
C PRO J 16 6.61 1.09 -17.61
N MET J 17 5.59 0.36 -18.01
CA MET J 17 5.76 -0.54 -19.12
C MET J 17 5.91 0.26 -20.39
N TYR J 18 6.55 -0.35 -21.37
CA TYR J 18 6.60 0.14 -22.72
C TYR J 18 5.16 0.44 -23.20
N PRO J 19 4.89 1.70 -23.59
CA PRO J 19 3.56 2.09 -24.05
C PRO J 19 3.32 1.68 -25.52
N GLY J 20 4.18 0.82 -26.05
CA GLY J 20 4.06 0.44 -27.45
C GLY J 20 4.81 1.41 -28.34
N PRO J 21 4.94 1.04 -29.62
CA PRO J 21 5.71 1.85 -30.60
C PRO J 21 4.91 3.02 -31.14
N THR J 22 5.61 4.01 -31.69
CA THR J 22 5.04 5.19 -32.27
C THR J 22 5.75 5.43 -33.60
N LYS J 23 5.28 6.43 -34.35
CA LYS J 23 5.95 6.82 -35.60
C LYS J 23 7.39 7.35 -35.30
N ASP J 24 7.60 7.90 -34.10
CA ASP J 24 8.94 8.34 -33.69
C ASP J 24 9.80 7.22 -33.16
N ASP J 25 9.19 6.15 -32.68
CA ASP J 25 9.89 5.02 -32.12
C ASP J 25 9.26 3.75 -32.68
N PRO J 26 9.46 3.51 -34.00
CA PRO J 26 8.80 2.39 -34.67
C PRO J 26 9.54 1.10 -34.47
N LEU J 27 8.84 0.02 -34.79
CA LEU J 27 9.29 -1.28 -34.51
C LEU J 27 9.01 -2.20 -35.64
N THR J 28 9.87 -3.20 -35.81
CA THR J 28 9.65 -4.27 -36.76
C THR J 28 9.31 -5.52 -36.02
N VAL J 29 8.20 -6.14 -36.44
CA VAL J 29 7.78 -7.45 -35.98
C VAL J 29 7.94 -8.46 -37.07
N THR J 30 8.65 -9.53 -36.79
CA THR J 30 8.85 -10.56 -37.77
C THR J 30 7.90 -11.71 -37.44
N LEU J 31 7.16 -12.15 -38.47
CA LEU J 31 6.21 -13.24 -38.33
C LEU J 31 6.62 -14.41 -39.19
N GLY J 32 6.34 -15.58 -38.64
CA GLY J 32 6.46 -16.84 -39.38
C GLY J 32 5.46 -17.84 -38.82
N PHE J 33 5.00 -18.74 -39.67
CA PHE J 33 3.99 -19.77 -39.28
C PHE J 33 4.57 -21.20 -39.47
N THR J 34 4.38 -22.04 -38.46
CA THR J 34 4.57 -23.47 -38.50
C THR J 34 3.16 -24.13 -38.46
N LEU J 35 2.68 -24.48 -39.64
CA LEU J 35 1.40 -25.15 -39.80
C LEU J 35 1.47 -26.62 -39.40
N GLN J 36 0.63 -26.95 -38.42
CA GLN J 36 0.57 -28.25 -37.78
C GLN J 36 -0.58 -29.10 -38.30
N ASP J 37 -1.73 -28.50 -38.55
CA ASP J 37 -2.86 -29.25 -39.05
C ASP J 37 -3.97 -28.37 -39.64
N ILE J 38 -4.63 -28.88 -40.66
CA ILE J 38 -5.94 -28.40 -41.02
C ILE J 38 -6.88 -29.43 -40.40
N VAL J 39 -7.61 -29.00 -39.37
CA VAL J 39 -8.36 -29.91 -38.51
C VAL J 39 -9.73 -30.18 -39.06
N LYS J 40 -10.37 -29.11 -39.50
CA LYS J 40 -11.79 -29.11 -39.81
C LYS J 40 -12.09 -28.19 -41.00
N VAL J 41 -12.98 -28.67 -41.84
CA VAL J 41 -13.57 -27.91 -42.92
C VAL J 41 -15.09 -27.99 -42.72
N ASP J 42 -15.76 -26.86 -42.85
CA ASP J 42 -17.21 -26.82 -42.75
C ASP J 42 -17.70 -26.13 -44.02
N SER J 43 -18.18 -26.97 -44.95
CA SER J 43 -18.76 -26.54 -46.23
C SER J 43 -20.16 -25.90 -46.14
N SER J 44 -20.85 -26.10 -45.02
CA SER J 44 -22.11 -25.37 -44.76
C SER J 44 -21.96 -23.91 -44.27
N THR J 45 -20.81 -23.52 -43.72
CA THR J 45 -20.59 -22.14 -43.26
C THR J 45 -19.39 -21.42 -43.89
N ASN J 46 -18.65 -22.13 -44.74
CA ASN J 46 -17.36 -21.65 -45.30
C ASN J 46 -16.36 -21.15 -44.22
N GLU J 47 -16.18 -22.00 -43.21
CA GLU J 47 -15.16 -21.90 -42.15
C GLU J 47 -14.22 -23.10 -42.22
N VAL J 48 -12.93 -22.80 -42.13
CA VAL J 48 -11.87 -23.82 -41.96
C VAL J 48 -11.09 -23.54 -40.67
N ASP J 49 -10.64 -24.61 -40.01
CA ASP J 49 -9.94 -24.58 -38.72
C ASP J 49 -8.51 -25.04 -38.92
N LEU J 50 -7.54 -24.13 -38.69
CA LEU J 50 -6.12 -24.43 -38.65
C LEU J 50 -5.59 -24.48 -37.21
N VAL J 51 -4.56 -25.30 -37.00
CA VAL J 51 -3.71 -25.28 -35.84
C VAL J 51 -2.29 -24.99 -36.35
N TYR J 52 -1.70 -23.94 -35.78
CA TYR J 52 -0.35 -23.52 -36.12
C TYR J 52 0.38 -22.92 -34.88
N TYR J 53 1.71 -22.81 -35.00
CA TYR J 53 2.55 -21.99 -34.12
C TYR J 53 2.86 -20.72 -34.89
N GLU J 54 2.61 -19.58 -34.27
CA GLU J 54 2.89 -18.30 -34.87
C GLU J 54 4.15 -17.70 -34.20
N GLN J 55 5.28 -17.75 -34.91
CA GLN J 55 6.52 -17.14 -34.44
C GLN J 55 6.40 -15.59 -34.58
N GLN J 56 6.62 -14.91 -33.47
CA GLN J 56 6.66 -13.46 -33.42
C GLN J 56 7.98 -13.01 -32.79
N ARG J 57 8.62 -12.08 -33.46
CA ARG J 57 9.90 -11.58 -33.02
C ARG J 57 10.03 -10.07 -33.23
N TRP J 58 10.44 -9.38 -32.17
CA TRP J 58 10.75 -7.96 -32.21
C TRP J 58 11.89 -7.64 -31.26
N LYS J 59 12.28 -6.36 -31.19
CA LYS J 59 13.32 -5.95 -30.27
C LYS J 59 13.03 -4.57 -29.64
N LEU J 60 13.31 -4.48 -28.34
CA LEU J 60 13.22 -3.23 -27.59
C LEU J 60 14.53 -2.86 -26.84
N ASN J 61 14.90 -1.60 -26.99
CA ASN J 61 15.99 -1.04 -26.24
C ASN J 61 15.72 -1.10 -24.75
N SER J 62 14.46 -0.95 -24.34
CA SER J 62 14.09 -1.01 -22.92
C SER J 62 14.28 -2.39 -22.25
N LEU J 63 14.57 -3.44 -23.02
CA LEU J 63 14.81 -4.79 -22.50
C LEU J 63 16.25 -5.28 -22.65
N MET J 64 17.14 -4.38 -23.04
CA MET J 64 18.55 -4.70 -23.12
C MET J 64 19.13 -4.72 -21.70
N TRP J 65 20.13 -5.57 -21.52
CA TRP J 65 21.01 -5.48 -20.36
C TRP J 65 22.42 -5.93 -20.71
N ASP J 66 23.33 -5.57 -19.82
CA ASP J 66 24.69 -6.03 -19.91
C ASP J 66 24.75 -7.32 -19.10
N PRO J 67 25.04 -8.45 -19.76
CA PRO J 67 25.15 -9.76 -19.09
C PRO J 67 26.13 -9.81 -17.90
N ASN J 68 27.20 -9.04 -18.00
CA ASN J 68 28.17 -8.96 -16.93
C ASN J 68 27.66 -8.48 -15.58
N GLU J 69 26.65 -7.64 -15.64
CA GLU J 69 26.06 -7.09 -14.47
C GLU J 69 25.07 -8.05 -13.85
N TYR J 70 24.80 -9.19 -14.50
CA TYR J 70 23.77 -10.16 -14.10
C TYR J 70 24.26 -11.61 -14.28
N GLY J 71 25.46 -11.90 -13.79
CA GLY J 71 26.04 -13.23 -13.77
C GLY J 71 26.08 -13.92 -15.10
N ASN J 72 26.45 -13.15 -16.12
CA ASN J 72 26.41 -13.59 -17.54
C ASN J 72 25.13 -14.30 -18.01
N ILE J 73 23.98 -13.84 -17.52
CA ILE J 73 22.69 -14.20 -18.11
C ILE J 73 22.57 -13.49 -19.47
N THR J 74 22.35 -14.28 -20.52
CA THR J 74 22.25 -13.82 -21.89
C THR J 74 20.79 -13.78 -22.42
N ASP J 75 19.91 -14.49 -21.73
CA ASP J 75 18.52 -14.68 -22.15
C ASP J 75 17.76 -15.27 -20.98
N PHE J 76 16.45 -15.04 -20.96
CA PHE J 76 15.55 -15.65 -19.99
C PHE J 76 14.15 -15.75 -20.53
N ARG J 77 13.33 -16.48 -19.79
CA ARG J 77 11.94 -16.76 -20.10
C ARG J 77 11.04 -16.09 -19.07
N THR J 78 9.96 -15.49 -19.54
CA THR J 78 9.01 -14.85 -18.65
C THR J 78 7.61 -14.85 -19.28
N SER J 79 6.61 -14.77 -18.42
CA SER J 79 5.23 -14.63 -18.83
C SER J 79 5.03 -13.50 -19.84
N ALA J 80 4.27 -13.79 -20.89
CA ALA J 80 3.92 -12.75 -21.91
C ALA J 80 3.26 -11.50 -21.33
N ALA J 81 2.68 -11.63 -20.16
CA ALA J 81 2.06 -10.53 -19.46
C ALA J 81 3.05 -9.53 -18.81
N ASP J 82 4.32 -9.91 -18.65
CA ASP J 82 5.33 -8.98 -18.09
C ASP J 82 5.80 -7.97 -19.13
N ILE J 83 5.53 -8.28 -20.39
CA ILE J 83 6.05 -7.47 -21.45
C ILE J 83 4.94 -6.99 -22.35
N TRP J 84 5.25 -5.91 -23.05
CA TRP J 84 4.47 -5.51 -24.21
C TRP J 84 4.53 -6.62 -25.31
N THR J 85 3.39 -6.89 -25.94
CA THR J 85 3.31 -7.78 -27.08
C THR J 85 2.50 -7.10 -28.19
N PRO J 86 2.88 -7.42 -29.45
CA PRO J 86 2.17 -6.83 -30.60
C PRO J 86 0.74 -7.42 -30.78
N ASP J 87 -0.15 -6.58 -31.28
CA ASP J 87 -1.58 -6.88 -31.40
C ASP J 87 -1.91 -7.56 -32.76
N ILE J 88 -1.14 -8.60 -33.07
CA ILE J 88 -1.22 -9.25 -34.38
C ILE J 88 -2.48 -10.07 -34.37
N THR J 89 -3.29 -9.91 -35.42
CA THR J 89 -4.64 -10.46 -35.47
C THR J 89 -4.87 -11.03 -36.89
N ALA J 90 -5.58 -12.14 -36.98
CA ALA J 90 -6.15 -12.64 -38.21
C ALA J 90 -7.33 -11.72 -38.57
N TYR J 91 -7.37 -11.24 -39.79
CA TYR J 91 -8.40 -10.32 -40.24
C TYR J 91 -9.75 -10.93 -40.62
N SER J 92 -9.80 -12.22 -40.89
CA SER J 92 -11.06 -12.86 -41.30
C SER J 92 -11.39 -14.09 -40.46
N SER J 93 -11.04 -14.03 -39.18
CA SER J 93 -11.47 -15.02 -38.23
C SER J 93 -13.00 -14.92 -38.06
N THR J 94 -13.57 -16.06 -37.75
CA THR J 94 -14.98 -16.19 -37.46
C THR J 94 -15.31 -16.60 -36.00
N ARG J 95 -14.27 -16.97 -35.23
CA ARG J 95 -14.39 -17.23 -33.78
C ARG J 95 -13.15 -16.67 -33.05
N PRO J 96 -13.24 -16.43 -31.72
CA PRO J 96 -12.02 -16.11 -30.96
C PRO J 96 -10.93 -17.17 -31.17
N VAL J 97 -9.71 -16.72 -31.42
CA VAL J 97 -8.58 -17.63 -31.45
C VAL J 97 -8.47 -18.40 -30.11
N GLN J 98 -8.26 -19.70 -30.17
CA GLN J 98 -7.95 -20.51 -28.99
C GLN J 98 -6.41 -20.71 -28.91
N VAL J 99 -5.90 -20.42 -27.71
CA VAL J 99 -4.50 -20.44 -27.40
C VAL J 99 -4.21 -21.84 -26.85
N LEU J 100 -3.18 -22.49 -27.38
CA LEU J 100 -2.93 -23.90 -27.07
C LEU J 100 -1.64 -24.12 -26.28
N SER J 101 -0.91 -23.06 -25.99
CA SER J 101 0.41 -23.17 -25.41
C SER J 101 0.53 -22.13 -24.30
N PRO J 102 1.50 -22.31 -23.38
CA PRO J 102 1.83 -21.34 -22.34
C PRO J 102 2.16 -19.96 -22.92
N GLN J 103 1.67 -18.88 -22.33
CA GLN J 103 1.97 -17.57 -22.85
C GLN J 103 3.26 -17.06 -22.22
N ILE J 104 4.36 -17.58 -22.74
CA ILE J 104 5.69 -17.36 -22.21
C ILE J 104 6.60 -17.00 -23.35
N ALA J 105 7.32 -15.89 -23.18
CA ALA J 105 8.27 -15.36 -24.14
C ALA J 105 9.76 -15.53 -23.67
N VAL J 106 10.68 -15.49 -24.63
CA VAL J 106 12.10 -15.47 -24.40
C VAL J 106 12.66 -14.08 -24.73
N VAL J 107 13.44 -13.55 -23.79
CA VAL J 107 14.07 -12.23 -23.89
C VAL J 107 15.56 -12.41 -23.90
N THR J 108 16.24 -11.78 -24.88
CA THR J 108 17.70 -11.84 -24.95
C THR J 108 18.29 -10.47 -24.65
N HIS J 109 19.57 -10.44 -24.25
CA HIS J 109 20.23 -9.26 -23.65
C HIS J 109 20.32 -8.04 -24.55
N ASP J 110 20.24 -8.27 -25.87
CA ASP J 110 20.12 -7.17 -26.80
C ASP J 110 18.71 -6.62 -26.88
N GLY J 111 17.81 -7.06 -26.01
CA GLY J 111 16.42 -6.64 -26.04
C GLY J 111 15.50 -7.35 -27.07
N SER J 112 15.98 -8.43 -27.68
CA SER J 112 15.17 -9.19 -28.66
C SER J 112 14.21 -10.07 -27.89
N VAL J 113 12.98 -10.07 -28.39
CA VAL J 113 11.90 -10.86 -27.85
C VAL J 113 11.36 -11.81 -28.90
N MET J 114 11.14 -13.04 -28.48
CA MET J 114 10.61 -14.11 -29.29
C MET J 114 9.45 -14.78 -28.55
N PHE J 115 8.29 -14.80 -29.19
CA PHE J 115 7.05 -15.25 -28.61
C PHE J 115 6.40 -16.15 -29.64
N ILE J 116 6.03 -17.38 -29.24
CA ILE J 116 5.47 -18.36 -30.21
C ILE J 116 4.17 -18.99 -29.69
N PRO J 117 3.04 -18.26 -29.78
CA PRO J 117 1.81 -18.88 -29.37
C PRO J 117 1.30 -19.93 -30.32
N ALA J 118 0.91 -21.09 -29.78
CA ALA J 118 0.18 -22.09 -30.52
C ALA J 118 -1.32 -21.75 -30.47
N GLN J 119 -1.95 -21.82 -31.64
CA GLN J 119 -3.28 -21.32 -31.85
C GLN J 119 -4.09 -22.27 -32.69
N ARG J 120 -5.35 -22.39 -32.31
CA ARG J 120 -6.40 -22.82 -33.23
C ARG J 120 -7.27 -21.65 -33.72
N LEU J 121 -7.25 -21.47 -35.04
CA LEU J 121 -8.03 -20.46 -35.77
C LEU J 121 -9.14 -21.07 -36.69
N SER J 122 -10.39 -20.65 -36.49
CA SER J 122 -11.42 -20.65 -37.54
C SER J 122 -11.44 -19.35 -38.39
N PHE J 123 -11.39 -19.55 -39.70
CA PHE J 123 -11.36 -18.44 -40.62
C PHE J 123 -12.24 -18.65 -41.88
N MET J 124 -12.63 -17.53 -42.47
CA MET J 124 -13.44 -17.51 -43.70
C MET J 124 -12.72 -18.17 -44.91
N CYS J 125 -13.28 -19.30 -45.35
CA CYS J 125 -12.70 -20.10 -46.42
C CYS J 125 -13.80 -21.00 -47.06
N ASP J 126 -14.03 -20.81 -48.37
CA ASP J 126 -14.86 -21.71 -49.18
C ASP J 126 -14.05 -22.95 -49.56
N PRO J 127 -14.39 -24.11 -48.99
CA PRO J 127 -13.63 -25.31 -49.25
C PRO J 127 -14.02 -26.07 -50.53
N THR J 128 -14.93 -25.53 -51.33
CA THR J 128 -15.38 -26.20 -52.60
C THR J 128 -14.20 -26.61 -53.47
N GLY J 129 -14.14 -27.91 -53.78
CA GLY J 129 -13.05 -28.51 -54.56
C GLY J 129 -11.95 -29.19 -53.75
N VAL J 130 -12.00 -29.03 -52.42
CA VAL J 130 -11.06 -29.68 -51.52
C VAL J 130 -10.91 -31.18 -51.83
N ASP J 131 -12.01 -31.78 -52.29
CA ASP J 131 -12.09 -33.21 -52.61
C ASP J 131 -11.60 -33.60 -54.01
N SER J 132 -10.93 -32.69 -54.72
CA SER J 132 -10.36 -33.01 -56.01
C SER J 132 -8.84 -33.10 -55.91
N GLU J 133 -8.20 -33.55 -56.99
CA GLU J 133 -6.75 -33.62 -57.11
C GLU J 133 -6.11 -32.25 -57.01
N GLU J 134 -6.79 -31.25 -57.57
CA GLU J 134 -6.31 -29.86 -57.56
C GLU J 134 -6.42 -29.26 -56.16
N GLY J 135 -7.47 -29.66 -55.44
CA GLY J 135 -7.76 -29.15 -54.11
C GLY J 135 -8.24 -27.73 -54.16
N VAL J 136 -8.04 -26.99 -53.07
CA VAL J 136 -8.57 -25.65 -52.91
C VAL J 136 -7.55 -24.76 -52.23
N THR J 137 -7.58 -23.47 -52.58
CA THR J 137 -6.77 -22.47 -51.91
C THR J 137 -7.64 -21.61 -51.00
N CYS J 138 -7.16 -21.41 -49.78
CA CYS J 138 -7.68 -20.38 -48.91
C CYS J 138 -6.58 -19.40 -48.44
N ALA J 139 -7.01 -18.24 -47.97
CA ALA J 139 -6.10 -17.17 -47.54
C ALA J 139 -6.60 -16.45 -46.28
N VAL J 140 -5.65 -16.08 -45.44
CA VAL J 140 -5.95 -15.29 -44.25
C VAL J 140 -4.79 -14.35 -44.00
N LYS J 141 -5.15 -13.07 -43.90
CA LYS J 141 -4.23 -12.01 -43.59
C LYS J 141 -4.08 -11.77 -42.06
N PHE J 142 -2.86 -11.37 -41.70
CA PHE J 142 -2.46 -11.05 -40.34
C PHE J 142 -1.78 -9.71 -40.28
N GLY J 143 -2.16 -8.97 -39.28
CA GLY J 143 -1.54 -7.70 -39.05
C GLY J 143 -2.03 -7.12 -37.76
N SER J 144 -1.49 -5.94 -37.47
CA SER J 144 -1.89 -5.16 -36.35
C SER J 144 -3.35 -4.69 -36.50
N TRP J 145 -4.01 -4.51 -35.38
CA TRP J 145 -5.34 -3.96 -35.34
C TRP J 145 -5.32 -2.42 -35.36
N VAL J 146 -4.27 -1.82 -34.83
CA VAL J 146 -4.26 -0.35 -34.66
C VAL J 146 -3.04 0.38 -35.18
N TYR J 147 -1.99 -0.34 -35.56
CA TYR J 147 -0.77 0.36 -35.97
C TYR J 147 -0.52 0.23 -37.48
N SER J 148 -0.18 1.37 -38.06
CA SER J 148 0.23 1.47 -39.45
C SER J 148 1.67 1.01 -39.56
N GLY J 149 2.13 0.91 -40.82
CA GLY J 149 3.48 0.47 -41.14
C GLY J 149 4.56 1.46 -40.75
N PHE J 150 4.17 2.70 -40.47
CA PHE J 150 5.08 3.64 -39.84
C PHE J 150 5.27 3.38 -38.33
N GLU J 151 4.49 2.48 -37.74
CA GLU J 151 4.62 2.20 -36.32
C GLU J 151 5.02 0.75 -36.04
N ILE J 152 4.31 -0.20 -36.63
CA ILE J 152 4.75 -1.61 -36.70
C ILE J 152 4.96 -2.00 -38.16
N ASP J 153 6.21 -2.23 -38.53
CA ASP J 153 6.51 -2.87 -39.78
C ASP J 153 6.47 -4.37 -39.55
N LEU J 154 5.92 -5.07 -40.52
CA LEU J 154 5.87 -6.51 -40.52
C LEU J 154 6.76 -7.06 -41.61
N LYS J 155 7.43 -8.14 -41.26
CA LYS J 155 8.41 -8.82 -42.07
C LYS J 155 8.17 -10.32 -41.90
N THR J 156 8.55 -11.08 -42.89
CA THR J 156 8.77 -12.52 -42.75
C THR J 156 10.21 -12.78 -43.09
N ASP J 157 10.81 -13.86 -42.56
CA ASP J 157 12.20 -14.22 -42.94
C ASP J 157 12.22 -15.12 -44.16
N THR J 158 11.10 -15.80 -44.39
CA THR J 158 10.94 -16.65 -45.55
C THR J 158 9.48 -16.59 -45.96
N ASP J 159 9.22 -16.81 -47.23
CA ASP J 159 7.86 -16.81 -47.77
C ASP J 159 7.20 -18.21 -47.79
N GLN J 160 7.96 -19.23 -47.46
CA GLN J 160 7.47 -20.57 -47.31
C GLN J 160 7.12 -20.82 -45.84
N VAL J 161 5.89 -21.28 -45.60
CA VAL J 161 5.44 -21.75 -44.31
C VAL J 161 6.14 -23.05 -43.92
N ASP J 162 6.49 -23.16 -42.64
CA ASP J 162 7.20 -24.34 -42.16
C ASP J 162 6.20 -25.47 -42.03
N LEU J 163 6.39 -26.52 -42.85
CA LEU J 163 5.50 -27.68 -42.88
C LEU J 163 6.17 -28.89 -42.30
N SER J 164 7.36 -28.69 -41.73
CA SER J 164 8.18 -29.77 -41.22
C SER J 164 7.52 -30.54 -40.07
N SER J 165 6.62 -29.95 -39.31
CA SER J 165 5.81 -30.77 -38.38
C SER J 165 4.31 -30.76 -38.64
N TYR J 166 3.93 -30.61 -39.91
CA TYR J 166 2.55 -30.86 -40.31
C TYR J 166 2.14 -32.32 -40.09
N TYR J 167 0.94 -32.47 -39.53
CA TYR J 167 0.48 -33.74 -39.08
C TYR J 167 0.34 -34.75 -40.27
N ALA J 168 1.18 -35.76 -40.27
CA ALA J 168 1.26 -36.71 -41.40
C ALA J 168 0.00 -37.52 -41.62
N SER J 169 -0.91 -37.59 -40.64
CA SER J 169 -2.17 -38.29 -40.85
C SER J 169 -3.36 -37.36 -40.80
N SER J 170 -3.12 -36.08 -41.10
CA SER J 170 -4.20 -35.11 -41.27
C SER J 170 -5.22 -35.61 -42.32
N LYS J 171 -6.46 -35.13 -42.24
CA LYS J 171 -7.43 -35.44 -43.27
C LYS J 171 -7.13 -34.70 -44.58
N TYR J 172 -6.38 -33.59 -44.48
CA TYR J 172 -6.01 -32.76 -45.58
C TYR J 172 -4.49 -32.69 -45.72
N GLU J 173 -4.08 -32.95 -46.96
CA GLU J 173 -2.71 -32.84 -47.40
C GLU J 173 -2.44 -31.38 -47.80
N ILE J 174 -1.29 -30.84 -47.39
CA ILE J 174 -0.85 -29.51 -47.83
C ILE J 174 -0.06 -29.59 -49.17
N LEU J 175 -0.57 -28.90 -50.19
CA LEU J 175 0.05 -28.82 -51.50
C LEU J 175 1.05 -27.64 -51.59
N SER J 176 0.63 -26.49 -51.07
CA SER J 176 1.51 -25.35 -50.85
C SER J 176 1.02 -24.55 -49.65
N ALA J 177 1.95 -23.82 -49.08
CA ALA J 177 1.66 -22.89 -48.01
C ALA J 177 2.70 -21.79 -48.01
N THR J 178 2.25 -20.55 -48.17
CA THR J 178 3.11 -19.38 -48.27
C THR J 178 2.67 -18.27 -47.29
N GLN J 179 3.62 -17.43 -46.92
CA GLN J 179 3.43 -16.33 -45.95
C GLN J 179 4.17 -15.12 -46.53
N THR J 180 3.39 -14.19 -47.07
CA THR J 180 3.95 -13.15 -47.90
C THR J 180 3.52 -11.79 -47.31
N ARG J 181 4.50 -10.92 -47.13
CA ARG J 181 4.28 -9.51 -46.86
C ARG J 181 3.59 -8.78 -48.02
N GLN J 182 2.54 -8.05 -47.68
CA GLN J 182 1.78 -7.23 -48.61
C GLN J 182 1.73 -5.78 -48.09
N VAL J 183 1.84 -4.81 -48.99
CA VAL J 183 1.75 -3.38 -48.66
C VAL J 183 0.54 -2.75 -49.37
N GLN J 184 -0.38 -2.20 -48.58
CA GLN J 184 -1.50 -1.45 -49.14
C GLN J 184 -1.22 0.04 -48.83
N HIS J 185 -1.55 0.89 -49.79
CA HIS J 185 -1.62 2.34 -49.59
C HIS J 185 -3.03 2.81 -49.90
N TYR J 186 -3.42 3.91 -49.26
CA TYR J 186 -4.69 4.57 -49.51
C TYR J 186 -4.35 5.99 -49.98
N SER J 187 -5.18 6.55 -50.86
CA SER J 187 -4.88 7.83 -51.54
C SER J 187 -4.67 8.96 -50.55
N CYS J 188 -5.50 8.94 -49.51
CA CYS J 188 -5.49 9.94 -48.43
C CYS J 188 -4.14 10.11 -47.72
N CYS J 189 -3.40 9.02 -47.65
CA CYS J 189 -2.49 8.79 -46.53
C CYS J 189 -1.09 8.34 -46.93
N PRO J 190 -0.06 9.00 -46.36
CA PRO J 190 1.30 8.65 -46.72
C PRO J 190 1.68 7.28 -46.26
N GLU J 191 1.15 6.86 -45.11
CA GLU J 191 1.64 5.68 -44.41
C GLU J 191 1.20 4.35 -45.03
N PRO J 192 2.12 3.36 -45.05
CA PRO J 192 1.78 2.06 -45.58
C PRO J 192 1.04 1.22 -44.53
N TYR J 193 0.24 0.29 -45.03
CA TYR J 193 -0.52 -0.63 -44.22
C TYR J 193 -0.03 -2.02 -44.61
N ILE J 194 0.51 -2.71 -43.64
CA ILE J 194 1.22 -3.92 -43.92
C ILE J 194 0.57 -5.17 -43.31
N ASP J 195 0.59 -6.23 -44.12
CA ASP J 195 0.09 -7.50 -43.65
C ASP J 195 0.88 -8.69 -44.18
N VAL J 196 0.70 -9.82 -43.51
CA VAL J 196 1.27 -11.08 -43.91
C VAL J 196 0.11 -11.96 -44.31
N ASN J 197 0.11 -12.37 -45.59
CA ASN J 197 -0.96 -13.17 -46.14
C ASN J 197 -0.55 -14.61 -46.09
N LEU J 198 -1.34 -15.40 -45.38
CA LEU J 198 -1.09 -16.83 -45.30
C LEU J 198 -2.02 -17.50 -46.30
N VAL J 199 -1.39 -18.14 -47.30
CA VAL J 199 -2.09 -18.75 -48.44
C VAL J 199 -1.79 -20.25 -48.40
N VAL J 200 -2.85 -21.04 -48.27
CA VAL J 200 -2.70 -22.47 -48.16
C VAL J 200 -3.56 -23.17 -49.21
N LYS J 201 -2.93 -24.00 -50.03
CA LYS J 201 -3.64 -24.86 -50.97
C LYS J 201 -3.59 -26.24 -50.44
N PHE J 202 -4.76 -26.86 -50.36
CA PHE J 202 -4.86 -28.17 -49.78
C PHE J 202 -5.98 -29.01 -50.40
N ARG J 203 -5.88 -30.32 -50.16
CA ARG J 203 -6.91 -31.24 -50.63
C ARG J 203 -7.08 -32.37 -49.61
N GLU J 204 -8.20 -33.09 -49.70
CA GLU J 204 -8.38 -34.29 -48.91
C GLU J 204 -7.28 -35.32 -49.19
N ARG J 205 -6.70 -35.92 -48.16
CA ARG J 205 -5.82 -37.06 -48.35
C ARG J 205 -6.63 -38.20 -48.96
N GLY K 1 -5.12 12.99 47.81
CA GLY K 1 -6.04 11.88 47.49
C GLY K 1 -6.18 11.59 46.01
N CYS K 2 -7.23 10.82 45.71
CA CYS K 2 -7.57 10.39 44.37
C CYS K 2 -7.52 11.47 43.31
N CYS K 3 -8.13 12.61 43.61
CA CYS K 3 -8.34 13.64 42.61
C CYS K 3 -7.15 14.49 42.30
N SER K 4 -6.07 14.32 43.06
CA SER K 4 -4.76 14.87 42.71
C SER K 4 -3.78 13.81 42.15
N ASP K 5 -4.18 12.54 42.17
CA ASP K 5 -3.37 11.47 41.68
C ASP K 5 -3.79 11.28 40.21
N PRO K 6 -2.85 11.51 39.27
CA PRO K 6 -3.10 11.29 37.86
C PRO K 6 -3.58 9.89 37.47
N ARG K 7 -3.22 8.87 38.27
CA ARG K 7 -3.70 7.50 38.08
C ARG K 7 -5.16 7.27 38.51
N CYS K 8 -5.68 8.16 39.37
CA CYS K 8 -7.00 8.05 39.96
C CYS K 8 -7.97 9.15 39.52
N ALA K 9 -7.45 10.30 39.14
CA ALA K 9 -8.30 11.49 38.87
C ALA K 9 -9.47 11.29 37.88
N TRP K 10 -9.30 10.44 36.88
CA TRP K 10 -10.34 10.20 35.88
C TRP K 10 -11.69 9.80 36.49
N ARG K 11 -11.68 9.18 37.66
CA ARG K 11 -12.95 8.82 38.31
C ARG K 11 -13.56 9.91 39.21
N CYS K 12 -12.90 11.04 39.34
CA CYS K 12 -13.50 12.25 39.87
C CYS K 12 -14.19 13.02 38.74
N NH2 K 13 -14.13 12.52 37.51
N GLY L 1 23.54 43.67 -2.44
CA GLY L 1 22.22 43.73 -3.16
C GLY L 1 21.69 42.33 -3.40
N CYS L 2 21.32 42.06 -4.65
CA CYS L 2 20.67 40.80 -5.10
C CYS L 2 21.42 39.53 -4.72
N CYS L 3 22.73 39.51 -4.96
CA CYS L 3 23.51 38.31 -4.67
C CYS L 3 23.77 38.12 -3.19
N SER L 4 23.30 39.03 -2.35
CA SER L 4 23.35 38.84 -0.88
C SER L 4 21.96 38.54 -0.33
N ASP L 5 20.93 38.71 -1.17
CA ASP L 5 19.51 38.50 -0.83
C ASP L 5 19.09 37.06 -1.16
N PRO L 6 18.73 36.26 -0.14
CA PRO L 6 18.34 34.86 -0.37
C PRO L 6 17.20 34.65 -1.37
N ARG L 7 16.33 35.65 -1.52
CA ARG L 7 15.23 35.58 -2.48
C ARG L 7 15.68 35.85 -3.94
N CYS L 8 16.90 36.35 -4.10
CA CYS L 8 17.42 36.78 -5.40
C CYS L 8 18.73 36.05 -5.82
N ALA L 9 19.53 35.62 -4.85
CA ALA L 9 20.90 35.12 -5.10
C ALA L 9 20.99 34.00 -6.16
N TRP L 10 19.91 33.21 -6.29
CA TRP L 10 19.86 32.11 -7.27
C TRP L 10 20.02 32.59 -8.73
N ARG L 11 19.81 33.89 -8.99
CA ARG L 11 20.06 34.51 -10.33
C ARG L 11 21.54 34.80 -10.61
N CYS L 12 22.34 34.81 -9.55
CA CYS L 12 23.77 35.01 -9.68
C CYS L 12 24.47 33.67 -9.94
N NH2 L 13 23.85 32.56 -9.51
N GLY M 1 28.28 -4.95 40.19
CA GLY M 1 28.70 -6.15 39.39
C GLY M 1 27.88 -6.25 38.10
N CYS M 2 27.50 -7.47 37.75
CA CYS M 2 26.67 -7.70 36.57
C CYS M 2 25.45 -6.76 36.45
N CYS M 3 24.62 -6.68 37.50
CA CYS M 3 23.34 -5.96 37.42
C CYS M 3 23.44 -4.43 37.42
N SER M 4 24.62 -3.94 37.74
CA SER M 4 24.97 -2.58 37.41
C SER M 4 25.49 -2.46 35.95
N ASP M 5 25.77 -3.57 35.27
CA ASP M 5 26.27 -3.51 33.89
C ASP M 5 25.08 -3.63 32.91
N PRO M 6 24.77 -2.53 32.22
CA PRO M 6 23.64 -2.61 31.27
C PRO M 6 23.65 -3.84 30.36
N ARG M 7 24.85 -4.29 29.95
CA ARG M 7 24.98 -5.43 29.04
C ARG M 7 24.73 -6.77 29.74
N CYS M 8 24.93 -6.77 31.07
CA CYS M 8 24.82 -7.98 31.90
C CYS M 8 23.50 -8.07 32.69
N ALA M 9 22.96 -6.93 33.09
CA ALA M 9 21.74 -6.82 33.90
C ALA M 9 20.57 -7.75 33.59
N TRP M 10 20.34 -8.06 32.33
CA TRP M 10 19.23 -8.95 31.94
C TRP M 10 19.31 -10.35 32.55
N ARG M 11 20.53 -10.77 32.90
CA ARG M 11 20.74 -12.05 33.57
C ARG M 11 20.34 -12.03 35.05
N CYS M 12 20.16 -10.86 35.66
CA CYS M 12 19.70 -10.75 37.05
C CYS M 12 18.17 -10.84 37.14
N NH2 M 13 17.44 -10.27 36.17
N GLY N 1 -43.49 0.35 -23.41
CA GLY N 1 -42.77 1.63 -23.66
C GLY N 1 -41.70 1.83 -22.60
N CYS N 2 -41.86 2.88 -21.79
CA CYS N 2 -40.81 3.22 -20.83
C CYS N 2 -40.42 2.05 -19.90
N CYS N 3 -41.41 1.46 -19.26
CA CYS N 3 -41.18 0.37 -18.31
C CYS N 3 -40.67 -0.94 -18.87
N SER N 4 -40.54 -1.07 -20.18
CA SER N 4 -39.95 -2.28 -20.80
C SER N 4 -38.53 -1.99 -21.34
N ASP N 5 -38.21 -0.71 -21.40
CA ASP N 5 -36.96 -0.20 -21.92
C ASP N 5 -35.92 -0.16 -20.79
N PRO N 6 -34.81 -0.91 -20.92
CA PRO N 6 -33.78 -0.91 -19.84
C PRO N 6 -33.24 0.48 -19.47
N ARG N 7 -33.17 1.40 -20.46
CA ARG N 7 -32.73 2.78 -20.24
C ARG N 7 -33.75 3.68 -19.52
N CYS N 8 -35.02 3.26 -19.45
CA CYS N 8 -36.08 4.11 -18.92
C CYS N 8 -36.73 3.51 -17.68
N ALA N 9 -36.73 2.18 -17.58
CA ALA N 9 -37.45 1.44 -16.57
C ALA N 9 -37.23 1.91 -15.11
N TRP N 10 -36.03 2.40 -14.80
CA TRP N 10 -35.74 2.89 -13.45
C TRP N 10 -36.72 4.00 -13.03
N ARG N 11 -37.26 4.73 -14.02
CA ARG N 11 -38.32 5.73 -13.75
C ARG N 11 -39.63 5.14 -13.20
N CYS N 12 -39.84 3.85 -13.43
CA CYS N 12 -41.06 3.18 -13.04
C CYS N 12 -41.00 2.67 -11.60
N NH2 N 13 -41.27 3.56 -10.66
N GLY O 1 -37.66 -30.93 1.42
CA GLY O 1 -38.27 -29.85 2.25
C GLY O 1 -37.20 -28.83 2.58
N CYS O 2 -37.04 -28.53 3.87
CA CYS O 2 -36.07 -27.55 4.31
C CYS O 2 -34.66 -28.01 3.96
N CYS O 3 -34.37 -29.28 4.20
CA CYS O 3 -33.02 -29.77 4.00
C CYS O 3 -32.64 -29.93 2.53
N SER O 4 -33.60 -29.77 1.62
CA SER O 4 -33.36 -29.68 0.16
C SER O 4 -33.37 -28.23 -0.35
N ASP O 5 -33.72 -27.29 0.54
CA ASP O 5 -33.83 -25.90 0.17
C ASP O 5 -32.55 -25.18 0.59
N PRO O 6 -31.76 -24.68 -0.39
CA PRO O 6 -30.45 -24.08 -0.02
C PRO O 6 -30.51 -22.93 0.98
N ARG O 7 -31.64 -22.23 1.00
CA ARG O 7 -31.89 -21.12 1.91
C ARG O 7 -32.09 -21.64 3.32
N CYS O 8 -32.47 -22.92 3.46
CA CYS O 8 -32.89 -23.47 4.73
C CYS O 8 -31.92 -24.52 5.29
N ALA O 9 -31.23 -25.22 4.39
CA ALA O 9 -30.41 -26.42 4.69
C ALA O 9 -29.38 -26.26 5.81
N TRP O 10 -28.72 -25.10 5.89
CA TRP O 10 -27.84 -24.77 7.02
C TRP O 10 -28.43 -25.00 8.42
N ARG O 11 -29.76 -25.02 8.55
CA ARG O 11 -30.43 -25.38 9.81
C ARG O 11 -30.42 -26.86 10.10
N CYS O 12 -30.10 -27.68 9.09
CA CYS O 12 -30.18 -29.14 9.20
C CYS O 12 -28.84 -29.78 9.61
N NH2 O 13 -27.79 -28.98 9.72
N GLY P 1 -4.16 -48.09 -6.13
CA GLY P 1 -3.00 -48.02 -5.19
C GLY P 1 -2.65 -46.59 -4.85
N CYS P 2 -1.93 -46.44 -3.76
CA CYS P 2 -1.51 -45.16 -3.27
C CYS P 2 -0.96 -44.28 -4.40
N CYS P 3 -0.15 -44.86 -5.27
CA CYS P 3 0.59 -44.11 -6.27
C CYS P 3 -0.22 -43.72 -7.50
N SER P 4 -1.49 -44.14 -7.55
CA SER P 4 -2.45 -43.68 -8.54
C SER P 4 -3.49 -42.73 -7.91
N ASP P 5 -3.45 -42.63 -6.57
CA ASP P 5 -4.37 -41.80 -5.80
C ASP P 5 -3.76 -40.41 -5.58
N PRO P 6 -4.40 -39.37 -6.15
CA PRO P 6 -3.88 -38.02 -6.03
C PRO P 6 -3.68 -37.52 -4.60
N ARG P 7 -4.43 -38.09 -3.64
CA ARG P 7 -4.27 -37.74 -2.23
C ARG P 7 -3.03 -38.40 -1.59
N CYS P 8 -2.55 -39.47 -2.20
CA CYS P 8 -1.49 -40.32 -1.71
C CYS P 8 -0.17 -40.21 -2.50
N ALA P 9 -0.27 -39.89 -3.79
CA ALA P 9 0.86 -39.97 -4.74
C ALA P 9 2.14 -39.23 -4.33
N TRP P 10 2.01 -38.06 -3.72
CA TRP P 10 3.20 -37.37 -3.20
C TRP P 10 4.10 -38.26 -2.33
N ARG P 11 3.55 -39.33 -1.74
CA ARG P 11 4.34 -40.32 -0.99
C ARG P 11 5.31 -41.12 -1.87
N CYS P 12 5.02 -41.21 -3.17
CA CYS P 12 5.78 -42.04 -4.11
C CYS P 12 6.97 -41.34 -4.80
N NH2 P 13 7.14 -40.03 -4.57
N GLY Q 1 13.64 -29.36 -36.75
CA GLY Q 1 14.95 -28.71 -36.41
C GLY Q 1 14.72 -27.56 -35.44
N CYS Q 2 15.83 -27.07 -34.89
CA CYS Q 2 15.84 -25.96 -33.96
C CYS Q 2 14.80 -24.87 -34.25
N CYS Q 3 14.70 -24.50 -35.53
CA CYS Q 3 13.93 -23.32 -35.93
C CYS Q 3 12.44 -23.62 -36.08
N SER Q 4 12.03 -24.89 -35.85
CA SER Q 4 10.59 -25.25 -35.69
C SER Q 4 10.24 -25.64 -34.23
N ASP Q 5 11.26 -25.72 -33.37
CA ASP Q 5 11.07 -26.16 -31.99
C ASP Q 5 10.89 -24.86 -31.16
N PRO Q 6 9.69 -24.67 -30.52
CA PRO Q 6 9.49 -23.42 -29.72
C PRO Q 6 10.54 -23.18 -28.64
N ARG Q 7 11.18 -24.24 -28.14
CA ARG Q 7 12.24 -24.11 -27.14
C ARG Q 7 13.59 -23.66 -27.74
N CYS Q 8 13.78 -23.87 -29.04
CA CYS Q 8 15.05 -23.57 -29.68
C CYS Q 8 15.05 -22.31 -30.56
N ALA Q 9 13.90 -22.05 -31.19
CA ALA Q 9 13.66 -21.03 -32.21
C ALA Q 9 14.16 -19.60 -31.89
N TRP Q 10 14.15 -19.20 -30.63
CA TRP Q 10 14.66 -17.89 -30.24
C TRP Q 10 16.16 -17.71 -30.61
N ARG Q 11 16.88 -18.81 -30.85
CA ARG Q 11 18.23 -18.72 -31.31
C ARG Q 11 18.30 -18.47 -32.81
N CYS Q 12 17.22 -18.75 -33.54
CA CYS Q 12 17.20 -18.44 -34.98
C CYS Q 12 17.05 -16.93 -35.31
N NH2 Q 13 16.01 -16.26 -34.82
N GLY R 1 -11.00 0.39 -48.15
CA GLY R 1 -10.19 1.63 -48.00
C GLY R 1 -9.96 2.01 -46.55
N CYS R 2 -9.35 3.19 -46.35
CA CYS R 2 -8.87 3.67 -45.05
C CYS R 2 -9.92 3.54 -43.95
N CYS R 3 -11.10 4.02 -44.26
CA CYS R 3 -12.21 4.07 -43.33
C CYS R 3 -12.90 2.74 -43.07
N SER R 4 -12.50 1.68 -43.78
CA SER R 4 -12.79 0.27 -43.38
C SER R 4 -11.65 -0.47 -42.68
N ASP R 5 -10.48 0.16 -42.65
CA ASP R 5 -9.27 -0.45 -42.15
C ASP R 5 -9.06 0.02 -40.69
N PRO R 6 -9.21 -0.90 -39.73
CA PRO R 6 -9.13 -0.51 -38.33
C PRO R 6 -7.85 0.24 -37.95
N ARG R 7 -6.72 0.04 -38.65
CA ARG R 7 -5.52 0.84 -38.37
C ARG R 7 -5.60 2.28 -38.89
N CYS R 8 -6.54 2.54 -39.81
CA CYS R 8 -6.59 3.80 -40.53
C CYS R 8 -7.82 4.66 -40.16
N ALA R 9 -8.93 3.99 -39.83
CA ALA R 9 -10.24 4.60 -39.67
C ALA R 9 -10.28 5.77 -38.70
N TRP R 10 -9.42 5.78 -37.69
CA TRP R 10 -9.38 6.90 -36.73
C TRP R 10 -9.19 8.26 -37.44
N ARG R 11 -8.57 8.23 -38.62
CA ARG R 11 -8.43 9.40 -39.50
C ARG R 11 -9.70 9.89 -40.20
N CYS R 12 -10.75 9.09 -40.18
CA CYS R 12 -12.00 9.43 -40.85
C CYS R 12 -12.98 9.97 -39.84
N NH2 R 13 -13.07 9.29 -38.69
#